data_1Z86
#
_entry.id   1Z86
#
_cell.length_a   1.000
_cell.length_b   1.000
_cell.length_c   1.000
_cell.angle_alpha   90.00
_cell.angle_beta   90.00
_cell.angle_gamma   90.00
#
_symmetry.space_group_name_H-M   'P 1'
#
_entity_poly.entity_id   1
_entity_poly.type   'polypeptide(L)'
_entity_poly.pdbx_seq_one_letter_code
;RRRVTVRKADAGGLGISIKGGRENKMPILISKIFKGLAADQTEALFVGDAILSVNGEDLSSATHDEAVQALKKTGKEVVL
EVKYMKE
;
_entity_poly.pdbx_strand_id   A
#
# COMPACT_ATOMS: atom_id res chain seq x y z
N ARG A 1 -6.27 -11.23 -3.39
CA ARG A 1 -4.93 -10.83 -2.91
C ARG A 1 -3.87 -10.99 -4.01
N ARG A 2 -2.96 -10.03 -4.08
CA ARG A 2 -1.90 -10.08 -5.08
C ARG A 2 -0.85 -9.00 -4.81
N ARG A 3 0.26 -9.08 -5.53
CA ARG A 3 1.34 -8.10 -5.37
C ARG A 3 1.27 -7.03 -6.44
N VAL A 4 1.13 -5.78 -6.00
CA VAL A 4 1.04 -4.65 -6.92
C VAL A 4 2.39 -3.97 -7.07
N THR A 5 3.13 -4.34 -8.11
CA THR A 5 4.45 -3.76 -8.36
C THR A 5 4.33 -2.46 -9.15
N VAL A 6 4.97 -1.41 -8.65
CA VAL A 6 4.94 -0.11 -9.31
C VAL A 6 6.35 0.41 -9.56
N ARG A 7 6.59 0.92 -10.76
CA ARG A 7 7.90 1.46 -11.11
C ARG A 7 7.98 2.95 -10.82
N LYS A 8 9.03 3.35 -10.13
CA LYS A 8 9.24 4.75 -9.77
C LYS A 8 10.41 5.34 -10.55
N ALA A 9 10.19 6.51 -11.15
CA ALA A 9 11.23 7.18 -11.92
C ALA A 9 11.25 8.67 -11.64
N ASP A 10 10.29 9.39 -12.23
CA ASP A 10 10.20 10.84 -12.04
C ASP A 10 8.74 11.26 -11.86
N ALA A 11 8.33 11.46 -10.61
CA ALA A 11 6.97 11.86 -10.30
C ALA A 11 6.80 12.11 -8.81
N GLY A 12 6.96 11.05 -8.01
CA GLY A 12 6.81 11.18 -6.58
C GLY A 12 6.96 9.84 -5.86
N GLY A 13 6.24 8.84 -6.35
CA GLY A 13 6.31 7.52 -5.74
C GLY A 13 4.94 6.84 -5.67
N LEU A 14 4.27 6.98 -4.54
CA LEU A 14 2.95 6.38 -4.36
C LEU A 14 1.85 7.43 -4.48
N GLY A 15 0.60 6.98 -4.35
CA GLY A 15 -0.52 7.90 -4.45
C GLY A 15 -1.82 7.26 -3.98
N ILE A 16 -1.85 6.83 -2.73
CA ILE A 16 -3.04 6.20 -2.17
C ILE A 16 -3.18 6.51 -0.69
N SER A 17 -4.42 6.46 -0.19
CA SER A 17 -4.69 6.73 1.21
C SER A 17 -4.93 5.42 1.95
N ILE A 18 -3.94 4.99 2.72
CA ILE A 18 -4.03 3.76 3.47
C ILE A 18 -4.50 3.99 4.90
N LYS A 19 -4.81 2.92 5.62
CA LYS A 19 -5.24 3.02 7.01
C LYS A 19 -5.16 1.67 7.71
N GLY A 20 -4.64 1.67 8.92
CA GLY A 20 -4.49 0.44 9.67
C GLY A 20 -4.10 0.69 11.12
N GLY A 21 -4.14 -0.37 11.92
CA GLY A 21 -3.78 -0.24 13.32
C GLY A 21 -3.64 -1.58 14.01
N ARG A 22 -2.43 -2.13 14.01
CA ARG A 22 -2.18 -3.42 14.64
C ARG A 22 -2.65 -3.41 16.09
N GLU A 23 -2.67 -2.24 16.71
CA GLU A 23 -3.11 -2.10 18.08
C GLU A 23 -4.55 -2.59 18.23
N ASN A 24 -5.39 -2.24 17.26
CA ASN A 24 -6.78 -2.66 17.26
C ASN A 24 -6.95 -3.99 16.52
N LYS A 25 -5.83 -4.66 16.24
CA LYS A 25 -5.85 -5.92 15.53
C LYS A 25 -6.39 -5.75 14.12
N MET A 26 -6.13 -4.58 13.53
CA MET A 26 -6.58 -4.29 12.18
C MET A 26 -5.40 -4.07 11.24
N PRO A 27 -5.25 -4.92 10.21
CA PRO A 27 -4.16 -4.79 9.25
C PRO A 27 -4.31 -3.57 8.35
N ILE A 28 -3.20 -3.08 7.82
CA ILE A 28 -3.23 -1.91 6.95
C ILE A 28 -4.09 -2.15 5.72
N LEU A 29 -4.82 -1.11 5.32
CA LEU A 29 -5.71 -1.21 4.17
C LEU A 29 -5.76 0.07 3.36
N ILE A 30 -6.40 -0.01 2.19
CA ILE A 30 -6.57 1.14 1.32
C ILE A 30 -7.89 1.83 1.62
N SER A 31 -7.88 3.16 1.71
CA SER A 31 -9.08 3.91 2.03
C SER A 31 -9.35 5.06 1.06
N LYS A 32 -8.39 5.37 0.19
CA LYS A 32 -8.58 6.46 -0.76
C LYS A 32 -7.45 6.53 -1.78
N ILE A 33 -7.61 5.82 -2.89
CA ILE A 33 -6.62 5.82 -3.95
C ILE A 33 -6.71 7.11 -4.76
N PHE A 34 -5.61 7.49 -5.41
CA PHE A 34 -5.59 8.71 -6.21
C PHE A 34 -5.29 8.40 -7.68
N LYS A 35 -5.58 9.38 -8.54
CA LYS A 35 -5.35 9.23 -9.97
C LYS A 35 -4.09 9.97 -10.40
N GLY A 36 -3.70 9.79 -11.66
CA GLY A 36 -2.52 10.45 -12.17
C GLY A 36 -1.28 10.15 -11.35
N LEU A 37 -1.29 9.01 -10.67
CA LEU A 37 -0.16 8.60 -9.84
C LEU A 37 0.14 7.12 -10.04
N ALA A 38 1.10 6.60 -9.26
CA ALA A 38 1.48 5.20 -9.36
C ALA A 38 0.27 4.28 -9.17
N ALA A 39 -0.60 4.63 -8.22
CA ALA A 39 -1.80 3.85 -7.96
C ALA A 39 -2.60 3.62 -9.23
N ASP A 40 -2.99 4.71 -9.88
CA ASP A 40 -3.76 4.63 -11.12
C ASP A 40 -2.88 4.19 -12.29
N GLN A 41 -1.58 4.15 -12.06
CA GLN A 41 -0.63 3.74 -13.10
C GLN A 41 -0.67 2.22 -13.29
N THR A 42 -0.82 1.51 -12.18
CA THR A 42 -0.88 0.05 -12.22
C THR A 42 -2.31 -0.45 -12.45
N GLU A 43 -3.26 0.44 -12.24
CA GLU A 43 -4.68 0.11 -12.43
C GLU A 43 -5.03 -1.22 -11.77
N ALA A 44 -4.58 -1.39 -10.53
CA ALA A 44 -4.85 -2.62 -9.78
C ALA A 44 -4.79 -2.38 -8.28
N LEU A 45 -5.69 -1.52 -7.79
CA LEU A 45 -5.74 -1.21 -6.36
C LEU A 45 -6.95 -0.32 -6.05
N PHE A 46 -8.02 -0.95 -5.58
CA PHE A 46 -9.24 -0.22 -5.23
C PHE A 46 -9.52 -0.30 -3.75
N VAL A 47 -10.21 0.71 -3.22
CA VAL A 47 -10.55 0.76 -1.80
C VAL A 47 -11.12 -0.57 -1.32
N GLY A 48 -10.42 -1.22 -0.39
CA GLY A 48 -10.87 -2.48 0.14
C GLY A 48 -9.75 -3.49 0.29
N ASP A 49 -8.60 -3.19 -0.32
CA ASP A 49 -7.46 -4.08 -0.23
C ASP A 49 -6.73 -3.92 1.10
N ALA A 50 -6.21 -5.02 1.62
CA ALA A 50 -5.50 -5.00 2.90
C ALA A 50 -4.00 -5.18 2.70
N ILE A 51 -3.25 -4.11 2.91
CA ILE A 51 -1.80 -4.15 2.76
C ILE A 51 -1.16 -4.92 3.91
N LEU A 52 -0.90 -6.21 3.67
CA LEU A 52 -0.29 -7.07 4.68
C LEU A 52 1.22 -7.19 4.47
N SER A 53 1.71 -6.66 3.36
CA SER A 53 3.14 -6.72 3.06
C SER A 53 3.50 -5.74 1.93
N VAL A 54 4.75 -5.30 1.93
CA VAL A 54 5.22 -4.37 0.91
C VAL A 54 6.73 -4.49 0.70
N ASN A 55 7.14 -4.67 -0.55
CA ASN A 55 8.55 -4.80 -0.88
C ASN A 55 9.18 -5.98 -0.14
N GLY A 56 8.39 -7.03 0.06
CA GLY A 56 8.89 -8.21 0.76
C GLY A 56 8.93 -8.02 2.27
N GLU A 57 8.13 -7.08 2.76
CA GLU A 57 8.09 -6.81 4.20
C GLU A 57 6.71 -7.19 4.77
N ASP A 58 6.69 -7.44 6.08
CA ASP A 58 5.45 -7.81 6.75
C ASP A 58 4.86 -6.63 7.50
N LEU A 59 3.75 -6.10 7.00
CA LEU A 59 3.08 -4.97 7.62
C LEU A 59 2.05 -5.44 8.65
N SER A 60 2.06 -6.74 8.94
CA SER A 60 1.13 -7.29 9.92
C SER A 60 1.52 -6.90 11.34
N SER A 61 2.70 -6.31 11.48
CA SER A 61 3.20 -5.89 12.78
C SER A 61 3.92 -4.55 12.63
N ALA A 62 3.20 -3.55 12.17
CA ALA A 62 3.75 -2.22 11.96
C ALA A 62 2.64 -1.18 11.89
N THR A 63 2.42 -0.51 13.01
CA THR A 63 1.38 0.53 13.12
C THR A 63 1.29 1.35 11.82
N HIS A 64 0.16 2.02 11.63
CA HIS A 64 -0.06 2.81 10.44
C HIS A 64 1.12 3.71 10.10
N ASP A 65 1.86 4.10 11.13
CA ASP A 65 3.02 4.96 10.94
C ASP A 65 4.18 4.18 10.34
N GLU A 66 4.19 2.89 10.57
CA GLU A 66 5.23 2.02 10.04
C GLU A 66 4.91 1.63 8.61
N ALA A 67 3.63 1.65 8.28
CA ALA A 67 3.18 1.33 6.94
C ALA A 67 3.33 2.53 6.04
N VAL A 68 3.02 3.68 6.60
CA VAL A 68 3.14 4.93 5.87
C VAL A 68 4.59 5.34 5.73
N GLN A 69 5.38 4.98 6.73
CA GLN A 69 6.81 5.28 6.70
C GLN A 69 7.54 4.27 5.83
N ALA A 70 7.00 3.06 5.79
CA ALA A 70 7.56 1.99 4.98
C ALA A 70 7.19 2.18 3.51
N LEU A 71 6.09 2.89 3.27
CA LEU A 71 5.64 3.14 1.91
C LEU A 71 6.24 4.42 1.36
N LYS A 72 6.59 5.33 2.26
CA LYS A 72 7.18 6.61 1.87
C LYS A 72 8.70 6.51 1.81
N LYS A 73 9.25 5.53 2.49
CA LYS A 73 10.70 5.32 2.50
C LYS A 73 11.09 4.16 1.59
N THR A 74 10.75 4.28 0.32
CA THR A 74 11.06 3.25 -0.66
C THR A 74 11.38 3.87 -2.01
N GLY A 75 12.04 3.09 -2.87
CA GLY A 75 12.40 3.58 -4.20
C GLY A 75 12.39 2.49 -5.23
N LYS A 76 12.49 2.88 -6.51
CA LYS A 76 12.49 1.93 -7.60
C LYS A 76 11.19 1.11 -7.61
N GLU A 77 11.30 -0.19 -7.86
CA GLU A 77 10.12 -1.05 -7.89
C GLU A 77 9.54 -1.23 -6.49
N VAL A 78 8.23 -1.03 -6.37
CA VAL A 78 7.55 -1.18 -5.08
C VAL A 78 6.48 -2.25 -5.14
N VAL A 79 6.76 -3.39 -4.52
CA VAL A 79 5.82 -4.50 -4.50
C VAL A 79 4.82 -4.35 -3.34
N LEU A 80 3.67 -3.76 -3.63
CA LEU A 80 2.64 -3.55 -2.62
C LEU A 80 1.77 -4.80 -2.48
N GLU A 81 2.17 -5.68 -1.57
CA GLU A 81 1.41 -6.91 -1.34
C GLU A 81 0.17 -6.63 -0.49
N VAL A 82 -1.00 -6.78 -1.11
CA VAL A 82 -2.26 -6.53 -0.42
C VAL A 82 -3.21 -7.72 -0.57
N LYS A 83 -4.23 -7.76 0.29
CA LYS A 83 -5.20 -8.84 0.25
C LYS A 83 -6.63 -8.28 0.27
N TYR A 84 -7.42 -8.65 -0.73
CA TYR A 84 -8.80 -8.19 -0.83
C TYR A 84 -9.68 -8.88 0.21
N MET A 85 -9.92 -8.20 1.32
CA MET A 85 -10.74 -8.76 2.38
C MET A 85 -11.79 -7.75 2.85
N LYS A 86 -12.20 -6.87 1.94
CA LYS A 86 -13.19 -5.85 2.25
C LYS A 86 -14.59 -6.48 2.34
N GLU A 87 -15.45 -5.86 3.14
CA GLU A 87 -16.81 -6.36 3.32
C GLU A 87 -16.81 -7.77 3.87
N ARG A 1 -5.26 -11.53 -3.02
CA ARG A 1 -3.84 -11.95 -2.90
C ARG A 1 -3.05 -11.60 -4.15
N ARG A 2 -2.41 -10.45 -4.15
CA ARG A 2 -1.62 -10.00 -5.29
C ARG A 2 -0.62 -8.93 -4.88
N ARG A 3 0.41 -8.74 -5.70
CA ARG A 3 1.44 -7.75 -5.42
C ARG A 3 1.36 -6.59 -6.42
N VAL A 4 1.24 -5.37 -5.89
CA VAL A 4 1.16 -4.19 -6.73
C VAL A 4 2.53 -3.52 -6.87
N THR A 5 3.35 -4.04 -7.77
CA THR A 5 4.69 -3.50 -8.00
C THR A 5 4.61 -2.13 -8.66
N VAL A 6 4.84 -1.08 -7.88
CA VAL A 6 4.80 0.27 -8.41
C VAL A 6 6.21 0.82 -8.62
N ARG A 7 6.44 1.45 -9.76
CA ARG A 7 7.75 2.02 -10.08
C ARG A 7 7.63 3.51 -10.37
N LYS A 8 8.65 4.26 -9.98
CA LYS A 8 8.66 5.71 -10.21
C LYS A 8 8.73 6.02 -11.70
N ALA A 9 7.58 6.41 -12.26
CA ALA A 9 7.50 6.74 -13.68
C ALA A 9 7.28 8.24 -13.88
N ASP A 10 6.55 8.85 -12.95
CA ASP A 10 6.26 10.28 -13.03
C ASP A 10 7.01 11.04 -11.94
N ALA A 11 6.80 12.36 -11.89
CA ALA A 11 7.45 13.20 -10.90
C ALA A 11 6.91 12.92 -9.50
N GLY A 12 5.60 13.07 -9.34
CA GLY A 12 4.98 12.83 -8.06
C GLY A 12 5.17 11.41 -7.57
N GLY A 13 5.57 11.26 -6.30
CA GLY A 13 5.79 9.94 -5.74
C GLY A 13 4.56 9.41 -5.02
N LEU A 14 4.20 8.17 -5.32
CA LEU A 14 3.04 7.55 -4.69
C LEU A 14 1.76 8.32 -5.00
N GLY A 15 0.65 7.86 -4.45
CA GLY A 15 -0.62 8.53 -4.67
C GLY A 15 -1.80 7.69 -4.22
N ILE A 16 -1.90 7.48 -2.92
CA ILE A 16 -3.00 6.69 -2.34
C ILE A 16 -3.14 6.96 -0.85
N SER A 17 -4.34 6.69 -0.32
CA SER A 17 -4.61 6.90 1.09
C SER A 17 -4.87 5.56 1.77
N ILE A 18 -4.00 5.20 2.70
CA ILE A 18 -4.13 3.94 3.42
C ILE A 18 -4.47 4.17 4.89
N LYS A 19 -4.80 3.11 5.60
CA LYS A 19 -5.11 3.22 7.03
C LYS A 19 -5.06 1.85 7.69
N GLY A 20 -4.52 1.80 8.91
CA GLY A 20 -4.41 0.55 9.63
C GLY A 20 -4.01 0.75 11.08
N GLY A 21 -4.09 -0.32 11.87
CA GLY A 21 -3.74 -0.24 13.26
C GLY A 21 -3.58 -1.60 13.90
N ARG A 22 -2.38 -2.16 13.82
CA ARG A 22 -2.11 -3.47 14.40
C ARG A 22 -2.44 -3.49 15.89
N GLU A 23 -2.28 -2.34 16.53
CA GLU A 23 -2.57 -2.21 17.95
C GLU A 23 -4.05 -2.49 18.21
N ASN A 24 -4.90 -2.02 17.31
CA ASN A 24 -6.34 -2.23 17.44
C ASN A 24 -6.76 -3.51 16.73
N LYS A 25 -5.78 -4.31 16.30
CA LYS A 25 -6.06 -5.56 15.61
C LYS A 25 -6.62 -5.28 14.22
N MET A 26 -6.21 -4.15 13.64
CA MET A 26 -6.66 -3.76 12.31
C MET A 26 -5.51 -3.72 11.32
N PRO A 27 -5.50 -4.63 10.31
CA PRO A 27 -4.43 -4.67 9.31
C PRO A 27 -4.48 -3.47 8.38
N ILE A 28 -3.32 -3.08 7.87
CA ILE A 28 -3.23 -1.94 6.96
C ILE A 28 -4.08 -2.15 5.72
N LEU A 29 -4.78 -1.09 5.32
CA LEU A 29 -5.66 -1.16 4.15
C LEU A 29 -5.68 0.14 3.36
N ILE A 30 -6.29 0.08 2.17
CA ILE A 30 -6.42 1.24 1.31
C ILE A 30 -7.75 1.93 1.57
N SER A 31 -7.77 3.26 1.50
CA SER A 31 -9.01 4.00 1.77
C SER A 31 -9.24 5.16 0.80
N LYS A 32 -8.29 5.44 -0.09
CA LYS A 32 -8.46 6.53 -1.04
C LYS A 32 -7.37 6.53 -2.10
N ILE A 33 -7.60 5.83 -3.20
CA ILE A 33 -6.65 5.78 -4.30
C ILE A 33 -6.77 7.04 -5.15
N PHE A 34 -5.66 7.44 -5.77
CA PHE A 34 -5.64 8.63 -6.61
C PHE A 34 -5.63 8.27 -8.09
N LYS A 35 -6.15 9.17 -8.91
CA LYS A 35 -6.19 8.96 -10.36
C LYS A 35 -5.09 9.75 -11.05
N GLY A 36 -4.46 9.14 -12.05
CA GLY A 36 -3.40 9.81 -12.78
C GLY A 36 -2.05 9.65 -12.13
N LEU A 37 -2.03 9.09 -10.92
CA LEU A 37 -0.78 8.88 -10.19
C LEU A 37 -0.35 7.42 -10.26
N ALA A 38 0.72 7.09 -9.54
CA ALA A 38 1.23 5.72 -9.51
C ALA A 38 0.13 4.72 -9.23
N ALA A 39 -0.77 5.08 -8.32
CA ALA A 39 -1.88 4.20 -7.95
C ALA A 39 -2.70 3.81 -9.17
N ASP A 40 -2.98 4.79 -10.03
CA ASP A 40 -3.75 4.55 -11.24
C ASP A 40 -2.87 4.02 -12.36
N GLN A 41 -1.56 4.08 -12.17
CA GLN A 41 -0.61 3.61 -13.17
C GLN A 41 -0.58 2.09 -13.20
N THR A 42 -0.53 1.48 -12.01
CA THR A 42 -0.50 0.02 -11.90
C THR A 42 -1.91 -0.55 -11.93
N GLU A 43 -2.88 0.27 -11.57
CA GLU A 43 -4.28 -0.14 -11.55
C GLU A 43 -4.46 -1.52 -10.94
N ALA A 44 -3.85 -1.74 -9.77
CA ALA A 44 -3.93 -3.01 -9.08
C ALA A 44 -4.10 -2.83 -7.58
N LEU A 45 -4.72 -1.73 -7.18
CA LEU A 45 -4.94 -1.44 -5.78
C LEU A 45 -6.19 -0.59 -5.58
N PHE A 46 -7.31 -1.25 -5.27
CA PHE A 46 -8.57 -0.55 -5.06
C PHE A 46 -8.91 -0.46 -3.57
N VAL A 47 -9.72 0.54 -3.22
CA VAL A 47 -10.12 0.74 -1.83
C VAL A 47 -10.72 -0.54 -1.23
N GLY A 48 -10.34 -0.83 0.01
CA GLY A 48 -10.84 -2.02 0.67
C GLY A 48 -9.84 -3.16 0.67
N ASP A 49 -8.67 -2.93 0.07
CA ASP A 49 -7.64 -3.96 0.02
C ASP A 49 -6.83 -3.99 1.32
N ALA A 50 -6.49 -5.19 1.79
CA ALA A 50 -5.72 -5.35 3.01
C ALA A 50 -4.24 -5.54 2.72
N ILE A 51 -3.45 -4.51 3.01
CA ILE A 51 -2.01 -4.56 2.78
C ILE A 51 -1.35 -5.52 3.76
N LEU A 52 -1.27 -6.79 3.38
CA LEU A 52 -0.66 -7.81 4.22
C LEU A 52 0.85 -7.65 4.29
N SER A 53 1.40 -6.94 3.32
CA SER A 53 2.85 -6.71 3.27
C SER A 53 3.22 -5.76 2.15
N VAL A 54 4.43 -5.21 2.22
CA VAL A 54 4.91 -4.28 1.21
C VAL A 54 6.40 -4.46 0.97
N ASN A 55 6.79 -4.61 -0.30
CA ASN A 55 8.19 -4.78 -0.65
C ASN A 55 8.78 -6.00 0.05
N GLY A 56 7.93 -6.99 0.32
CA GLY A 56 8.39 -8.20 0.99
C GLY A 56 8.54 -8.01 2.48
N GLU A 57 7.75 -7.10 3.04
CA GLU A 57 7.81 -6.82 4.48
C GLU A 57 6.46 -7.11 5.13
N ASP A 58 6.48 -7.96 6.15
CA ASP A 58 5.25 -8.31 6.87
C ASP A 58 4.73 -7.13 7.67
N LEU A 59 3.61 -6.57 7.23
CA LEU A 59 3.01 -5.43 7.91
C LEU A 59 2.07 -5.89 9.03
N SER A 60 2.06 -7.21 9.29
CA SER A 60 1.21 -7.76 10.34
C SER A 60 1.60 -7.21 11.71
N SER A 61 2.80 -6.65 11.81
CA SER A 61 3.29 -6.08 13.05
C SER A 61 4.01 -4.78 12.77
N ALA A 62 3.29 -3.83 12.18
CA ALA A 62 3.84 -2.54 11.84
C ALA A 62 2.74 -1.49 11.77
N THR A 63 2.58 -0.76 12.87
CA THR A 63 1.56 0.30 12.96
C THR A 63 1.44 1.08 11.66
N HIS A 64 0.35 1.81 11.49
CA HIS A 64 0.14 2.59 10.28
C HIS A 64 1.35 3.42 9.89
N ASP A 65 2.15 3.77 10.87
CA ASP A 65 3.34 4.57 10.63
C ASP A 65 4.42 3.73 9.97
N GLU A 66 4.38 2.44 10.21
CA GLU A 66 5.35 1.53 9.62
C GLU A 66 4.94 1.20 8.19
N ALA A 67 3.64 1.28 7.94
CA ALA A 67 3.12 1.01 6.61
C ALA A 67 3.34 2.22 5.73
N VAL A 68 3.08 3.38 6.29
CA VAL A 68 3.28 4.63 5.58
C VAL A 68 4.76 4.91 5.41
N GLN A 69 5.55 4.39 6.34
CA GLN A 69 7.00 4.54 6.29
C GLN A 69 7.58 3.59 5.27
N ALA A 70 6.93 2.46 5.12
CA ALA A 70 7.35 1.43 4.17
C ALA A 70 7.08 1.91 2.75
N LEU A 71 6.00 2.68 2.59
CA LEU A 71 5.64 3.21 1.28
C LEU A 71 6.40 4.50 0.99
N LYS A 72 6.83 5.16 2.06
CA LYS A 72 7.59 6.40 1.94
C LYS A 72 9.09 6.13 1.88
N LYS A 73 9.48 4.90 2.20
CA LYS A 73 10.88 4.51 2.17
C LYS A 73 11.21 3.70 0.92
N THR A 74 10.62 4.10 -0.20
CA THR A 74 10.84 3.41 -1.47
C THR A 74 11.23 4.40 -2.56
N GLY A 75 11.48 3.89 -3.77
CA GLY A 75 11.87 4.75 -4.87
C GLY A 75 12.22 3.97 -6.13
N LYS A 76 12.80 2.80 -5.96
CA LYS A 76 13.19 1.97 -7.09
C LYS A 76 12.14 0.89 -7.37
N GLU A 77 11.37 0.56 -6.36
CA GLU A 77 10.32 -0.45 -6.48
C GLU A 77 9.43 -0.46 -5.25
N VAL A 78 8.13 -0.72 -5.46
CA VAL A 78 7.18 -0.77 -4.36
C VAL A 78 6.20 -1.92 -4.53
N VAL A 79 6.60 -3.10 -4.07
CA VAL A 79 5.76 -4.28 -4.16
C VAL A 79 4.67 -4.27 -3.07
N LEU A 80 3.60 -3.54 -3.33
CA LEU A 80 2.50 -3.45 -2.37
C LEU A 80 1.64 -4.70 -2.39
N GLU A 81 1.98 -5.65 -1.53
CA GLU A 81 1.24 -6.90 -1.43
C GLU A 81 -0.03 -6.70 -0.61
N VAL A 82 -1.19 -6.83 -1.27
CA VAL A 82 -2.47 -6.66 -0.59
C VAL A 82 -3.40 -7.83 -0.87
N LYS A 83 -4.51 -7.87 -0.15
CA LYS A 83 -5.50 -8.93 -0.31
C LYS A 83 -6.92 -8.35 -0.30
N TYR A 84 -7.54 -8.30 -1.47
CA TYR A 84 -8.89 -7.76 -1.59
C TYR A 84 -9.91 -8.70 -0.96
N MET A 85 -10.38 -8.33 0.23
CA MET A 85 -11.35 -9.13 0.95
C MET A 85 -12.64 -8.34 1.24
N LYS A 86 -12.67 -7.09 0.81
CA LYS A 86 -13.84 -6.24 1.02
C LYS A 86 -14.06 -5.98 2.51
N GLU A 87 -14.63 -6.96 3.20
CA GLU A 87 -14.90 -6.83 4.62
C GLU A 87 -14.87 -8.20 5.30
N ARG A 1 -3.65 -14.18 -1.64
CA ARG A 1 -2.95 -12.87 -1.59
C ARG A 1 -2.38 -12.50 -2.95
N ARG A 2 -2.03 -11.23 -3.11
CA ARG A 2 -1.47 -10.74 -4.37
C ARG A 2 -0.42 -9.65 -4.11
N ARG A 3 0.57 -9.58 -5.00
CA ARG A 3 1.63 -8.59 -4.87
C ARG A 3 1.62 -7.61 -6.03
N VAL A 4 1.44 -6.33 -5.72
CA VAL A 4 1.43 -5.30 -6.74
C VAL A 4 2.78 -4.60 -6.83
N THR A 5 3.16 -4.19 -8.03
CA THR A 5 4.44 -3.52 -8.23
C THR A 5 4.24 -2.11 -8.78
N VAL A 6 4.57 -1.11 -7.96
CA VAL A 6 4.43 0.28 -8.37
C VAL A 6 5.79 0.88 -8.72
N ARG A 7 5.87 1.52 -9.88
CA ARG A 7 7.10 2.14 -10.33
C ARG A 7 7.01 3.66 -10.26
N LYS A 8 7.79 4.25 -9.35
CA LYS A 8 7.78 5.71 -9.17
C LYS A 8 8.69 6.37 -10.21
N ALA A 9 8.14 6.62 -11.39
CA ALA A 9 8.90 7.26 -12.47
C ALA A 9 8.16 8.47 -13.02
N ASP A 10 6.89 8.29 -13.33
CA ASP A 10 6.07 9.37 -13.86
C ASP A 10 5.55 10.26 -12.74
N ALA A 11 5.29 9.66 -11.58
CA ALA A 11 4.79 10.39 -10.43
C ALA A 11 5.55 10.03 -9.17
N GLY A 12 6.15 11.05 -8.53
CA GLY A 12 6.91 10.82 -7.32
C GLY A 12 6.04 10.30 -6.19
N GLY A 13 6.07 8.99 -5.97
CA GLY A 13 5.29 8.40 -4.91
C GLY A 13 4.19 7.49 -5.44
N LEU A 14 3.41 6.90 -4.53
CA LEU A 14 2.32 6.01 -4.91
C LEU A 14 1.09 6.80 -5.35
N GLY A 15 0.39 7.36 -4.38
CA GLY A 15 -0.80 8.13 -4.67
C GLY A 15 -2.08 7.45 -4.22
N ILE A 16 -2.17 7.20 -2.92
CA ILE A 16 -3.34 6.54 -2.34
C ILE A 16 -3.41 6.78 -0.84
N SER A 17 -4.61 6.67 -0.28
CA SER A 17 -4.80 6.86 1.16
C SER A 17 -5.06 5.52 1.83
N ILE A 18 -4.16 5.16 2.75
CA ILE A 18 -4.26 3.90 3.47
C ILE A 18 -4.63 4.12 4.93
N LYS A 19 -4.94 3.05 5.65
CA LYS A 19 -5.27 3.13 7.06
C LYS A 19 -5.18 1.75 7.72
N GLY A 20 -4.61 1.73 8.92
CA GLY A 20 -4.47 0.47 9.65
C GLY A 20 -4.02 0.68 11.07
N GLY A 21 -4.04 -0.39 11.86
CA GLY A 21 -3.63 -0.29 13.24
C GLY A 21 -3.50 -1.64 13.91
N ARG A 22 -2.29 -2.20 13.86
CA ARG A 22 -2.04 -3.50 14.47
C ARG A 22 -2.44 -3.50 15.95
N GLU A 23 -2.43 -2.31 16.54
CA GLU A 23 -2.79 -2.17 17.94
C GLU A 23 -4.19 -2.71 18.19
N ASN A 24 -5.14 -2.31 17.35
CA ASN A 24 -6.51 -2.78 17.47
C ASN A 24 -6.73 -4.04 16.64
N LYS A 25 -5.64 -4.69 16.25
CA LYS A 25 -5.72 -5.91 15.46
C LYS A 25 -6.30 -5.64 14.08
N MET A 26 -6.05 -4.44 13.55
CA MET A 26 -6.55 -4.08 12.23
C MET A 26 -5.42 -3.95 11.22
N PRO A 27 -5.40 -4.81 10.19
CA PRO A 27 -4.35 -4.78 9.16
C PRO A 27 -4.47 -3.56 8.27
N ILE A 28 -3.34 -3.11 7.73
CA ILE A 28 -3.32 -1.94 6.86
C ILE A 28 -4.20 -2.14 5.64
N LEU A 29 -4.92 -1.08 5.27
CA LEU A 29 -5.82 -1.15 4.13
C LEU A 29 -5.86 0.16 3.35
N ILE A 30 -6.51 0.12 2.18
CA ILE A 30 -6.66 1.30 1.34
C ILE A 30 -8.01 1.97 1.62
N SER A 31 -8.03 3.30 1.62
CA SER A 31 -9.27 4.02 1.91
C SER A 31 -9.54 5.16 0.94
N LYS A 32 -8.58 5.47 0.06
CA LYS A 32 -8.78 6.56 -0.89
C LYS A 32 -7.75 6.54 -2.01
N ILE A 33 -8.05 5.80 -3.06
CA ILE A 33 -7.17 5.70 -4.22
C ILE A 33 -7.19 6.99 -5.04
N PHE A 34 -6.02 7.61 -5.20
CA PHE A 34 -5.92 8.84 -5.95
C PHE A 34 -5.66 8.56 -7.44
N LYS A 35 -5.82 9.59 -8.26
CA LYS A 35 -5.61 9.45 -9.70
C LYS A 35 -4.50 10.37 -10.18
N GLY A 36 -3.94 10.06 -11.34
CA GLY A 36 -2.87 10.87 -11.90
C GLY A 36 -1.49 10.45 -11.41
N LEU A 37 -1.46 9.54 -10.43
CA LEU A 37 -0.19 9.06 -9.89
C LEU A 37 0.04 7.60 -10.25
N ALA A 38 1.22 7.09 -9.89
CA ALA A 38 1.58 5.71 -10.18
C ALA A 38 0.50 4.75 -9.67
N ALA A 39 -0.23 5.16 -8.64
CA ALA A 39 -1.28 4.34 -8.07
C ALA A 39 -2.31 3.96 -9.14
N ASP A 40 -3.00 4.96 -9.68
CA ASP A 40 -3.99 4.73 -10.71
C ASP A 40 -3.34 4.39 -12.05
N GLN A 41 -2.03 4.58 -12.13
CA GLN A 41 -1.29 4.30 -13.36
C GLN A 41 -1.08 2.80 -13.53
N THR A 42 -0.97 2.08 -12.40
CA THR A 42 -0.77 0.64 -12.43
C THR A 42 -2.10 -0.10 -12.47
N GLU A 43 -3.17 0.59 -12.14
CA GLU A 43 -4.51 0.01 -12.13
C GLU A 43 -4.52 -1.35 -11.42
N ALA A 44 -3.63 -1.50 -10.45
CA ALA A 44 -3.54 -2.75 -9.69
C ALA A 44 -3.55 -2.48 -8.19
N LEU A 45 -4.44 -1.58 -7.77
CA LEU A 45 -4.57 -1.23 -6.36
C LEU A 45 -5.77 -0.33 -6.13
N PHE A 46 -6.83 -0.90 -5.56
CA PHE A 46 -8.05 -0.14 -5.29
C PHE A 46 -8.46 -0.24 -3.83
N VAL A 47 -9.38 0.62 -3.42
CA VAL A 47 -9.87 0.63 -2.04
C VAL A 47 -10.36 -0.76 -1.61
N GLY A 48 -10.36 -1.00 -0.31
CA GLY A 48 -10.79 -2.28 0.21
C GLY A 48 -9.70 -3.33 0.19
N ASP A 49 -8.51 -2.94 -0.27
CA ASP A 49 -7.38 -3.87 -0.31
C ASP A 49 -6.63 -3.90 1.01
N ALA A 50 -6.44 -5.09 1.57
CA ALA A 50 -5.75 -5.25 2.83
C ALA A 50 -4.26 -5.45 2.63
N ILE A 51 -3.48 -4.39 2.84
CA ILE A 51 -2.04 -4.44 2.68
C ILE A 51 -1.40 -5.28 3.80
N LEU A 52 -0.96 -6.49 3.45
CA LEU A 52 -0.35 -7.38 4.43
C LEU A 52 1.17 -7.33 4.39
N SER A 53 1.71 -6.73 3.34
CA SER A 53 3.16 -6.61 3.19
C SER A 53 3.53 -5.65 2.06
N VAL A 54 4.75 -5.13 2.12
CA VAL A 54 5.23 -4.21 1.10
C VAL A 54 6.74 -4.38 0.88
N ASN A 55 7.11 -4.69 -0.36
CA ASN A 55 8.52 -4.88 -0.69
C ASN A 55 9.13 -6.00 0.14
N GLY A 56 8.30 -6.94 0.57
CA GLY A 56 8.77 -8.05 1.38
C GLY A 56 8.83 -7.71 2.85
N GLU A 57 8.03 -6.72 3.27
CA GLU A 57 7.99 -6.31 4.66
C GLU A 57 6.63 -6.61 5.29
N ASP A 58 6.61 -7.55 6.22
CA ASP A 58 5.39 -7.94 6.90
C ASP A 58 4.79 -6.76 7.67
N LEU A 59 3.69 -6.22 7.15
CA LEU A 59 3.03 -5.08 7.79
C LEU A 59 2.10 -5.55 8.91
N SER A 60 2.06 -6.85 9.16
CA SER A 60 1.21 -7.41 10.21
C SER A 60 1.65 -6.91 11.59
N SER A 61 2.87 -6.39 11.66
CA SER A 61 3.42 -5.88 12.91
C SER A 61 4.11 -4.55 12.66
N ALA A 62 3.35 -3.61 12.12
CA ALA A 62 3.88 -2.28 11.80
C ALA A 62 2.75 -1.26 11.76
N THR A 63 2.56 -0.55 12.87
CA THR A 63 1.52 0.47 12.99
C THR A 63 1.40 1.27 11.68
N HIS A 64 0.27 1.95 11.52
CA HIS A 64 0.04 2.74 10.31
C HIS A 64 1.23 3.61 9.94
N ASP A 65 2.01 3.97 10.93
CA ASP A 65 3.18 4.80 10.69
C ASP A 65 4.28 4.02 10.00
N GLU A 66 4.32 2.72 10.27
CA GLU A 66 5.31 1.85 9.65
C GLU A 66 4.90 1.50 8.24
N ALA A 67 3.60 1.53 8.00
CA ALA A 67 3.05 1.24 6.69
C ALA A 67 3.21 2.45 5.80
N VAL A 68 2.92 3.60 6.36
CA VAL A 68 3.04 4.86 5.65
C VAL A 68 4.51 5.19 5.43
N GLN A 69 5.34 4.73 6.36
CA GLN A 69 6.78 4.95 6.27
C GLN A 69 7.37 4.01 5.23
N ALA A 70 6.78 2.84 5.13
CA ALA A 70 7.21 1.84 4.17
C ALA A 70 6.91 2.30 2.75
N LEU A 71 5.80 3.02 2.59
CA LEU A 71 5.40 3.52 1.28
C LEU A 71 6.10 4.83 0.96
N LYS A 72 6.52 5.53 2.00
CA LYS A 72 7.22 6.80 1.83
C LYS A 72 8.73 6.58 1.67
N LYS A 73 9.18 5.39 2.04
CA LYS A 73 10.59 5.04 1.93
C LYS A 73 10.76 3.74 1.14
N THR A 74 11.06 3.88 -0.14
CA THR A 74 11.25 2.71 -1.01
C THR A 74 12.12 3.07 -2.21
N GLY A 75 12.27 2.12 -3.13
CA GLY A 75 13.07 2.35 -4.32
C GLY A 75 12.23 2.64 -5.55
N LYS A 76 12.58 2.00 -6.66
CA LYS A 76 11.85 2.19 -7.91
C LYS A 76 10.84 1.07 -8.13
N GLU A 77 10.84 0.07 -7.26
CA GLU A 77 9.92 -1.04 -7.36
C GLU A 77 9.35 -1.40 -5.99
N VAL A 78 8.07 -1.12 -5.80
CA VAL A 78 7.41 -1.41 -4.53
C VAL A 78 6.43 -2.57 -4.66
N VAL A 79 6.77 -3.69 -4.04
CA VAL A 79 5.92 -4.87 -4.08
C VAL A 79 4.86 -4.80 -2.99
N LEU A 80 3.74 -4.16 -3.30
CA LEU A 80 2.64 -4.01 -2.34
C LEU A 80 1.78 -5.27 -2.28
N GLU A 81 1.99 -6.07 -1.24
CA GLU A 81 1.22 -7.29 -1.05
C GLU A 81 -0.10 -6.96 -0.34
N VAL A 82 -1.21 -7.14 -1.06
CA VAL A 82 -2.51 -6.85 -0.49
C VAL A 82 -3.49 -8.01 -0.69
N LYS A 83 -4.64 -7.91 -0.03
CA LYS A 83 -5.68 -8.92 -0.13
C LYS A 83 -7.06 -8.25 -0.14
N TYR A 84 -7.81 -8.48 -1.20
CA TYR A 84 -9.14 -7.90 -1.33
C TYR A 84 -10.12 -8.51 -0.34
N MET A 85 -10.49 -7.74 0.68
CA MET A 85 -11.41 -8.22 1.71
C MET A 85 -12.69 -7.37 1.72
N LYS A 86 -12.85 -6.50 0.73
CA LYS A 86 -14.03 -5.64 0.64
C LYS A 86 -14.36 -5.00 1.99
N GLU A 87 -15.54 -4.39 2.07
CA GLU A 87 -15.97 -3.75 3.31
C GLU A 87 -17.49 -3.80 3.44
N ARG A 1 -4.59 -13.15 -1.13
CA ARG A 1 -3.15 -12.86 -1.42
C ARG A 1 -2.99 -12.21 -2.78
N ARG A 2 -2.38 -11.03 -2.81
CA ARG A 2 -2.15 -10.31 -4.06
C ARG A 2 -0.80 -9.61 -4.04
N ARG A 3 -0.22 -9.43 -5.21
CA ARG A 3 1.07 -8.76 -5.33
C ARG A 3 1.03 -7.66 -6.39
N VAL A 4 1.30 -6.43 -5.98
CA VAL A 4 1.29 -5.30 -6.91
C VAL A 4 2.68 -4.70 -7.06
N THR A 5 3.02 -4.29 -8.27
CA THR A 5 4.31 -3.70 -8.55
C THR A 5 4.17 -2.36 -9.25
N VAL A 6 4.65 -1.30 -8.61
CA VAL A 6 4.57 0.04 -9.18
C VAL A 6 5.93 0.72 -9.17
N ARG A 7 6.25 1.41 -10.28
CA ARG A 7 7.52 2.11 -10.40
C ARG A 7 7.31 3.58 -10.76
N LYS A 8 8.09 4.45 -10.13
CA LYS A 8 7.98 5.88 -10.38
C LYS A 8 8.61 6.25 -11.72
N ALA A 9 8.20 7.38 -12.28
CA ALA A 9 8.73 7.85 -13.56
C ALA A 9 9.72 8.98 -13.36
N ASP A 10 9.50 9.78 -12.32
CA ASP A 10 10.37 10.90 -12.01
C ASP A 10 10.19 11.37 -10.57
N ALA A 11 10.70 10.58 -9.64
CA ALA A 11 10.59 10.91 -8.22
C ALA A 11 9.12 11.01 -7.79
N GLY A 12 8.59 9.91 -7.27
CA GLY A 12 7.21 9.89 -6.84
C GLY A 12 6.53 8.57 -7.11
N GLY A 13 6.63 7.65 -6.14
CA GLY A 13 6.02 6.35 -6.30
C GLY A 13 4.73 6.21 -5.51
N LEU A 14 3.88 5.28 -5.92
CA LEU A 14 2.60 5.05 -5.25
C LEU A 14 1.73 6.31 -5.29
N GLY A 15 0.61 6.27 -4.58
CA GLY A 15 -0.29 7.40 -4.55
C GLY A 15 -1.70 7.01 -4.16
N ILE A 16 -1.86 6.53 -2.93
CA ILE A 16 -3.16 6.12 -2.43
C ILE A 16 -3.30 6.39 -0.94
N SER A 17 -4.54 6.47 -0.46
CA SER A 17 -4.79 6.72 0.95
C SER A 17 -5.08 5.41 1.67
N ILE A 18 -4.16 5.01 2.54
CA ILE A 18 -4.28 3.77 3.29
C ILE A 18 -4.65 4.04 4.74
N LYS A 19 -4.99 2.99 5.48
CA LYS A 19 -5.33 3.13 6.89
C LYS A 19 -5.26 1.78 7.59
N GLY A 20 -4.75 1.78 8.81
CA GLY A 20 -4.61 0.56 9.59
C GLY A 20 -4.24 0.82 11.03
N GLY A 21 -4.28 -0.23 11.84
CA GLY A 21 -3.94 -0.10 13.25
C GLY A 21 -3.81 -1.44 13.94
N ARG A 22 -2.60 -1.98 13.96
CA ARG A 22 -2.34 -3.26 14.60
C ARG A 22 -2.74 -3.23 16.06
N GLU A 23 -2.73 -2.04 16.66
CA GLU A 23 -3.10 -1.88 18.05
C GLU A 23 -4.49 -2.47 18.30
N ASN A 24 -5.46 -2.04 17.49
CA ASN A 24 -6.82 -2.53 17.62
C ASN A 24 -7.05 -3.77 16.74
N LYS A 25 -5.94 -4.41 16.33
CA LYS A 25 -6.02 -5.60 15.49
C LYS A 25 -6.58 -5.26 14.12
N MET A 26 -6.30 -4.05 13.65
CA MET A 26 -6.79 -3.61 12.35
C MET A 26 -5.66 -3.60 11.33
N PRO A 27 -5.71 -4.53 10.35
CA PRO A 27 -4.68 -4.61 9.31
C PRO A 27 -4.74 -3.43 8.35
N ILE A 28 -3.59 -3.05 7.80
CA ILE A 28 -3.52 -1.93 6.88
C ILE A 28 -4.41 -2.15 5.66
N LEU A 29 -5.07 -1.10 5.23
CA LEU A 29 -5.99 -1.19 4.09
C LEU A 29 -6.00 0.09 3.26
N ILE A 30 -6.64 0.01 2.09
CA ILE A 30 -6.78 1.15 1.19
C ILE A 30 -8.08 1.88 1.49
N SER A 31 -8.08 3.21 1.34
CA SER A 31 -9.29 3.98 1.64
C SER A 31 -9.54 5.12 0.64
N LYS A 32 -8.56 5.46 -0.18
CA LYS A 32 -8.74 6.54 -1.15
C LYS A 32 -7.54 6.69 -2.07
N ILE A 33 -7.62 6.04 -3.22
CA ILE A 33 -6.55 6.12 -4.21
C ILE A 33 -6.48 7.51 -4.84
N PHE A 34 -5.27 7.99 -5.09
CA PHE A 34 -5.07 9.30 -5.69
C PHE A 34 -4.88 9.20 -7.20
N LYS A 35 -5.73 9.89 -7.95
CA LYS A 35 -5.65 9.86 -9.40
C LYS A 35 -4.44 10.65 -9.90
N GLY A 36 -4.07 10.43 -11.15
CA GLY A 36 -2.92 11.12 -11.72
C GLY A 36 -1.63 10.80 -11.01
N LEU A 37 -1.51 9.56 -10.53
CA LEU A 37 -0.32 9.11 -9.84
C LEU A 37 -0.01 7.66 -10.15
N ALA A 38 1.06 7.13 -9.55
CA ALA A 38 1.47 5.76 -9.77
C ALA A 38 0.33 4.79 -9.46
N ALA A 39 -0.48 5.12 -8.46
CA ALA A 39 -1.60 4.29 -8.06
C ALA A 39 -2.55 4.07 -9.24
N ASP A 40 -3.04 5.17 -9.79
CA ASP A 40 -3.97 5.10 -10.92
C ASP A 40 -3.23 4.72 -12.21
N GLN A 41 -1.91 4.73 -12.15
CA GLN A 41 -1.08 4.38 -13.30
C GLN A 41 -1.01 2.86 -13.48
N THR A 42 -1.03 2.14 -12.36
CA THR A 42 -0.97 0.69 -12.39
C THR A 42 -2.36 0.07 -12.27
N GLU A 43 -3.30 0.85 -11.79
CA GLU A 43 -4.68 0.40 -11.62
C GLU A 43 -4.74 -0.97 -10.96
N ALA A 44 -3.96 -1.14 -9.89
CA ALA A 44 -3.92 -2.40 -9.16
C ALA A 44 -3.89 -2.17 -7.66
N LEU A 45 -4.87 -1.42 -7.17
CA LEU A 45 -4.96 -1.13 -5.74
C LEU A 45 -6.25 -0.37 -5.42
N PHE A 46 -7.38 -1.07 -5.52
CA PHE A 46 -8.68 -0.47 -5.25
C PHE A 46 -9.01 -0.51 -3.76
N VAL A 47 -9.88 0.40 -3.33
CA VAL A 47 -10.27 0.49 -1.93
C VAL A 47 -10.78 -0.85 -1.42
N GLY A 48 -10.22 -1.32 -0.31
CA GLY A 48 -10.63 -2.59 0.25
C GLY A 48 -9.49 -3.59 0.33
N ASP A 49 -8.40 -3.30 -0.38
CA ASP A 49 -7.24 -4.19 -0.39
C ASP A 49 -6.53 -4.16 0.96
N ALA A 50 -6.41 -5.33 1.59
CA ALA A 50 -5.75 -5.44 2.88
C ALA A 50 -4.23 -5.56 2.73
N ILE A 51 -3.53 -4.46 2.95
CA ILE A 51 -2.08 -4.44 2.84
C ILE A 51 -1.44 -5.13 4.04
N LEU A 52 -0.81 -6.28 3.79
CA LEU A 52 -0.17 -7.04 4.85
C LEU A 52 1.34 -7.14 4.65
N SER A 53 1.82 -6.70 3.50
CA SER A 53 3.25 -6.76 3.20
C SER A 53 3.61 -5.79 2.08
N VAL A 54 4.82 -5.24 2.14
CA VAL A 54 5.31 -4.31 1.14
C VAL A 54 6.82 -4.45 0.94
N ASN A 55 7.23 -4.58 -0.32
CA ASN A 55 8.64 -4.74 -0.64
C ASN A 55 9.25 -5.93 0.09
N GLY A 56 8.41 -6.91 0.40
CA GLY A 56 8.88 -8.10 1.09
C GLY A 56 9.03 -7.87 2.58
N GLU A 57 8.20 -6.98 3.12
CA GLU A 57 8.24 -6.68 4.55
C GLU A 57 6.90 -6.97 5.21
N ASP A 58 6.92 -7.85 6.22
CA ASP A 58 5.72 -8.24 6.93
C ASP A 58 5.17 -7.07 7.73
N LEU A 59 4.04 -6.52 7.30
CA LEU A 59 3.40 -5.40 7.97
C LEU A 59 2.42 -5.89 9.04
N SER A 60 2.45 -7.19 9.32
CA SER A 60 1.56 -7.77 10.33
C SER A 60 1.79 -7.12 11.69
N SER A 61 2.95 -6.51 11.86
CA SER A 61 3.30 -5.84 13.11
C SER A 61 3.98 -4.50 12.81
N ALA A 62 3.26 -3.65 12.09
CA ALA A 62 3.77 -2.34 11.71
C ALA A 62 2.64 -1.32 11.66
N THR A 63 2.43 -0.63 12.78
CA THR A 63 1.38 0.38 12.88
C THR A 63 1.27 1.19 11.60
N HIS A 64 0.15 1.87 11.41
CA HIS A 64 -0.08 2.66 10.21
C HIS A 64 1.11 3.54 9.86
N ASP A 65 1.86 3.93 10.88
CA ASP A 65 3.03 4.77 10.67
C ASP A 65 4.15 4.01 10.01
N GLU A 66 4.16 2.71 10.25
CA GLU A 66 5.18 1.85 9.65
C GLU A 66 4.79 1.48 8.23
N ALA A 67 3.49 1.52 7.98
CA ALA A 67 2.97 1.21 6.65
C ALA A 67 3.11 2.43 5.76
N VAL A 68 2.81 3.58 6.33
CA VAL A 68 2.93 4.84 5.61
C VAL A 68 4.39 5.19 5.43
N GLN A 69 5.21 4.75 6.37
CA GLN A 69 6.64 4.99 6.32
C GLN A 69 7.28 4.05 5.32
N ALA A 70 6.70 2.87 5.22
CA ALA A 70 7.18 1.86 4.28
C ALA A 70 6.87 2.28 2.85
N LEU A 71 5.76 2.98 2.68
CA LEU A 71 5.36 3.45 1.36
C LEU A 71 6.03 4.79 1.03
N LYS A 72 6.45 5.49 2.06
CA LYS A 72 7.12 6.78 1.89
C LYS A 72 8.61 6.60 1.70
N LYS A 73 9.12 5.44 2.10
CA LYS A 73 10.53 5.13 1.97
C LYS A 73 10.75 3.92 1.08
N THR A 74 10.70 4.12 -0.23
CA THR A 74 10.89 3.05 -1.19
C THR A 74 11.79 3.49 -2.33
N GLY A 75 12.29 2.52 -3.10
CA GLY A 75 13.16 2.83 -4.22
C GLY A 75 12.91 1.93 -5.41
N LYS A 76 12.87 2.53 -6.60
CA LYS A 76 12.63 1.77 -7.82
C LYS A 76 11.26 1.09 -7.77
N GLU A 77 11.20 -0.18 -8.18
CA GLU A 77 9.94 -0.92 -8.16
C GLU A 77 9.50 -1.22 -6.73
N VAL A 78 8.20 -1.12 -6.48
CA VAL A 78 7.65 -1.38 -5.16
C VAL A 78 6.65 -2.52 -5.18
N VAL A 79 6.95 -3.60 -4.46
CA VAL A 79 6.06 -4.75 -4.39
C VAL A 79 5.07 -4.61 -3.25
N LEU A 80 3.88 -4.09 -3.58
CA LEU A 80 2.84 -3.90 -2.57
C LEU A 80 1.99 -5.16 -2.41
N GLU A 81 2.35 -5.98 -1.42
CA GLU A 81 1.63 -7.21 -1.16
C GLU A 81 0.35 -6.91 -0.37
N VAL A 82 -0.79 -7.20 -0.98
CA VAL A 82 -2.07 -6.94 -0.35
C VAL A 82 -2.99 -8.16 -0.41
N LYS A 83 -4.09 -8.10 0.33
CA LYS A 83 -5.05 -9.21 0.35
C LYS A 83 -6.47 -8.69 0.11
N TYR A 84 -7.08 -9.12 -0.98
CA TYR A 84 -8.43 -8.69 -1.33
C TYR A 84 -9.45 -9.29 -0.36
N MET A 85 -9.88 -8.49 0.60
CA MET A 85 -10.86 -8.95 1.58
C MET A 85 -12.29 -8.66 1.14
N LYS A 86 -12.42 -7.77 0.15
CA LYS A 86 -13.73 -7.41 -0.38
C LYS A 86 -14.60 -6.78 0.70
N GLU A 87 -15.23 -7.62 1.52
CA GLU A 87 -16.09 -7.14 2.60
C GLU A 87 -15.26 -6.68 3.79
N ARG A 1 -2.46 -12.04 -1.35
CA ARG A 1 -3.24 -12.46 -2.55
C ARG A 1 -2.58 -11.98 -3.83
N ARG A 2 -2.19 -10.71 -3.86
CA ARG A 2 -1.55 -10.13 -5.03
C ARG A 2 -0.56 -9.05 -4.62
N ARG A 3 0.45 -8.83 -5.45
CA ARG A 3 1.46 -7.82 -5.18
C ARG A 3 1.39 -6.67 -6.19
N VAL A 4 1.10 -5.48 -5.70
CA VAL A 4 0.99 -4.30 -6.55
C VAL A 4 2.33 -3.58 -6.64
N THR A 5 3.15 -3.97 -7.61
CA THR A 5 4.46 -3.36 -7.81
C THR A 5 4.35 -2.11 -8.66
N VAL A 6 4.61 -0.96 -8.04
CA VAL A 6 4.55 0.32 -8.74
C VAL A 6 5.91 1.00 -8.75
N ARG A 7 6.24 1.65 -9.86
CA ARG A 7 7.51 2.35 -10.00
C ARG A 7 7.39 3.80 -9.55
N LYS A 8 8.52 4.42 -9.22
CA LYS A 8 8.54 5.80 -8.77
C LYS A 8 8.83 6.75 -9.93
N ALA A 9 8.24 7.93 -9.90
CA ALA A 9 8.43 8.92 -10.93
C ALA A 9 9.67 9.78 -10.65
N ASP A 10 9.54 10.71 -9.71
CA ASP A 10 10.64 11.58 -9.35
C ASP A 10 10.25 12.49 -8.18
N ALA A 11 9.17 13.23 -8.37
CA ALA A 11 8.69 14.15 -7.33
C ALA A 11 7.38 13.65 -6.73
N GLY A 12 6.58 12.98 -7.55
CA GLY A 12 5.31 12.46 -7.09
C GLY A 12 5.47 11.31 -6.12
N GLY A 13 5.46 10.09 -6.65
CA GLY A 13 5.61 8.91 -5.82
C GLY A 13 4.36 8.05 -5.79
N LEU A 14 3.90 7.70 -4.60
CA LEU A 14 2.71 6.88 -4.44
C LEU A 14 1.47 7.75 -4.25
N GLY A 15 0.46 7.50 -5.09
CA GLY A 15 -0.77 8.27 -4.99
C GLY A 15 -1.92 7.46 -4.42
N ILE A 16 -1.84 7.16 -3.13
CA ILE A 16 -2.87 6.38 -2.46
C ILE A 16 -2.95 6.70 -0.98
N SER A 17 -4.13 6.51 -0.39
CA SER A 17 -4.33 6.77 1.03
C SER A 17 -4.61 5.47 1.75
N ILE A 18 -3.71 5.09 2.64
CA ILE A 18 -3.84 3.85 3.40
C ILE A 18 -4.30 4.13 4.84
N LYS A 19 -4.64 3.06 5.56
CA LYS A 19 -5.06 3.20 6.96
C LYS A 19 -5.03 1.83 7.65
N GLY A 20 -4.53 1.81 8.88
CA GLY A 20 -4.44 0.58 9.63
C GLY A 20 -4.09 0.80 11.08
N GLY A 21 -4.18 -0.25 11.88
CA GLY A 21 -3.87 -0.15 13.29
C GLY A 21 -3.74 -1.51 13.96
N ARG A 22 -2.53 -2.06 13.94
CA ARG A 22 -2.29 -3.37 14.55
C ARG A 22 -2.73 -3.38 16.01
N GLU A 23 -2.62 -2.23 16.65
CA GLU A 23 -3.03 -2.10 18.05
C GLU A 23 -4.51 -2.43 18.20
N ASN A 24 -5.30 -2.02 17.21
CA ASN A 24 -6.73 -2.28 17.23
C ASN A 24 -7.04 -3.60 16.51
N LYS A 25 -6.01 -4.37 16.22
CA LYS A 25 -6.17 -5.64 15.52
C LYS A 25 -6.69 -5.42 14.11
N MET A 26 -6.31 -4.29 13.52
CA MET A 26 -6.74 -3.96 12.17
C MET A 26 -5.53 -3.83 11.23
N PRO A 27 -5.44 -4.71 10.21
CA PRO A 27 -4.33 -4.66 9.26
C PRO A 27 -4.39 -3.45 8.35
N ILE A 28 -3.24 -3.02 7.84
CA ILE A 28 -3.18 -1.86 6.97
C ILE A 28 -4.03 -2.07 5.72
N LEU A 29 -4.72 -1.02 5.31
CA LEU A 29 -5.59 -1.10 4.14
C LEU A 29 -5.61 0.19 3.32
N ILE A 30 -6.22 0.12 2.14
CA ILE A 30 -6.35 1.28 1.27
C ILE A 30 -7.67 1.98 1.56
N SER A 31 -7.64 3.32 1.64
CA SER A 31 -8.85 4.07 1.96
C SER A 31 -9.16 5.17 0.94
N LYS A 32 -8.22 5.47 0.05
CA LYS A 32 -8.45 6.51 -0.94
C LYS A 32 -7.32 6.59 -1.96
N ILE A 33 -7.48 5.86 -3.05
CA ILE A 33 -6.49 5.86 -4.14
C ILE A 33 -6.67 7.10 -5.01
N PHE A 34 -5.57 7.61 -5.55
CA PHE A 34 -5.61 8.79 -6.40
C PHE A 34 -5.71 8.40 -7.87
N LYS A 35 -6.29 9.29 -8.68
CA LYS A 35 -6.45 9.05 -10.11
C LYS A 35 -5.44 9.87 -10.90
N GLY A 36 -4.87 9.26 -11.94
CA GLY A 36 -3.91 9.95 -12.77
C GLY A 36 -2.48 9.69 -12.33
N LEU A 37 -2.30 9.31 -11.06
CA LEU A 37 -0.98 9.03 -10.51
C LEU A 37 -0.59 7.58 -10.74
N ALA A 38 0.58 7.19 -10.24
CA ALA A 38 1.07 5.83 -10.38
C ALA A 38 0.04 4.81 -9.90
N ALA A 39 -0.65 5.14 -8.81
CA ALA A 39 -1.66 4.26 -8.24
C ALA A 39 -2.70 3.88 -9.30
N ASP A 40 -3.12 4.86 -10.10
CA ASP A 40 -4.11 4.63 -11.15
C ASP A 40 -3.44 4.17 -12.44
N GLN A 41 -2.12 4.30 -12.51
CA GLN A 41 -1.38 3.90 -13.69
C GLN A 41 -1.35 2.38 -13.83
N THR A 42 -1.04 1.70 -12.74
CA THR A 42 -0.98 0.24 -12.73
C THR A 42 -2.37 -0.37 -12.87
N GLU A 43 -3.39 0.45 -12.64
CA GLU A 43 -4.78 0.00 -12.74
C GLU A 43 -4.99 -1.34 -12.04
N ALA A 44 -4.38 -1.49 -10.87
CA ALA A 44 -4.49 -2.72 -10.09
C ALA A 44 -4.42 -2.45 -8.60
N LEU A 45 -5.36 -1.62 -8.10
CA LEU A 45 -5.40 -1.28 -6.68
C LEU A 45 -6.58 -0.37 -6.38
N PHE A 46 -7.67 -0.97 -5.88
CA PHE A 46 -8.87 -0.21 -5.56
C PHE A 46 -9.16 -0.27 -4.06
N VAL A 47 -9.78 0.79 -3.54
CA VAL A 47 -10.12 0.86 -2.12
C VAL A 47 -10.78 -0.43 -1.64
N GLY A 48 -10.26 -0.97 -0.55
CA GLY A 48 -10.80 -2.20 0.00
C GLY A 48 -9.75 -3.29 0.14
N ASP A 49 -8.55 -3.03 -0.36
CA ASP A 49 -7.47 -3.99 -0.29
C ASP A 49 -6.78 -3.93 1.07
N ALA A 50 -6.36 -5.08 1.58
CA ALA A 50 -5.69 -5.14 2.87
C ALA A 50 -4.19 -5.39 2.71
N ILE A 51 -3.39 -4.36 2.99
CA ILE A 51 -1.95 -4.46 2.88
C ILE A 51 -1.38 -5.32 4.00
N LEU A 52 -1.07 -6.57 3.68
CA LEU A 52 -0.52 -7.50 4.67
C LEU A 52 1.00 -7.58 4.57
N SER A 53 1.54 -7.13 3.46
CA SER A 53 2.98 -7.15 3.25
C SER A 53 3.40 -6.16 2.17
N VAL A 54 4.64 -5.70 2.24
CA VAL A 54 5.16 -4.75 1.27
C VAL A 54 6.68 -4.91 1.09
N ASN A 55 7.16 -4.63 -0.12
CA ASN A 55 8.59 -4.75 -0.43
C ASN A 55 9.16 -6.04 0.13
N GLY A 56 8.33 -7.08 0.20
CA GLY A 56 8.79 -8.35 0.72
C GLY A 56 9.05 -8.31 2.21
N GLU A 57 8.08 -7.78 2.96
CA GLU A 57 8.22 -7.69 4.41
C GLU A 57 6.86 -7.84 5.09
N ASP A 58 6.86 -8.49 6.26
CA ASP A 58 5.64 -8.70 7.02
C ASP A 58 5.29 -7.48 7.86
N LEU A 59 4.25 -6.75 7.46
CA LEU A 59 3.82 -5.56 8.18
C LEU A 59 2.76 -5.91 9.22
N SER A 60 2.63 -7.21 9.53
CA SER A 60 1.66 -7.67 10.52
C SER A 60 1.92 -7.04 11.88
N SER A 61 3.11 -6.49 12.07
CA SER A 61 3.48 -5.84 13.32
C SER A 61 4.14 -4.50 13.03
N ALA A 62 3.41 -3.64 12.32
CA ALA A 62 3.91 -2.32 11.95
C ALA A 62 2.76 -1.32 11.89
N THR A 63 2.53 -0.64 12.99
CA THR A 63 1.46 0.37 13.09
C THR A 63 1.39 1.19 11.80
N HIS A 64 0.27 1.88 11.62
CA HIS A 64 0.08 2.69 10.40
C HIS A 64 1.28 3.56 10.09
N ASP A 65 2.02 3.93 11.12
CA ASP A 65 3.19 4.77 10.93
C ASP A 65 4.33 3.98 10.32
N GLU A 66 4.35 2.69 10.58
CA GLU A 66 5.37 1.82 10.03
C GLU A 66 5.01 1.42 8.61
N ALA A 67 3.72 1.48 8.30
CA ALA A 67 3.24 1.16 6.98
C ALA A 67 3.43 2.34 6.06
N VAL A 68 3.17 3.52 6.59
CA VAL A 68 3.33 4.75 5.83
C VAL A 68 4.80 5.07 5.65
N GLN A 69 5.60 4.68 6.64
CA GLN A 69 7.04 4.90 6.56
C GLN A 69 7.67 3.85 5.66
N ALA A 70 7.05 2.68 5.65
CA ALA A 70 7.52 1.58 4.82
C ALA A 70 7.26 1.89 3.35
N LEU A 71 6.18 2.62 3.09
CA LEU A 71 5.83 3.00 1.72
C LEU A 71 6.59 4.25 1.31
N LYS A 72 6.96 5.05 2.30
CA LYS A 72 7.69 6.29 2.05
C LYS A 72 9.20 6.05 2.08
N LYS A 73 9.61 4.87 2.52
CA LYS A 73 11.03 4.53 2.58
C LYS A 73 11.41 3.55 1.48
N THR A 74 10.82 3.73 0.31
CA THR A 74 11.10 2.87 -0.83
C THR A 74 11.40 3.70 -2.08
N GLY A 75 12.09 3.08 -3.05
CA GLY A 75 12.43 3.80 -4.26
C GLY A 75 12.86 2.88 -5.39
N LYS A 76 12.34 3.14 -6.59
CA LYS A 76 12.67 2.34 -7.77
C LYS A 76 11.91 1.01 -7.80
N GLU A 77 11.20 0.69 -6.71
CA GLU A 77 10.45 -0.54 -6.65
C GLU A 77 9.54 -0.57 -5.42
N VAL A 78 8.24 -0.50 -5.64
CA VAL A 78 7.27 -0.53 -4.55
C VAL A 78 6.28 -1.67 -4.71
N VAL A 79 6.61 -2.83 -4.15
CA VAL A 79 5.75 -3.99 -4.24
C VAL A 79 4.91 -4.13 -2.97
N LEU A 80 3.67 -3.67 -3.04
CA LEU A 80 2.77 -3.74 -1.89
C LEU A 80 1.81 -4.92 -2.02
N GLU A 81 2.05 -5.96 -1.23
CA GLU A 81 1.20 -7.14 -1.23
C GLU A 81 -0.06 -6.88 -0.42
N VAL A 82 -1.20 -6.99 -1.07
CA VAL A 82 -2.48 -6.75 -0.40
C VAL A 82 -3.47 -7.88 -0.64
N LYS A 83 -4.48 -7.95 0.21
CA LYS A 83 -5.51 -8.98 0.11
C LYS A 83 -6.89 -8.35 0.07
N TYR A 84 -7.62 -8.58 -1.01
CA TYR A 84 -8.96 -8.02 -1.17
C TYR A 84 -9.94 -8.69 -0.20
N MET A 85 -9.99 -8.18 1.02
CA MET A 85 -10.89 -8.72 2.04
C MET A 85 -11.99 -7.72 2.37
N LYS A 86 -12.22 -6.76 1.49
CA LYS A 86 -13.25 -5.74 1.68
C LYS A 86 -13.32 -5.27 3.13
N GLU A 87 -12.35 -4.45 3.52
CA GLU A 87 -12.29 -3.92 4.87
C GLU A 87 -11.75 -2.49 4.89
N ARG A 1 -4.82 -13.25 -1.86
CA ARG A 1 -3.68 -12.31 -1.74
C ARG A 1 -3.02 -12.06 -3.10
N ARG A 2 -2.51 -10.85 -3.29
CA ARG A 2 -1.84 -10.50 -4.53
C ARG A 2 -0.74 -9.47 -4.29
N ARG A 3 0.24 -9.43 -5.19
CA ARG A 3 1.34 -8.50 -5.07
C ARG A 3 1.37 -7.52 -6.23
N VAL A 4 1.35 -6.23 -5.92
CA VAL A 4 1.38 -5.19 -6.95
C VAL A 4 2.75 -4.53 -7.00
N THR A 5 3.15 -4.09 -8.18
CA THR A 5 4.43 -3.43 -8.35
C THR A 5 4.27 -1.97 -8.75
N VAL A 6 4.51 -1.07 -7.81
CA VAL A 6 4.37 0.36 -8.06
C VAL A 6 5.74 1.04 -8.13
N ARG A 7 5.84 2.08 -8.94
CA ARG A 7 7.09 2.81 -9.10
C ARG A 7 6.93 4.26 -8.65
N LYS A 8 7.68 4.64 -7.61
CA LYS A 8 7.62 6.00 -7.09
C LYS A 8 8.63 6.90 -7.79
N ALA A 9 8.17 8.07 -8.24
CA ALA A 9 9.03 9.03 -8.92
C ALA A 9 9.12 10.34 -8.16
N ASP A 10 9.95 11.25 -8.65
CA ASP A 10 10.11 12.55 -8.02
C ASP A 10 8.79 13.32 -7.98
N ALA A 11 7.95 13.10 -8.98
CA ALA A 11 6.66 13.77 -9.05
C ALA A 11 5.63 13.06 -8.17
N GLY A 12 5.52 13.52 -6.93
CA GLY A 12 4.58 12.93 -6.00
C GLY A 12 4.92 11.50 -5.64
N GLY A 13 4.51 11.08 -4.44
CA GLY A 13 4.79 9.73 -4.00
C GLY A 13 4.01 8.69 -4.77
N LEU A 14 3.51 7.67 -4.06
CA LEU A 14 2.74 6.61 -4.69
C LEU A 14 1.39 7.13 -5.18
N GLY A 15 0.59 7.64 -4.26
CA GLY A 15 -0.72 8.17 -4.61
C GLY A 15 -1.85 7.29 -4.12
N ILE A 16 -1.81 6.95 -2.84
CA ILE A 16 -2.84 6.09 -2.24
C ILE A 16 -3.09 6.47 -0.79
N SER A 17 -4.36 6.38 -0.37
CA SER A 17 -4.71 6.70 1.00
C SER A 17 -5.03 5.41 1.76
N ILE A 18 -4.08 5.00 2.60
CA ILE A 18 -4.22 3.78 3.38
C ILE A 18 -4.58 4.08 4.83
N LYS A 19 -4.92 3.04 5.59
CA LYS A 19 -5.26 3.21 6.99
C LYS A 19 -5.21 1.86 7.71
N GLY A 20 -4.69 1.87 8.94
CA GLY A 20 -4.58 0.65 9.71
C GLY A 20 -4.19 0.92 11.15
N GLY A 21 -4.26 -0.11 11.98
CA GLY A 21 -3.90 0.04 13.37
C GLY A 21 -3.50 -1.27 14.02
N ARG A 22 -2.23 -1.62 13.90
CA ARG A 22 -1.72 -2.86 14.47
C ARG A 22 -2.02 -2.92 15.97
N GLU A 23 -1.97 -1.77 16.62
CA GLU A 23 -2.25 -1.70 18.05
C GLU A 23 -3.66 -2.19 18.34
N ASN A 24 -4.58 -1.88 17.43
CA ASN A 24 -5.96 -2.30 17.56
C ASN A 24 -6.18 -3.65 16.88
N LYS A 25 -5.09 -4.30 16.48
CA LYS A 25 -5.17 -5.58 15.81
C LYS A 25 -5.87 -5.44 14.46
N MET A 26 -5.70 -4.27 13.84
CA MET A 26 -6.31 -4.00 12.55
C MET A 26 -5.28 -3.96 11.44
N PRO A 27 -5.41 -4.82 10.41
CA PRO A 27 -4.47 -4.85 9.28
C PRO A 27 -4.60 -3.62 8.40
N ILE A 28 -3.47 -3.16 7.86
CA ILE A 28 -3.46 -1.98 7.02
C ILE A 28 -4.34 -2.17 5.79
N LEU A 29 -5.01 -1.11 5.37
CA LEU A 29 -5.92 -1.18 4.23
C LEU A 29 -5.90 0.10 3.40
N ILE A 30 -6.55 0.03 2.24
CA ILE A 30 -6.66 1.18 1.34
C ILE A 30 -7.97 1.92 1.60
N SER A 31 -7.99 3.23 1.42
CA SER A 31 -9.20 4.00 1.69
C SER A 31 -9.46 5.10 0.66
N LYS A 32 -8.47 5.44 -0.16
CA LYS A 32 -8.67 6.48 -1.15
C LYS A 32 -7.46 6.64 -2.07
N ILE A 33 -7.50 5.96 -3.20
CA ILE A 33 -6.41 6.04 -4.17
C ILE A 33 -6.38 7.42 -4.84
N PHE A 34 -5.25 7.77 -5.42
CA PHE A 34 -5.10 9.06 -6.08
C PHE A 34 -5.01 8.89 -7.60
N LYS A 35 -5.89 9.57 -8.31
CA LYS A 35 -5.93 9.50 -9.77
C LYS A 35 -4.79 10.32 -10.37
N GLY A 36 -4.35 9.93 -11.56
CA GLY A 36 -3.27 10.64 -12.23
C GLY A 36 -1.93 10.39 -11.58
N LEU A 37 -1.82 9.31 -10.82
CA LEU A 37 -0.58 8.96 -10.14
C LEU A 37 -0.21 7.50 -10.39
N ALA A 38 0.87 7.05 -9.78
CA ALA A 38 1.33 5.66 -9.94
C ALA A 38 0.23 4.68 -9.59
N ALA A 39 -0.65 5.08 -8.66
CA ALA A 39 -1.75 4.22 -8.24
C ALA A 39 -2.70 3.94 -9.40
N ASP A 40 -3.14 5.00 -10.06
CA ASP A 40 -4.06 4.86 -11.19
C ASP A 40 -3.33 4.45 -12.46
N GLN A 41 -2.00 4.47 -12.42
CA GLN A 41 -1.19 4.09 -13.57
C GLN A 41 -1.12 2.58 -13.71
N THR A 42 -0.83 1.89 -12.61
CA THR A 42 -0.74 0.44 -12.62
C THR A 42 -2.12 -0.22 -12.61
N GLU A 43 -3.14 0.58 -12.28
CA GLU A 43 -4.51 0.09 -12.23
C GLU A 43 -4.61 -1.26 -11.54
N ALA A 44 -3.76 -1.47 -10.52
CA ALA A 44 -3.76 -2.72 -9.78
C ALA A 44 -3.74 -2.48 -8.27
N LEU A 45 -4.67 -1.67 -7.79
CA LEU A 45 -4.77 -1.37 -6.37
C LEU A 45 -5.97 -0.48 -6.08
N PHE A 46 -7.10 -1.12 -5.76
CA PHE A 46 -8.33 -0.39 -5.48
C PHE A 46 -8.64 -0.41 -3.99
N VAL A 47 -9.55 0.46 -3.57
CA VAL A 47 -9.94 0.55 -2.16
C VAL A 47 -10.57 -0.75 -1.69
N GLY A 48 -10.30 -1.10 -0.44
CA GLY A 48 -10.83 -2.33 0.12
C GLY A 48 -9.78 -3.41 0.25
N ASP A 49 -8.64 -3.22 -0.42
CA ASP A 49 -7.56 -4.20 -0.37
C ASP A 49 -6.80 -4.10 0.95
N ALA A 50 -6.75 -5.21 1.68
CA ALA A 50 -6.07 -5.25 2.97
C ALA A 50 -4.57 -5.47 2.79
N ILE A 51 -3.80 -4.43 3.06
CA ILE A 51 -2.34 -4.50 2.93
C ILE A 51 -1.73 -5.33 4.06
N LEU A 52 -1.11 -6.44 3.70
CA LEU A 52 -0.49 -7.33 4.68
C LEU A 52 1.03 -7.38 4.51
N SER A 53 1.52 -6.82 3.42
CA SER A 53 2.95 -6.80 3.14
C SER A 53 3.30 -5.77 2.08
N VAL A 54 4.43 -5.10 2.26
CA VAL A 54 4.88 -4.08 1.32
C VAL A 54 6.40 -4.07 1.21
N ASN A 55 6.90 -3.97 -0.02
CA ASN A 55 8.34 -3.95 -0.27
C ASN A 55 9.01 -5.17 0.35
N GLY A 56 8.26 -6.27 0.44
CA GLY A 56 8.81 -7.49 1.02
C GLY A 56 8.93 -7.43 2.52
N GLU A 57 7.99 -6.73 3.16
CA GLU A 57 8.00 -6.60 4.61
C GLU A 57 6.61 -6.90 5.18
N ASP A 58 6.56 -7.84 6.11
CA ASP A 58 5.30 -8.23 6.75
C ASP A 58 4.68 -7.04 7.48
N LEU A 59 3.59 -6.50 6.93
CA LEU A 59 2.91 -5.36 7.53
C LEU A 59 1.90 -5.82 8.58
N SER A 60 1.86 -7.13 8.85
CA SER A 60 0.95 -7.69 9.85
C SER A 60 1.34 -7.25 11.26
N SER A 61 2.54 -6.69 11.39
CA SER A 61 3.04 -6.22 12.67
C SER A 61 3.79 -4.91 12.49
N ALA A 62 3.09 -3.91 11.97
CA ALA A 62 3.66 -2.60 11.72
C ALA A 62 2.57 -1.54 11.67
N THR A 63 2.38 -0.85 12.79
CA THR A 63 1.37 0.21 12.90
C THR A 63 1.29 1.03 11.61
N HIS A 64 0.19 1.75 11.43
CA HIS A 64 -0.01 2.56 10.23
C HIS A 64 1.22 3.39 9.88
N ASP A 65 1.99 3.74 10.88
CA ASP A 65 3.19 4.54 10.66
C ASP A 65 4.28 3.72 10.00
N GLU A 66 4.26 2.43 10.25
CA GLU A 66 5.24 1.53 9.66
C GLU A 66 4.85 1.21 8.22
N ALA A 67 3.57 1.26 7.96
CA ALA A 67 3.06 1.01 6.62
C ALA A 67 3.26 2.23 5.75
N VAL A 68 2.96 3.38 6.34
CA VAL A 68 3.13 4.64 5.65
C VAL A 68 4.61 4.96 5.48
N GLN A 69 5.41 4.41 6.39
CA GLN A 69 6.86 4.61 6.35
C GLN A 69 7.46 3.72 5.27
N ALA A 70 6.88 2.55 5.12
CA ALA A 70 7.34 1.59 4.13
C ALA A 70 6.98 2.04 2.73
N LEU A 71 5.87 2.79 2.61
CA LEU A 71 5.42 3.29 1.33
C LEU A 71 6.03 4.65 1.01
N LYS A 72 6.47 5.35 2.04
CA LYS A 72 7.08 6.66 1.87
C LYS A 72 8.59 6.53 1.66
N LYS A 73 9.15 5.40 2.08
CA LYS A 73 10.55 5.15 1.94
C LYS A 73 10.79 3.92 1.05
N THR A 74 11.01 4.16 -0.24
CA THR A 74 11.24 3.07 -1.18
C THR A 74 12.20 3.52 -2.28
N GLY A 75 12.70 2.55 -3.05
CA GLY A 75 13.62 2.85 -4.12
C GLY A 75 12.92 3.06 -5.44
N LYS A 76 13.03 2.09 -6.34
CA LYS A 76 12.40 2.17 -7.66
C LYS A 76 11.53 0.94 -7.92
N GLU A 77 11.06 0.32 -6.85
CA GLU A 77 10.21 -0.86 -6.96
C GLU A 77 9.62 -1.23 -5.61
N VAL A 78 8.29 -1.19 -5.51
CA VAL A 78 7.61 -1.51 -4.26
C VAL A 78 6.52 -2.56 -4.48
N VAL A 79 6.76 -3.76 -3.96
CA VAL A 79 5.81 -4.85 -4.10
C VAL A 79 4.68 -4.70 -3.07
N LEU A 80 3.62 -4.01 -3.47
CA LEU A 80 2.48 -3.78 -2.59
C LEU A 80 1.65 -5.04 -2.41
N GLU A 81 2.10 -5.94 -1.54
CA GLU A 81 1.39 -7.18 -1.29
C GLU A 81 0.13 -6.89 -0.48
N VAL A 82 -1.03 -7.03 -1.13
CA VAL A 82 -2.30 -6.79 -0.47
C VAL A 82 -3.33 -7.87 -0.81
N LYS A 83 -4.29 -8.05 0.10
CA LYS A 83 -5.34 -9.03 -0.10
C LYS A 83 -6.67 -8.34 -0.37
N TYR A 84 -7.67 -9.12 -0.76
CA TYR A 84 -8.99 -8.57 -1.06
C TYR A 84 -10.00 -8.95 0.02
N MET A 85 -10.24 -8.03 0.95
CA MET A 85 -11.18 -8.26 2.04
C MET A 85 -12.60 -7.88 1.62
N LYS A 86 -12.74 -7.30 0.44
CA LYS A 86 -14.05 -6.90 -0.07
C LYS A 86 -14.68 -5.85 0.84
N GLU A 87 -15.70 -5.17 0.33
CA GLU A 87 -16.39 -4.14 1.09
C GLU A 87 -17.85 -4.02 0.65
N ARG A 1 -4.53 -12.98 -2.59
CA ARG A 1 -3.10 -12.61 -2.37
C ARG A 1 -2.45 -12.14 -3.67
N ARG A 2 -2.06 -10.87 -3.69
CA ARG A 2 -1.43 -10.29 -4.87
C ARG A 2 -0.43 -9.20 -4.47
N ARG A 3 0.57 -8.98 -5.32
CA ARG A 3 1.57 -7.96 -5.06
C ARG A 3 1.55 -6.88 -6.13
N VAL A 4 1.00 -5.72 -5.79
CA VAL A 4 0.93 -4.60 -6.73
C VAL A 4 2.28 -3.92 -6.88
N THR A 5 3.08 -4.40 -7.82
CA THR A 5 4.40 -3.84 -8.07
C THR A 5 4.30 -2.54 -8.86
N VAL A 6 4.94 -1.48 -8.35
CA VAL A 6 4.92 -0.19 -9.01
C VAL A 6 6.28 0.13 -9.64
N ARG A 7 6.25 0.77 -10.79
CA ARG A 7 7.47 1.14 -11.49
C ARG A 7 7.93 2.55 -11.13
N LYS A 8 9.21 2.69 -10.83
CA LYS A 8 9.76 3.99 -10.46
C LYS A 8 9.54 5.02 -11.56
N ALA A 9 10.27 6.13 -11.51
CA ALA A 9 10.14 7.19 -12.51
C ALA A 9 8.77 7.85 -12.43
N ASP A 10 8.21 7.92 -11.23
CA ASP A 10 6.91 8.53 -11.01
C ASP A 10 6.97 9.60 -9.93
N ALA A 11 6.58 10.81 -10.28
CA ALA A 11 6.59 11.93 -9.34
C ALA A 11 5.76 11.61 -8.11
N GLY A 12 6.40 11.67 -6.94
CA GLY A 12 5.70 11.38 -5.70
C GLY A 12 5.85 9.93 -5.27
N GLY A 13 6.14 9.06 -6.22
CA GLY A 13 6.30 7.65 -5.90
C GLY A 13 4.98 6.91 -5.86
N LEU A 14 4.21 7.14 -4.79
CA LEU A 14 2.91 6.50 -4.63
C LEU A 14 1.79 7.54 -4.57
N GLY A 15 0.56 7.06 -4.43
CA GLY A 15 -0.57 7.96 -4.37
C GLY A 15 -1.84 7.26 -3.92
N ILE A 16 -1.99 7.05 -2.62
CA ILE A 16 -3.17 6.38 -2.08
C ILE A 16 -3.37 6.73 -0.61
N SER A 17 -4.61 6.58 -0.14
CA SER A 17 -4.94 6.86 1.25
C SER A 17 -5.20 5.55 1.99
N ILE A 18 -4.19 5.10 2.72
CA ILE A 18 -4.29 3.85 3.47
C ILE A 18 -4.65 4.11 4.93
N LYS A 19 -4.96 3.05 5.67
CA LYS A 19 -5.29 3.19 7.08
C LYS A 19 -5.22 1.82 7.77
N GLY A 20 -4.67 1.82 8.98
CA GLY A 20 -4.53 0.60 9.74
C GLY A 20 -4.19 0.86 11.19
N GLY A 21 -4.23 -0.20 12.00
CA GLY A 21 -3.92 -0.05 13.41
C GLY A 21 -3.53 -1.37 14.06
N ARG A 22 -2.25 -1.71 13.98
CA ARG A 22 -1.76 -2.95 14.57
C ARG A 22 -2.07 -3.00 16.06
N GLU A 23 -2.01 -1.85 16.71
CA GLU A 23 -2.28 -1.76 18.14
C GLU A 23 -3.68 -2.28 18.44
N ASN A 24 -4.63 -1.93 17.57
CA ASN A 24 -6.02 -2.37 17.73
C ASN A 24 -6.25 -3.68 16.98
N LYS A 25 -5.15 -4.33 16.55
CA LYS A 25 -5.25 -5.58 15.82
C LYS A 25 -5.94 -5.37 14.47
N MET A 26 -5.73 -4.18 13.90
CA MET A 26 -6.34 -3.85 12.62
C MET A 26 -5.29 -3.81 11.51
N PRO A 27 -5.41 -4.69 10.49
CA PRO A 27 -4.46 -4.75 9.38
C PRO A 27 -4.58 -3.52 8.48
N ILE A 28 -3.46 -3.10 7.90
CA ILE A 28 -3.45 -1.95 7.02
C ILE A 28 -4.34 -2.15 5.81
N LEU A 29 -5.03 -1.09 5.41
CA LEU A 29 -5.95 -1.17 4.28
C LEU A 29 -5.97 0.12 3.46
N ILE A 30 -6.63 0.05 2.31
CA ILE A 30 -6.76 1.19 1.41
C ILE A 30 -8.10 1.89 1.68
N SER A 31 -8.08 3.22 1.71
CA SER A 31 -9.30 3.97 1.99
C SER A 31 -9.59 5.03 0.92
N LYS A 32 -8.61 5.35 0.09
CA LYS A 32 -8.82 6.35 -0.95
C LYS A 32 -7.62 6.46 -1.88
N ILE A 33 -7.63 5.67 -2.95
CA ILE A 33 -6.56 5.70 -3.93
C ILE A 33 -6.65 6.94 -4.80
N PHE A 34 -5.51 7.56 -5.06
CA PHE A 34 -5.47 8.77 -5.88
C PHE A 34 -5.48 8.44 -7.37
N LYS A 35 -5.89 9.42 -8.18
CA LYS A 35 -5.95 9.24 -9.63
C LYS A 35 -4.83 10.02 -10.32
N GLY A 36 -4.22 9.40 -11.31
CA GLY A 36 -3.15 10.06 -12.04
C GLY A 36 -1.77 9.66 -11.52
N LEU A 37 -1.70 9.33 -10.23
CA LEU A 37 -0.44 8.93 -9.61
C LEU A 37 -0.10 7.48 -9.95
N ALA A 38 1.01 6.99 -9.41
CA ALA A 38 1.44 5.63 -9.64
C ALA A 38 0.35 4.63 -9.30
N ALA A 39 -0.41 4.93 -8.25
CA ALA A 39 -1.50 4.05 -7.81
C ALA A 39 -2.47 3.77 -8.96
N ASP A 40 -3.05 4.84 -9.50
CA ASP A 40 -4.01 4.70 -10.61
C ASP A 40 -3.28 4.39 -11.92
N GLN A 41 -1.96 4.50 -11.91
CA GLN A 41 -1.17 4.23 -13.10
C GLN A 41 -1.10 2.73 -13.39
N THR A 42 -0.94 1.93 -12.33
CA THR A 42 -0.88 0.48 -12.47
C THR A 42 -2.27 -0.12 -12.64
N GLU A 43 -3.29 0.66 -12.33
CA GLU A 43 -4.67 0.21 -12.44
C GLU A 43 -4.86 -1.17 -11.83
N ALA A 44 -4.14 -1.44 -10.74
CA ALA A 44 -4.23 -2.72 -10.06
C ALA A 44 -4.23 -2.54 -8.54
N LEU A 45 -5.15 -1.73 -8.05
CA LEU A 45 -5.26 -1.47 -6.62
C LEU A 45 -6.47 -0.60 -6.31
N PHE A 46 -7.56 -1.22 -5.90
CA PHE A 46 -8.78 -0.50 -5.58
C PHE A 46 -9.10 -0.58 -4.09
N VAL A 47 -9.85 0.39 -3.59
CA VAL A 47 -10.22 0.43 -2.18
C VAL A 47 -10.74 -0.92 -1.70
N GLY A 48 -10.52 -1.21 -0.42
CA GLY A 48 -10.96 -2.47 0.14
C GLY A 48 -9.84 -3.51 0.20
N ASP A 49 -8.73 -3.22 -0.46
CA ASP A 49 -7.59 -4.14 -0.47
C ASP A 49 -6.77 -4.00 0.80
N ALA A 50 -6.70 -5.09 1.58
CA ALA A 50 -5.95 -5.09 2.82
C ALA A 50 -4.47 -5.33 2.56
N ILE A 51 -3.64 -4.33 2.88
CA ILE A 51 -2.20 -4.43 2.69
C ILE A 51 -1.59 -5.37 3.72
N LEU A 52 -1.00 -6.47 3.24
CA LEU A 52 -0.39 -7.45 4.13
C LEU A 52 1.12 -7.21 4.25
N SER A 53 1.70 -6.64 3.21
CA SER A 53 3.13 -6.36 3.20
C SER A 53 3.48 -5.39 2.07
N VAL A 54 4.64 -4.74 2.20
CA VAL A 54 5.10 -3.79 1.20
C VAL A 54 6.62 -3.85 1.04
N ASN A 55 7.07 -3.96 -0.20
CA ASN A 55 8.50 -4.04 -0.49
C ASN A 55 9.14 -5.24 0.21
N GLY A 56 8.34 -6.27 0.48
CA GLY A 56 8.84 -7.45 1.14
C GLY A 56 8.90 -7.30 2.64
N GLU A 57 8.06 -6.43 3.18
CA GLU A 57 8.01 -6.20 4.62
C GLU A 57 6.63 -6.54 5.19
N ASP A 58 6.58 -7.57 6.02
CA ASP A 58 5.32 -8.00 6.63
C ASP A 58 4.73 -6.88 7.47
N LEU A 59 3.65 -6.29 6.97
CA LEU A 59 2.97 -5.20 7.68
C LEU A 59 2.01 -5.74 8.74
N SER A 60 1.95 -7.07 8.87
CA SER A 60 1.07 -7.70 9.86
C SER A 60 1.40 -7.22 11.27
N SER A 61 2.62 -6.73 11.44
CA SER A 61 3.08 -6.23 12.72
C SER A 61 3.81 -4.91 12.54
N ALA A 62 3.11 -3.96 11.94
CA ALA A 62 3.65 -2.65 11.66
C ALA A 62 2.55 -1.60 11.61
N THR A 63 2.32 -0.93 12.74
CA THR A 63 1.29 0.10 12.85
C THR A 63 1.22 0.96 11.58
N HIS A 64 0.13 1.70 11.43
CA HIS A 64 -0.05 2.54 10.25
C HIS A 64 1.17 3.38 9.94
N ASP A 65 1.95 3.68 10.97
CA ASP A 65 3.15 4.49 10.79
C ASP A 65 4.25 3.70 10.10
N GLU A 66 4.17 2.39 10.20
CA GLU A 66 5.14 1.52 9.57
C GLU A 66 4.77 1.27 8.13
N ALA A 67 3.49 1.36 7.84
CA ALA A 67 2.99 1.18 6.49
C ALA A 67 3.17 2.44 5.71
N VAL A 68 2.92 3.56 6.37
CA VAL A 68 3.08 4.86 5.75
C VAL A 68 4.54 5.20 5.60
N GLN A 69 5.35 4.74 6.54
CA GLN A 69 6.79 4.97 6.48
C GLN A 69 7.42 4.00 5.49
N ALA A 70 6.78 2.85 5.33
CA ALA A 70 7.24 1.84 4.40
C ALA A 70 7.00 2.31 2.97
N LEU A 71 5.92 3.06 2.78
CA LEU A 71 5.58 3.59 1.46
C LEU A 71 6.35 4.88 1.19
N LYS A 72 6.72 5.55 2.25
CA LYS A 72 7.47 6.81 2.14
C LYS A 72 8.97 6.55 2.07
N LYS A 73 9.38 5.34 2.42
CA LYS A 73 10.79 4.97 2.39
C LYS A 73 11.06 3.95 1.29
N THR A 74 10.32 4.06 0.19
CA THR A 74 10.48 3.15 -0.94
C THR A 74 11.72 3.49 -1.76
N GLY A 75 12.01 2.66 -2.75
CA GLY A 75 13.17 2.89 -3.60
C GLY A 75 13.28 1.87 -4.72
N LYS A 76 13.53 2.34 -5.93
CA LYS A 76 13.65 1.46 -7.08
C LYS A 76 12.33 0.70 -7.32
N GLU A 77 12.40 -0.62 -7.47
CA GLU A 77 11.19 -1.40 -7.70
C GLU A 77 10.32 -1.45 -6.45
N VAL A 78 9.03 -1.19 -6.62
CA VAL A 78 8.10 -1.18 -5.51
C VAL A 78 7.17 -2.40 -5.55
N VAL A 79 6.69 -2.81 -4.38
CA VAL A 79 5.80 -3.96 -4.27
C VAL A 79 4.82 -3.78 -3.13
N LEU A 80 3.52 -3.87 -3.43
CA LEU A 80 2.49 -3.71 -2.42
C LEU A 80 1.61 -4.96 -2.34
N GLU A 81 1.88 -5.81 -1.36
CA GLU A 81 1.11 -7.03 -1.17
C GLU A 81 -0.19 -6.74 -0.45
N VAL A 82 -1.31 -6.95 -1.15
CA VAL A 82 -2.63 -6.70 -0.58
C VAL A 82 -3.57 -7.88 -0.81
N LYS A 83 -4.71 -7.85 -0.13
CA LYS A 83 -5.71 -8.91 -0.27
C LYS A 83 -7.11 -8.33 -0.22
N TYR A 84 -7.86 -8.52 -1.31
CA TYR A 84 -9.22 -8.00 -1.39
C TYR A 84 -10.16 -8.76 -0.45
N MET A 85 -10.43 -8.17 0.71
CA MET A 85 -11.31 -8.80 1.69
C MET A 85 -12.39 -7.83 2.15
N LYS A 86 -12.69 -6.83 1.32
CA LYS A 86 -13.71 -5.84 1.65
C LYS A 86 -13.37 -5.10 2.94
N GLU A 87 -13.98 -3.94 3.13
CA GLU A 87 -13.74 -3.14 4.32
C GLU A 87 -14.91 -3.26 5.30
N ARG A 1 -4.89 -12.76 -2.71
CA ARG A 1 -3.41 -12.65 -2.64
C ARG A 1 -2.83 -12.14 -3.95
N ARG A 2 -2.27 -10.93 -3.92
CA ARG A 2 -1.67 -10.34 -5.11
C ARG A 2 -0.69 -9.24 -4.74
N ARG A 3 0.45 -9.21 -5.41
CA ARG A 3 1.47 -8.21 -5.14
C ARG A 3 1.39 -7.06 -6.14
N VAL A 4 1.44 -5.83 -5.62
CA VAL A 4 1.38 -4.64 -6.47
C VAL A 4 2.73 -3.94 -6.50
N THR A 5 3.11 -3.45 -7.68
CA THR A 5 4.38 -2.76 -7.82
C THR A 5 4.17 -1.31 -8.24
N VAL A 6 4.84 -0.40 -7.52
CA VAL A 6 4.74 1.03 -7.82
C VAL A 6 6.11 1.63 -8.07
N ARG A 7 6.18 2.55 -9.04
CA ARG A 7 7.45 3.20 -9.38
C ARG A 7 7.34 4.71 -9.21
N LYS A 8 8.40 5.33 -8.70
CA LYS A 8 8.43 6.76 -8.50
C LYS A 8 8.39 7.51 -9.82
N ALA A 9 7.62 8.60 -9.85
CA ALA A 9 7.49 9.40 -11.07
C ALA A 9 8.17 10.76 -10.90
N ASP A 10 8.13 11.57 -11.96
CA ASP A 10 8.74 12.89 -11.92
C ASP A 10 8.11 13.76 -10.84
N ALA A 11 6.78 13.78 -10.82
CA ALA A 11 6.04 14.57 -9.84
C ALA A 11 5.12 13.69 -9.00
N GLY A 12 5.68 13.03 -7.99
CA GLY A 12 4.90 12.16 -7.14
C GLY A 12 5.21 10.70 -7.36
N GLY A 13 5.47 9.98 -6.26
CA GLY A 13 5.79 8.57 -6.37
C GLY A 13 4.57 7.69 -6.13
N LEU A 14 3.90 7.90 -5.01
CA LEU A 14 2.72 7.12 -4.66
C LEU A 14 1.46 7.97 -4.74
N GLY A 15 0.32 7.32 -4.90
CA GLY A 15 -0.94 8.03 -4.99
C GLY A 15 -2.10 7.22 -4.44
N ILE A 16 -2.16 7.10 -3.12
CA ILE A 16 -3.22 6.34 -2.46
C ILE A 16 -3.25 6.61 -0.96
N SER A 17 -4.43 6.54 -0.37
CA SER A 17 -4.57 6.77 1.06
C SER A 17 -4.92 5.46 1.77
N ILE A 18 -4.03 5.04 2.67
CA ILE A 18 -4.21 3.80 3.42
C ILE A 18 -4.53 4.09 4.88
N LYS A 19 -4.91 3.04 5.62
CA LYS A 19 -5.21 3.17 7.04
C LYS A 19 -5.17 1.80 7.71
N GLY A 20 -4.58 1.76 8.91
CA GLY A 20 -4.47 0.51 9.63
C GLY A 20 -3.99 0.70 11.05
N GLY A 21 -4.03 -0.36 11.85
CA GLY A 21 -3.60 -0.28 13.22
C GLY A 21 -3.33 -1.64 13.84
N ARG A 22 -2.09 -2.11 13.71
CA ARG A 22 -1.71 -3.41 14.25
C ARG A 22 -1.97 -3.47 15.75
N GLU A 23 -1.75 -2.35 16.43
CA GLU A 23 -1.97 -2.28 17.87
C GLU A 23 -3.41 -2.70 18.20
N ASN A 24 -4.35 -2.23 17.40
CA ASN A 24 -5.76 -2.57 17.59
C ASN A 24 -6.13 -3.83 16.80
N LYS A 25 -5.12 -4.56 16.34
CA LYS A 25 -5.34 -5.77 15.55
C LYS A 25 -6.04 -5.45 14.25
N MET A 26 -5.78 -4.26 13.71
CA MET A 26 -6.38 -3.83 12.47
C MET A 26 -5.35 -3.81 11.34
N PRO A 27 -5.51 -4.69 10.32
CA PRO A 27 -4.57 -4.76 9.20
C PRO A 27 -4.67 -3.53 8.30
N ILE A 28 -3.54 -3.13 7.73
CA ILE A 28 -3.49 -1.96 6.86
C ILE A 28 -4.40 -2.14 5.65
N LEU A 29 -5.07 -1.06 5.26
CA LEU A 29 -5.99 -1.11 4.14
C LEU A 29 -6.00 0.20 3.35
N ILE A 30 -6.66 0.17 2.19
CA ILE A 30 -6.78 1.34 1.33
C ILE A 30 -8.07 2.08 1.67
N SER A 31 -8.02 3.42 1.68
CA SER A 31 -9.20 4.20 2.02
C SER A 31 -9.46 5.36 1.05
N LYS A 32 -8.53 5.64 0.14
CA LYS A 32 -8.74 6.73 -0.80
C LYS A 32 -7.69 6.73 -1.91
N ILE A 33 -7.99 6.03 -2.99
CA ILE A 33 -7.10 5.95 -4.14
C ILE A 33 -7.06 7.28 -4.88
N PHE A 34 -6.02 7.47 -5.70
CA PHE A 34 -5.88 8.71 -6.46
C PHE A 34 -5.97 8.44 -7.96
N LYS A 35 -6.06 9.50 -8.74
CA LYS A 35 -6.15 9.38 -10.20
C LYS A 35 -5.01 10.14 -10.88
N GLY A 36 -4.68 9.71 -12.10
CA GLY A 36 -3.62 10.35 -12.83
C GLY A 36 -2.27 10.21 -12.18
N LEU A 37 -2.08 9.11 -11.44
CA LEU A 37 -0.83 8.85 -10.75
C LEU A 37 -0.41 7.39 -10.92
N ALA A 38 0.71 7.03 -10.30
CA ALA A 38 1.23 5.67 -10.38
C ALA A 38 0.21 4.67 -9.86
N ALA A 39 -0.54 5.06 -8.84
CA ALA A 39 -1.55 4.19 -8.25
C ALA A 39 -2.59 3.78 -9.30
N ASP A 40 -3.17 4.76 -9.96
CA ASP A 40 -4.19 4.50 -10.98
C ASP A 40 -3.55 4.05 -12.29
N GLN A 41 -2.22 4.15 -12.37
CA GLN A 41 -1.50 3.76 -13.57
C GLN A 41 -1.36 2.23 -13.64
N THR A 42 -1.08 1.61 -12.50
CA THR A 42 -0.94 0.17 -12.44
C THR A 42 -2.30 -0.54 -12.41
N GLU A 43 -3.35 0.24 -12.18
CA GLU A 43 -4.71 -0.30 -12.13
C GLU A 43 -4.77 -1.61 -11.36
N ALA A 44 -4.00 -1.70 -10.29
CA ALA A 44 -3.96 -2.91 -9.48
C ALA A 44 -3.95 -2.57 -7.99
N LEU A 45 -4.79 -1.61 -7.59
CA LEU A 45 -4.87 -1.20 -6.20
C LEU A 45 -6.02 -0.22 -6.00
N PHE A 46 -7.18 -0.72 -5.60
CA PHE A 46 -8.35 0.12 -5.37
C PHE A 46 -8.84 0.01 -3.93
N VAL A 47 -9.68 0.95 -3.53
CA VAL A 47 -10.23 0.96 -2.18
C VAL A 47 -10.82 -0.38 -1.79
N GLY A 48 -10.55 -0.81 -0.55
CA GLY A 48 -11.05 -2.09 -0.10
C GLY A 48 -9.97 -3.14 0.02
N ASP A 49 -8.80 -2.85 -0.56
CA ASP A 49 -7.67 -3.79 -0.51
C ASP A 49 -6.99 -3.74 0.85
N ALA A 50 -6.76 -4.92 1.43
CA ALA A 50 -6.12 -5.01 2.73
C ALA A 50 -4.62 -5.30 2.59
N ILE A 51 -3.80 -4.29 2.86
CA ILE A 51 -2.35 -4.43 2.76
C ILE A 51 -1.83 -5.26 3.93
N LEU A 52 -1.21 -6.41 3.62
CA LEU A 52 -0.67 -7.28 4.63
C LEU A 52 0.85 -7.39 4.55
N SER A 53 1.42 -6.89 3.46
CA SER A 53 2.87 -6.94 3.26
C SER A 53 3.33 -5.90 2.26
N VAL A 54 4.59 -5.49 2.38
CA VAL A 54 5.17 -4.49 1.49
C VAL A 54 6.68 -4.67 1.36
N ASN A 55 7.19 -4.57 0.14
CA ASN A 55 8.62 -4.72 -0.12
C ASN A 55 9.14 -6.03 0.47
N GLY A 56 8.26 -7.02 0.60
CA GLY A 56 8.65 -8.30 1.14
C GLY A 56 8.75 -8.29 2.66
N GLU A 57 7.84 -7.55 3.30
CA GLU A 57 7.84 -7.46 4.75
C GLU A 57 6.42 -7.65 5.30
N ASP A 58 6.33 -8.10 6.55
CA ASP A 58 5.05 -8.33 7.20
C ASP A 58 4.55 -7.06 7.90
N LEU A 59 3.53 -6.44 7.30
CA LEU A 59 2.96 -5.22 7.86
C LEU A 59 2.02 -5.53 9.03
N SER A 60 1.79 -6.82 9.28
CA SER A 60 0.90 -7.24 10.36
C SER A 60 1.41 -6.72 11.71
N SER A 61 2.70 -6.39 11.76
CA SER A 61 3.31 -5.88 12.97
C SER A 61 4.06 -4.59 12.67
N ALA A 62 3.34 -3.65 12.06
CA ALA A 62 3.91 -2.36 11.69
C ALA A 62 2.83 -1.29 11.67
N THR A 63 2.71 -0.58 12.78
CA THR A 63 1.72 0.50 12.92
C THR A 63 1.56 1.26 11.61
N HIS A 64 0.42 1.93 11.45
CA HIS A 64 0.15 2.68 10.23
C HIS A 64 1.32 3.55 9.81
N ASP A 65 2.12 3.96 10.77
CA ASP A 65 3.27 4.80 10.48
C ASP A 65 4.39 3.99 9.86
N GLU A 66 4.42 2.71 10.18
CA GLU A 66 5.44 1.82 9.63
C GLU A 66 5.04 1.37 8.23
N ALA A 67 3.73 1.38 8.00
CA ALA A 67 3.20 1.01 6.70
C ALA A 67 3.35 2.16 5.73
N VAL A 68 3.02 3.34 6.23
CA VAL A 68 3.13 4.55 5.43
C VAL A 68 4.60 4.92 5.24
N GLN A 69 5.42 4.50 6.18
CA GLN A 69 6.85 4.76 6.12
C GLN A 69 7.51 3.75 5.18
N ALA A 70 6.92 2.57 5.12
CA ALA A 70 7.41 1.52 4.25
C ALA A 70 7.12 1.84 2.79
N LEU A 71 6.00 2.52 2.56
CA LEU A 71 5.60 2.91 1.21
C LEU A 71 6.27 4.22 0.81
N LYS A 72 6.60 5.03 1.80
CA LYS A 72 7.25 6.31 1.56
C LYS A 72 8.77 6.18 1.58
N LYS A 73 9.26 5.04 2.03
CA LYS A 73 10.69 4.79 2.10
C LYS A 73 11.05 3.47 1.41
N THR A 74 11.34 3.55 0.12
CA THR A 74 11.70 2.36 -0.66
C THR A 74 12.69 2.72 -1.77
N GLY A 75 13.05 1.72 -2.57
CA GLY A 75 13.98 1.95 -3.67
C GLY A 75 13.32 1.84 -5.03
N LYS A 76 12.91 2.96 -5.58
CA LYS A 76 12.27 2.98 -6.89
C LYS A 76 10.99 2.15 -6.88
N GLU A 77 11.13 0.88 -7.18
CA GLU A 77 10.00 -0.04 -7.22
C GLU A 77 9.59 -0.46 -5.80
N VAL A 78 8.29 -0.63 -5.60
CA VAL A 78 7.77 -1.02 -4.29
C VAL A 78 6.70 -2.11 -4.44
N VAL A 79 7.00 -3.30 -3.95
CA VAL A 79 6.07 -4.42 -4.03
C VAL A 79 5.15 -4.45 -2.82
N LEU A 80 3.98 -3.86 -2.94
CA LEU A 80 3.01 -3.82 -1.84
C LEU A 80 2.03 -4.98 -1.95
N GLU A 81 2.26 -6.02 -1.16
CA GLU A 81 1.40 -7.20 -1.15
C GLU A 81 0.08 -6.88 -0.44
N VAL A 82 -1.03 -7.18 -1.09
CA VAL A 82 -2.34 -6.93 -0.52
C VAL A 82 -3.31 -8.06 -0.83
N LYS A 83 -4.38 -8.13 -0.04
CA LYS A 83 -5.40 -9.16 -0.22
C LYS A 83 -6.79 -8.54 -0.35
N TYR A 84 -7.41 -8.75 -1.50
CA TYR A 84 -8.74 -8.21 -1.75
C TYR A 84 -9.79 -8.92 -0.89
N MET A 85 -10.34 -8.19 0.08
CA MET A 85 -11.35 -8.75 0.97
C MET A 85 -12.52 -7.78 1.16
N LYS A 86 -12.67 -6.85 0.22
CA LYS A 86 -13.74 -5.87 0.29
C LYS A 86 -15.11 -6.52 0.07
N GLU A 87 -15.96 -6.47 1.07
CA GLU A 87 -17.29 -7.06 0.99
C GLU A 87 -18.32 -6.21 1.72
N ARG A 1 -2.84 -11.89 -1.57
CA ARG A 1 -3.56 -12.36 -2.77
C ARG A 1 -2.88 -11.88 -4.05
N ARG A 2 -2.37 -10.65 -4.01
CA ARG A 2 -1.69 -10.07 -5.16
C ARG A 2 -0.61 -9.10 -4.71
N ARG A 3 0.39 -8.90 -5.57
CA ARG A 3 1.49 -8.00 -5.28
C ARG A 3 1.58 -6.88 -6.31
N VAL A 4 1.05 -5.71 -5.96
CA VAL A 4 1.08 -4.57 -6.85
C VAL A 4 2.47 -3.94 -6.94
N THR A 5 3.14 -4.16 -8.08
CA THR A 5 4.48 -3.62 -8.28
C THR A 5 4.43 -2.32 -9.07
N VAL A 6 5.03 -1.27 -8.51
CA VAL A 6 5.05 0.03 -9.16
C VAL A 6 6.47 0.58 -9.25
N ARG A 7 6.75 1.33 -10.32
CA ARG A 7 8.07 1.90 -10.52
C ARG A 7 8.03 3.42 -10.36
N LYS A 8 8.91 3.94 -9.50
CA LYS A 8 8.98 5.37 -9.25
C LYS A 8 9.63 6.10 -10.42
N ALA A 9 9.58 7.42 -10.39
CA ALA A 9 10.17 8.24 -11.46
C ALA A 9 10.62 9.59 -10.91
N ASP A 10 9.75 10.24 -10.14
CA ASP A 10 10.05 11.55 -9.58
C ASP A 10 9.90 11.52 -8.06
N ALA A 11 10.18 12.66 -7.43
CA ALA A 11 10.08 12.77 -5.98
C ALA A 11 8.62 12.89 -5.54
N GLY A 12 8.24 12.12 -4.53
CA GLY A 12 6.88 12.15 -4.04
C GLY A 12 6.43 10.81 -3.49
N GLY A 13 6.69 9.75 -4.24
CA GLY A 13 6.30 8.41 -3.81
C GLY A 13 5.08 7.91 -4.55
N LEU A 14 4.24 7.16 -3.85
CA LEU A 14 3.02 6.60 -4.44
C LEU A 14 1.85 7.54 -4.24
N GLY A 15 0.70 7.17 -4.80
CA GLY A 15 -0.49 7.98 -4.68
C GLY A 15 -1.69 7.21 -4.17
N ILE A 16 -1.72 6.99 -2.85
CA ILE A 16 -2.82 6.25 -2.24
C ILE A 16 -2.93 6.56 -0.75
N SER A 17 -4.15 6.48 -0.23
CA SER A 17 -4.38 6.72 1.20
C SER A 17 -4.72 5.42 1.90
N ILE A 18 -3.84 5.00 2.80
CA ILE A 18 -4.02 3.76 3.54
C ILE A 18 -4.44 4.03 4.98
N LYS A 19 -4.83 2.96 5.69
CA LYS A 19 -5.21 3.08 7.09
C LYS A 19 -5.16 1.72 7.77
N GLY A 20 -4.62 1.69 8.99
CA GLY A 20 -4.50 0.45 9.73
C GLY A 20 -4.08 0.68 11.17
N GLY A 21 -4.12 -0.39 11.96
CA GLY A 21 -3.74 -0.29 13.35
C GLY A 21 -3.53 -1.64 14.00
N ARG A 22 -2.30 -2.16 13.89
CA ARG A 22 -1.97 -3.46 14.47
C ARG A 22 -2.31 -3.50 15.94
N GLU A 23 -2.12 -2.37 16.63
CA GLU A 23 -2.41 -2.28 18.05
C GLU A 23 -3.89 -2.59 18.30
N ASN A 24 -4.74 -2.15 17.38
CA ASN A 24 -6.18 -2.39 17.50
C ASN A 24 -6.56 -3.70 16.81
N LYS A 25 -5.56 -4.46 16.40
CA LYS A 25 -5.81 -5.73 15.72
C LYS A 25 -6.40 -5.49 14.34
N MET A 26 -6.04 -4.36 13.73
CA MET A 26 -6.54 -4.01 12.41
C MET A 26 -5.40 -3.91 11.40
N PRO A 27 -5.40 -4.78 10.36
CA PRO A 27 -4.36 -4.76 9.34
C PRO A 27 -4.46 -3.55 8.42
N ILE A 28 -3.33 -3.09 7.91
CA ILE A 28 -3.30 -1.93 7.02
C ILE A 28 -4.15 -2.16 5.78
N LEU A 29 -4.85 -1.12 5.36
CA LEU A 29 -5.73 -1.20 4.19
C LEU A 29 -5.74 0.09 3.38
N ILE A 30 -6.35 0.02 2.20
CA ILE A 30 -6.46 1.17 1.32
C ILE A 30 -7.77 1.90 1.59
N SER A 31 -7.74 3.24 1.62
CA SER A 31 -8.94 4.01 1.90
C SER A 31 -9.19 5.13 0.90
N LYS A 32 -8.21 5.42 0.04
CA LYS A 32 -8.37 6.48 -0.94
C LYS A 32 -7.21 6.56 -1.91
N ILE A 33 -7.35 5.85 -3.03
CA ILE A 33 -6.31 5.84 -4.07
C ILE A 33 -6.38 7.13 -4.88
N PHE A 34 -5.23 7.56 -5.39
CA PHE A 34 -5.16 8.77 -6.19
C PHE A 34 -5.27 8.46 -7.69
N LYS A 35 -5.90 9.36 -8.43
CA LYS A 35 -6.07 9.17 -9.87
C LYS A 35 -4.98 9.91 -10.64
N GLY A 36 -4.43 9.26 -11.65
CA GLY A 36 -3.38 9.87 -12.45
C GLY A 36 -2.00 9.46 -11.99
N LEU A 37 -1.84 9.26 -10.68
CA LEU A 37 -0.56 8.87 -10.12
C LEU A 37 -0.27 7.40 -10.39
N ALA A 38 0.85 6.91 -9.85
CA ALA A 38 1.25 5.52 -10.05
C ALA A 38 0.15 4.57 -9.58
N ALA A 39 -0.58 4.97 -8.55
CA ALA A 39 -1.66 4.14 -8.01
C ALA A 39 -2.68 3.80 -9.09
N ASP A 40 -3.15 4.82 -9.81
CA ASP A 40 -4.13 4.61 -10.88
C ASP A 40 -3.45 4.23 -12.19
N GLN A 41 -2.12 4.34 -12.23
CA GLN A 41 -1.35 4.01 -13.42
C GLN A 41 -1.26 2.50 -13.61
N THR A 42 -1.11 1.77 -12.50
CA THR A 42 -1.01 0.32 -12.54
C THR A 42 -2.38 -0.33 -12.64
N GLU A 43 -3.42 0.44 -12.33
CA GLU A 43 -4.79 -0.05 -12.38
C GLU A 43 -4.92 -1.42 -11.70
N ALA A 44 -4.19 -1.60 -10.62
CA ALA A 44 -4.23 -2.87 -9.88
C ALA A 44 -4.19 -2.62 -8.37
N LEU A 45 -5.09 -1.78 -7.88
CA LEU A 45 -5.15 -1.46 -6.47
C LEU A 45 -6.30 -0.51 -6.16
N PHE A 46 -7.46 -1.07 -5.87
CA PHE A 46 -8.64 -0.28 -5.56
C PHE A 46 -8.97 -0.30 -4.08
N VAL A 47 -9.58 0.76 -3.59
CA VAL A 47 -9.94 0.87 -2.17
C VAL A 47 -10.63 -0.41 -1.68
N GLY A 48 -10.13 -0.95 -0.57
CA GLY A 48 -10.69 -2.17 -0.02
C GLY A 48 -9.68 -3.29 0.10
N ASP A 49 -8.48 -3.08 -0.46
CA ASP A 49 -7.44 -4.09 -0.42
C ASP A 49 -6.61 -3.96 0.87
N ALA A 50 -6.56 -5.03 1.64
CA ALA A 50 -5.81 -5.04 2.89
C ALA A 50 -4.33 -5.32 2.64
N ILE A 51 -3.48 -4.34 2.94
CA ILE A 51 -2.05 -4.49 2.75
C ILE A 51 -1.43 -5.33 3.87
N LEU A 52 -1.22 -6.61 3.59
CA LEU A 52 -0.64 -7.52 4.57
C LEU A 52 0.88 -7.57 4.46
N SER A 53 1.40 -7.07 3.35
CA SER A 53 2.85 -7.06 3.12
C SER A 53 3.23 -6.02 2.08
N VAL A 54 4.38 -5.37 2.30
CA VAL A 54 4.86 -4.36 1.37
C VAL A 54 6.38 -4.38 1.30
N ASN A 55 6.92 -4.13 0.11
CA ASN A 55 8.37 -4.11 -0.09
C ASN A 55 8.98 -5.44 0.35
N GLY A 56 8.19 -6.51 0.32
CA GLY A 56 8.68 -7.81 0.73
C GLY A 56 8.81 -7.93 2.23
N GLU A 57 7.90 -7.30 2.96
CA GLU A 57 7.93 -7.35 4.42
C GLU A 57 6.52 -7.47 4.99
N ASP A 58 6.40 -8.20 6.09
CA ASP A 58 5.11 -8.41 6.73
C ASP A 58 4.71 -7.20 7.56
N LEU A 59 3.71 -6.47 7.10
CA LEU A 59 3.22 -5.29 7.80
C LEU A 59 2.19 -5.66 8.87
N SER A 60 1.98 -6.96 9.07
CA SER A 60 1.03 -7.44 10.06
C SER A 60 1.37 -6.88 11.45
N SER A 61 2.63 -6.51 11.64
CA SER A 61 3.09 -5.95 12.90
C SER A 61 3.88 -4.67 12.64
N ALA A 62 3.23 -3.75 11.95
CA ALA A 62 3.86 -2.47 11.61
C ALA A 62 2.85 -1.34 11.66
N THR A 63 2.71 -0.74 12.84
CA THR A 63 1.77 0.37 13.05
C THR A 63 1.63 1.24 11.79
N HIS A 64 0.45 1.82 11.61
CA HIS A 64 0.17 2.65 10.44
C HIS A 64 1.27 3.67 10.18
N ASP A 65 1.95 4.06 11.23
CA ASP A 65 3.02 5.05 11.10
C ASP A 65 4.24 4.44 10.45
N GLU A 66 4.51 3.20 10.81
CA GLU A 66 5.64 2.48 10.25
C GLU A 66 5.23 1.95 8.88
N ALA A 67 3.92 1.80 8.69
CA ALA A 67 3.38 1.33 7.43
C ALA A 67 3.41 2.44 6.41
N VAL A 68 2.97 3.62 6.83
CA VAL A 68 2.97 4.78 5.96
C VAL A 68 4.40 5.23 5.70
N GLN A 69 5.25 4.98 6.67
CA GLN A 69 6.67 5.33 6.56
C GLN A 69 7.36 4.34 5.63
N ALA A 70 6.86 3.13 5.62
CA ALA A 70 7.40 2.08 4.77
C ALA A 70 7.07 2.36 3.30
N LEU A 71 5.88 2.91 3.07
CA LEU A 71 5.45 3.25 1.73
C LEU A 71 6.07 4.55 1.27
N LYS A 72 6.44 5.38 2.23
CA LYS A 72 7.06 6.67 1.94
C LYS A 72 8.58 6.54 1.89
N LYS A 73 9.10 5.41 2.37
CA LYS A 73 10.53 5.16 2.37
C LYS A 73 10.91 4.13 1.31
N THR A 74 10.08 4.03 0.27
CA THR A 74 10.32 3.08 -0.81
C THR A 74 11.16 3.72 -1.92
N GLY A 75 11.71 2.88 -2.79
CA GLY A 75 12.52 3.36 -3.89
C GLY A 75 12.55 2.40 -5.06
N LYS A 76 12.47 2.93 -6.27
CA LYS A 76 12.49 2.10 -7.47
C LYS A 76 11.28 1.16 -7.48
N GLU A 77 11.50 -0.14 -7.73
CA GLU A 77 10.41 -1.11 -7.75
C GLU A 77 9.84 -1.32 -6.36
N VAL A 78 8.55 -1.07 -6.20
CA VAL A 78 7.88 -1.24 -4.91
C VAL A 78 6.77 -2.28 -5.00
N VAL A 79 6.91 -3.34 -4.21
CA VAL A 79 5.92 -4.41 -4.18
C VAL A 79 4.90 -4.20 -3.07
N LEU A 80 3.65 -3.97 -3.44
CA LEU A 80 2.58 -3.76 -2.46
C LEU A 80 1.66 -4.97 -2.40
N GLU A 81 2.01 -5.94 -1.55
CA GLU A 81 1.21 -7.14 -1.39
C GLU A 81 -0.05 -6.84 -0.58
N VAL A 82 -1.20 -6.96 -1.22
CA VAL A 82 -2.47 -6.70 -0.56
C VAL A 82 -3.46 -7.84 -0.76
N LYS A 83 -4.57 -7.80 -0.03
CA LYS A 83 -5.59 -8.83 -0.11
C LYS A 83 -6.99 -8.21 -0.06
N TYR A 84 -7.74 -8.36 -1.15
CA TYR A 84 -9.09 -7.82 -1.21
C TYR A 84 -10.03 -8.59 -0.30
N MET A 85 -10.18 -8.09 0.93
CA MET A 85 -11.05 -8.73 1.91
C MET A 85 -12.44 -8.09 1.93
N LYS A 86 -12.61 -7.03 1.16
CA LYS A 86 -13.89 -6.33 1.09
C LYS A 86 -14.28 -5.77 2.46
N GLU A 87 -15.27 -4.89 2.47
CA GLU A 87 -15.74 -4.28 3.71
C GLU A 87 -17.12 -4.79 4.07
N ARG A 1 -3.29 -11.92 -0.97
CA ARG A 1 -4.00 -12.49 -2.15
C ARG A 1 -3.63 -11.76 -3.44
N ARG A 2 -3.18 -10.50 -3.30
CA ARG A 2 -2.80 -9.70 -4.45
C ARG A 2 -1.37 -9.20 -4.30
N ARG A 3 -0.74 -8.88 -5.43
CA ARG A 3 0.63 -8.38 -5.42
C ARG A 3 0.81 -7.30 -6.47
N VAL A 4 1.04 -6.07 -6.03
CA VAL A 4 1.24 -4.95 -6.94
C VAL A 4 2.70 -4.52 -6.97
N THR A 5 3.07 -3.76 -7.99
CA THR A 5 4.45 -3.29 -8.13
C THR A 5 4.48 -1.84 -8.61
N VAL A 6 4.97 -0.95 -7.75
CA VAL A 6 5.05 0.46 -8.08
C VAL A 6 6.49 0.96 -7.93
N ARG A 7 6.93 1.76 -8.90
CA ARG A 7 8.29 2.31 -8.88
C ARG A 7 8.26 3.80 -8.55
N LYS A 8 9.31 4.26 -7.87
CA LYS A 8 9.41 5.66 -7.49
C LYS A 8 10.80 6.21 -7.78
N ALA A 9 11.44 5.67 -8.81
CA ALA A 9 12.77 6.10 -9.19
C ALA A 9 12.78 7.57 -9.62
N ASP A 10 13.98 8.12 -9.79
CA ASP A 10 14.14 9.52 -10.20
C ASP A 10 13.57 10.46 -9.14
N ALA A 11 12.25 10.61 -9.13
CA ALA A 11 11.58 11.49 -8.17
C ALA A 11 10.07 11.38 -8.28
N GLY A 12 9.36 12.06 -7.39
CA GLY A 12 7.91 12.03 -7.41
C GLY A 12 7.32 11.39 -6.16
N GLY A 13 6.05 11.02 -6.23
CA GLY A 13 5.40 10.41 -5.09
C GLY A 13 4.18 9.60 -5.49
N LEU A 14 3.76 8.69 -4.61
CA LEU A 14 2.61 7.84 -4.88
C LEU A 14 1.31 8.63 -4.71
N GLY A 15 0.18 7.95 -4.86
CA GLY A 15 -1.11 8.59 -4.74
C GLY A 15 -2.17 7.66 -4.22
N ILE A 16 -2.17 7.40 -2.91
CA ILE A 16 -3.14 6.52 -2.30
C ILE A 16 -3.32 6.81 -0.82
N SER A 17 -4.54 6.59 -0.33
CA SER A 17 -4.85 6.83 1.08
C SER A 17 -5.08 5.50 1.79
N ILE A 18 -4.15 5.12 2.65
CA ILE A 18 -4.23 3.86 3.38
C ILE A 18 -4.53 4.09 4.85
N LYS A 19 -4.83 3.01 5.58
CA LYS A 19 -5.10 3.11 7.01
C LYS A 19 -5.01 1.73 7.67
N GLY A 20 -4.43 1.70 8.86
CA GLY A 20 -4.27 0.44 9.58
C GLY A 20 -3.81 0.64 11.00
N GLY A 21 -3.83 -0.44 11.77
CA GLY A 21 -3.42 -0.36 13.17
C GLY A 21 -3.30 -1.73 13.80
N ARG A 22 -2.12 -2.34 13.69
CA ARG A 22 -1.88 -3.66 14.27
C ARG A 22 -2.22 -3.66 15.76
N GLU A 23 -2.09 -2.51 16.40
CA GLU A 23 -2.40 -2.38 17.81
C GLU A 23 -3.88 -2.65 18.06
N ASN A 24 -4.71 -2.23 17.12
CA ASN A 24 -6.15 -2.44 17.23
C ASN A 24 -6.55 -3.76 16.56
N LYS A 25 -5.56 -4.55 16.17
CA LYS A 25 -5.80 -5.83 15.53
C LYS A 25 -6.38 -5.63 14.13
N MET A 26 -6.00 -4.52 13.50
CA MET A 26 -6.48 -4.21 12.16
C MET A 26 -5.32 -4.02 11.20
N PRO A 27 -5.21 -4.88 10.16
CA PRO A 27 -4.14 -4.79 9.16
C PRO A 27 -4.31 -3.55 8.29
N ILE A 28 -3.20 -3.13 7.68
CA ILE A 28 -3.23 -1.95 6.81
C ILE A 28 -4.20 -2.15 5.65
N LEU A 29 -4.90 -1.08 5.28
CA LEU A 29 -5.88 -1.16 4.20
C LEU A 29 -5.91 0.11 3.37
N ILE A 30 -6.63 0.05 2.25
CA ILE A 30 -6.78 1.18 1.35
C ILE A 30 -8.05 1.95 1.70
N SER A 31 -8.03 3.27 1.56
CA SER A 31 -9.20 4.08 1.89
C SER A 31 -9.51 5.15 0.86
N LYS A 32 -8.58 5.45 -0.03
CA LYS A 32 -8.81 6.47 -1.04
C LYS A 32 -7.64 6.59 -2.02
N ILE A 33 -7.72 5.86 -3.13
CA ILE A 33 -6.69 5.90 -4.15
C ILE A 33 -6.84 7.16 -5.01
N PHE A 34 -5.76 7.56 -5.66
CA PHE A 34 -5.79 8.75 -6.50
C PHE A 34 -5.71 8.38 -7.98
N LYS A 35 -6.42 9.13 -8.81
CA LYS A 35 -6.43 8.90 -10.24
C LYS A 35 -5.33 9.69 -10.95
N GLY A 36 -4.68 9.05 -11.93
CA GLY A 36 -3.61 9.70 -12.66
C GLY A 36 -2.24 9.43 -12.07
N LEU A 37 -2.15 9.48 -10.74
CA LEU A 37 -0.89 9.23 -10.06
C LEU A 37 -0.43 7.80 -10.25
N ALA A 38 0.69 7.44 -9.61
CA ALA A 38 1.24 6.10 -9.70
C ALA A 38 0.20 5.04 -9.36
N ALA A 39 -0.65 5.35 -8.38
CA ALA A 39 -1.70 4.42 -7.96
C ALA A 39 -2.54 3.96 -9.14
N ASP A 40 -3.17 4.90 -9.81
CA ASP A 40 -4.01 4.59 -10.96
C ASP A 40 -3.17 4.22 -12.19
N GLN A 41 -1.88 4.48 -12.10
CA GLN A 41 -0.96 4.18 -13.20
C GLN A 41 -0.74 2.67 -13.32
N THR A 42 -0.66 2.00 -12.17
CA THR A 42 -0.45 0.56 -12.14
C THR A 42 -1.77 -0.20 -12.33
N GLU A 43 -2.87 0.50 -12.16
CA GLU A 43 -4.20 -0.08 -12.31
C GLU A 43 -4.31 -1.42 -11.59
N ALA A 44 -3.76 -1.49 -10.38
CA ALA A 44 -3.79 -2.72 -9.60
C ALA A 44 -3.84 -2.42 -8.10
N LEU A 45 -4.85 -1.66 -7.68
CA LEU A 45 -5.01 -1.31 -6.28
C LEU A 45 -6.25 -0.44 -6.07
N PHE A 46 -7.37 -1.09 -5.75
CA PHE A 46 -8.62 -0.39 -5.53
C PHE A 46 -9.00 -0.37 -4.05
N VAL A 47 -9.74 0.65 -3.65
CA VAL A 47 -10.17 0.79 -2.26
C VAL A 47 -10.94 -0.44 -1.80
N GLY A 48 -10.49 -1.04 -0.70
CA GLY A 48 -11.14 -2.22 -0.18
C GLY A 48 -10.18 -3.36 0.07
N ASP A 49 -8.93 -3.20 -0.38
CA ASP A 49 -7.93 -4.25 -0.20
C ASP A 49 -7.21 -4.08 1.14
N ALA A 50 -6.71 -5.19 1.67
CA ALA A 50 -6.00 -5.17 2.94
C ALA A 50 -4.50 -5.40 2.75
N ILE A 51 -3.72 -4.35 2.89
CA ILE A 51 -2.27 -4.44 2.73
C ILE A 51 -1.64 -5.12 3.95
N LEU A 52 -1.07 -6.30 3.72
CA LEU A 52 -0.43 -7.05 4.80
C LEU A 52 1.06 -7.25 4.54
N SER A 53 1.52 -6.86 3.35
CA SER A 53 2.93 -7.00 3.00
C SER A 53 3.36 -5.92 2.02
N VAL A 54 4.55 -5.38 2.25
CA VAL A 54 5.10 -4.33 1.40
C VAL A 54 6.55 -4.62 1.02
N ASN A 55 6.84 -4.61 -0.28
CA ASN A 55 8.18 -4.88 -0.76
C ASN A 55 8.71 -6.22 -0.22
N GLY A 56 7.79 -7.14 0.04
CA GLY A 56 8.17 -8.44 0.57
C GLY A 56 8.42 -8.41 2.07
N GLU A 57 7.69 -7.55 2.77
CA GLU A 57 7.84 -7.43 4.21
C GLU A 57 6.49 -7.44 4.92
N ASP A 58 6.33 -8.36 5.85
CA ASP A 58 5.07 -8.49 6.60
C ASP A 58 4.80 -7.24 7.42
N LEU A 59 3.78 -6.48 7.04
CA LEU A 59 3.42 -5.26 7.75
C LEU A 59 2.50 -5.57 8.93
N SER A 60 2.27 -6.85 9.19
CA SER A 60 1.41 -7.26 10.30
C SER A 60 1.94 -6.71 11.62
N SER A 61 3.22 -6.37 11.66
CA SER A 61 3.84 -5.82 12.85
C SER A 61 4.49 -4.49 12.53
N ALA A 62 3.70 -3.61 11.91
CA ALA A 62 4.18 -2.29 11.53
C ALA A 62 3.03 -1.28 11.51
N THR A 63 2.87 -0.57 12.63
CA THR A 63 1.80 0.42 12.75
C THR A 63 1.64 1.23 11.47
N HIS A 64 0.50 1.90 11.33
CA HIS A 64 0.23 2.69 10.13
C HIS A 64 1.40 3.59 9.74
N ASP A 65 2.19 3.96 10.73
CA ASP A 65 3.34 4.82 10.48
C ASP A 65 4.46 4.05 9.80
N GLU A 66 4.50 2.76 10.06
CA GLU A 66 5.51 1.90 9.45
C GLU A 66 5.12 1.57 8.02
N ALA A 67 3.82 1.58 7.78
CA ALA A 67 3.28 1.31 6.46
C ALA A 67 3.45 2.52 5.58
N VAL A 68 3.09 3.66 6.13
CA VAL A 68 3.22 4.92 5.43
C VAL A 68 4.69 5.30 5.28
N GLN A 69 5.51 4.79 6.18
CA GLN A 69 6.94 5.04 6.15
C GLN A 69 7.61 4.13 5.14
N ALA A 70 7.04 2.95 4.97
CA ALA A 70 7.55 1.97 4.04
C ALA A 70 7.18 2.34 2.60
N LEU A 71 6.06 3.06 2.45
CA LEU A 71 5.61 3.48 1.13
C LEU A 71 6.24 4.79 0.72
N LYS A 72 6.51 5.63 1.70
CA LYS A 72 7.11 6.94 1.45
C LYS A 72 8.64 6.86 1.51
N LYS A 73 9.15 5.77 2.04
CA LYS A 73 10.59 5.57 2.16
C LYS A 73 11.01 4.26 1.50
N THR A 74 10.82 4.18 0.18
CA THR A 74 11.18 2.98 -0.57
C THR A 74 12.10 3.33 -1.73
N GLY A 75 12.88 2.35 -2.19
CA GLY A 75 13.79 2.56 -3.29
C GLY A 75 13.08 2.67 -4.62
N LYS A 76 13.60 1.97 -5.63
CA LYS A 76 13.01 1.98 -6.96
C LYS A 76 12.12 0.76 -7.17
N GLU A 77 11.51 0.28 -6.09
CA GLU A 77 10.63 -0.88 -6.17
C GLU A 77 9.81 -1.02 -4.88
N VAL A 78 8.49 -1.00 -5.03
CA VAL A 78 7.60 -1.12 -3.88
C VAL A 78 6.46 -2.11 -4.16
N VAL A 79 6.65 -3.35 -3.72
CA VAL A 79 5.65 -4.39 -3.92
C VAL A 79 4.52 -4.25 -2.91
N LEU A 80 3.37 -3.79 -3.37
CA LEU A 80 2.22 -3.60 -2.49
C LEU A 80 1.39 -4.88 -2.42
N GLU A 81 1.77 -5.77 -1.52
CA GLU A 81 1.06 -7.03 -1.33
C GLU A 81 -0.18 -6.80 -0.48
N VAL A 82 -1.35 -7.02 -1.08
CA VAL A 82 -2.61 -6.82 -0.38
C VAL A 82 -3.49 -8.05 -0.42
N LYS A 83 -4.54 -8.06 0.40
CA LYS A 83 -5.48 -9.17 0.45
C LYS A 83 -6.92 -8.66 0.40
N TYR A 84 -7.62 -9.00 -0.68
CA TYR A 84 -9.00 -8.56 -0.84
C TYR A 84 -9.91 -9.28 0.15
N MET A 85 -10.15 -8.65 1.29
CA MET A 85 -11.01 -9.23 2.32
C MET A 85 -12.22 -8.35 2.60
N LYS A 86 -12.24 -7.17 2.01
CA LYS A 86 -13.36 -6.24 2.20
C LYS A 86 -13.57 -5.94 3.68
N GLU A 87 -12.50 -6.05 4.46
CA GLU A 87 -12.57 -5.80 5.90
C GLU A 87 -12.01 -4.42 6.24
N ARG A 1 -3.76 -13.69 -2.15
CA ARG A 1 -2.80 -12.57 -1.99
C ARG A 1 -2.20 -12.18 -3.34
N ARG A 2 -1.89 -10.89 -3.50
CA ARG A 2 -1.32 -10.39 -4.74
C ARG A 2 -0.43 -9.17 -4.47
N ARG A 3 0.63 -9.04 -5.26
CA ARG A 3 1.56 -7.93 -5.11
C ARG A 3 1.32 -6.86 -6.16
N VAL A 4 1.37 -5.60 -5.74
CA VAL A 4 1.16 -4.48 -6.65
C VAL A 4 2.43 -3.64 -6.80
N THR A 5 3.23 -3.97 -7.80
CA THR A 5 4.48 -3.25 -8.06
C THR A 5 4.20 -1.84 -8.56
N VAL A 6 4.66 -0.85 -7.81
CA VAL A 6 4.46 0.55 -8.18
C VAL A 6 5.77 1.19 -8.62
N ARG A 7 5.77 1.77 -9.82
CA ARG A 7 6.96 2.41 -10.35
C ARG A 7 7.03 3.88 -9.92
N LYS A 8 8.22 4.30 -9.48
CA LYS A 8 8.42 5.67 -9.04
C LYS A 8 8.84 6.56 -10.20
N ALA A 9 8.02 7.57 -10.49
CA ALA A 9 8.30 8.50 -11.57
C ALA A 9 9.10 9.70 -11.07
N ASP A 10 9.45 10.59 -11.99
CA ASP A 10 10.22 11.79 -11.63
C ASP A 10 9.41 12.70 -10.72
N ALA A 11 8.21 13.04 -11.15
CA ALA A 11 7.32 13.91 -10.37
C ALA A 11 5.98 13.25 -10.11
N GLY A 12 5.87 12.57 -8.96
CA GLY A 12 4.63 11.89 -8.63
C GLY A 12 4.74 11.11 -7.34
N GLY A 13 5.09 9.82 -7.46
CA GLY A 13 5.22 8.97 -6.28
C GLY A 13 3.94 8.22 -5.97
N LEU A 14 3.94 7.50 -4.85
CA LEU A 14 2.77 6.73 -4.44
C LEU A 14 1.56 7.63 -4.25
N GLY A 15 0.50 7.37 -5.02
CA GLY A 15 -0.70 8.17 -4.91
C GLY A 15 -1.87 7.39 -4.35
N ILE A 16 -1.86 7.15 -3.04
CA ILE A 16 -2.93 6.41 -2.39
C ILE A 16 -3.02 6.74 -0.90
N SER A 17 -4.17 6.46 -0.31
CA SER A 17 -4.39 6.71 1.11
C SER A 17 -4.70 5.40 1.82
N ILE A 18 -3.85 5.06 2.78
CA ILE A 18 -3.99 3.82 3.54
C ILE A 18 -4.42 4.11 4.99
N LYS A 19 -4.78 3.05 5.71
CA LYS A 19 -5.18 3.19 7.11
C LYS A 19 -5.12 1.84 7.82
N GLY A 20 -4.63 1.86 9.05
CA GLY A 20 -4.52 0.64 9.83
C GLY A 20 -4.15 0.90 11.27
N GLY A 21 -4.20 -0.12 12.10
CA GLY A 21 -3.87 0.03 13.50
C GLY A 21 -3.42 -1.26 14.14
N ARG A 22 -2.14 -1.59 13.98
CA ARG A 22 -1.59 -2.81 14.55
C ARG A 22 -1.85 -2.88 16.04
N GLU A 23 -1.80 -1.72 16.70
CA GLU A 23 -2.06 -1.64 18.13
C GLU A 23 -3.46 -2.17 18.44
N ASN A 24 -4.40 -1.88 17.56
CA ASN A 24 -5.77 -2.33 17.72
C ASN A 24 -5.98 -3.68 17.03
N LYS A 25 -4.88 -4.31 16.62
CA LYS A 25 -4.95 -5.60 15.93
C LYS A 25 -5.69 -5.44 14.61
N MET A 26 -5.54 -4.28 13.99
CA MET A 26 -6.20 -4.00 12.72
C MET A 26 -5.19 -3.98 11.57
N PRO A 27 -5.38 -4.83 10.55
CA PRO A 27 -4.48 -4.88 9.39
C PRO A 27 -4.59 -3.64 8.53
N ILE A 28 -3.47 -3.21 7.95
CA ILE A 28 -3.45 -2.02 7.11
C ILE A 28 -4.37 -2.19 5.91
N LEU A 29 -5.01 -1.10 5.50
CA LEU A 29 -5.93 -1.14 4.38
C LEU A 29 -5.88 0.14 3.55
N ILE A 30 -6.55 0.10 2.40
CA ILE A 30 -6.61 1.25 1.51
C ILE A 30 -7.90 2.04 1.77
N SER A 31 -7.81 3.36 1.75
CA SER A 31 -8.98 4.19 2.01
C SER A 31 -9.17 5.32 0.99
N LYS A 32 -8.20 5.50 0.10
CA LYS A 32 -8.32 6.56 -0.91
C LYS A 32 -7.21 6.49 -1.94
N ILE A 33 -7.46 5.75 -3.02
CA ILE A 33 -6.49 5.63 -4.10
C ILE A 33 -6.72 6.71 -5.16
N PHE A 34 -5.74 7.58 -5.32
CA PHE A 34 -5.83 8.68 -6.29
C PHE A 34 -5.81 8.15 -7.73
N LYS A 35 -6.07 9.05 -8.68
CA LYS A 35 -6.08 8.69 -10.09
C LYS A 35 -5.10 9.56 -10.87
N GLY A 36 -4.52 8.99 -11.91
CA GLY A 36 -3.57 9.74 -12.72
C GLY A 36 -2.13 9.56 -12.27
N LEU A 37 -1.95 9.22 -11.00
CA LEU A 37 -0.61 9.03 -10.44
C LEU A 37 -0.13 7.59 -10.69
N ALA A 38 1.03 7.27 -10.14
CA ALA A 38 1.61 5.94 -10.30
C ALA A 38 0.64 4.86 -9.84
N ALA A 39 -0.01 5.09 -8.70
CA ALA A 39 -0.97 4.14 -8.16
C ALA A 39 -1.98 3.70 -9.22
N ASP A 40 -2.71 4.67 -9.75
CA ASP A 40 -3.71 4.39 -10.78
C ASP A 40 -3.06 4.04 -12.11
N GLN A 41 -1.75 4.29 -12.21
CA GLN A 41 -1.01 4.00 -13.43
C GLN A 41 -0.86 2.49 -13.62
N THR A 42 -0.63 1.78 -12.51
CA THR A 42 -0.48 0.33 -12.56
C THR A 42 -1.83 -0.36 -12.77
N GLU A 43 -2.90 0.42 -12.70
CA GLU A 43 -4.25 -0.11 -12.89
C GLU A 43 -4.45 -1.43 -12.13
N ALA A 44 -3.97 -1.48 -10.90
CA ALA A 44 -4.10 -2.68 -10.08
C ALA A 44 -4.10 -2.34 -8.59
N LEU A 45 -5.07 -1.54 -8.17
CA LEU A 45 -5.19 -1.14 -6.77
C LEU A 45 -6.41 -0.26 -6.55
N PHE A 46 -7.41 -0.80 -5.85
CA PHE A 46 -8.63 -0.05 -5.57
C PHE A 46 -9.03 -0.18 -4.11
N VAL A 47 -9.67 0.86 -3.58
CA VAL A 47 -10.11 0.87 -2.19
C VAL A 47 -10.80 -0.44 -1.81
N GLY A 48 -10.34 -1.05 -0.72
CA GLY A 48 -10.93 -2.30 -0.27
C GLY A 48 -9.92 -3.44 -0.20
N ASP A 49 -8.66 -3.12 -0.46
CA ASP A 49 -7.60 -4.12 -0.43
C ASP A 49 -6.82 -4.05 0.88
N ALA A 50 -6.67 -5.19 1.55
CA ALA A 50 -5.94 -5.25 2.81
C ALA A 50 -4.46 -5.48 2.58
N ILE A 51 -3.64 -4.49 2.92
CA ILE A 51 -2.20 -4.59 2.76
C ILE A 51 -1.60 -5.48 3.84
N LEU A 52 -1.08 -6.63 3.43
CA LEU A 52 -0.48 -7.57 4.37
C LEU A 52 1.03 -7.53 4.34
N SER A 53 1.59 -6.92 3.30
CA SER A 53 3.03 -6.82 3.16
C SER A 53 3.41 -5.78 2.10
N VAL A 54 4.58 -5.18 2.27
CA VAL A 54 5.07 -4.18 1.34
C VAL A 54 6.58 -4.33 1.12
N ASN A 55 6.98 -4.44 -0.14
CA ASN A 55 8.39 -4.58 -0.49
C ASN A 55 8.99 -5.80 0.20
N GLY A 56 8.15 -6.79 0.49
CA GLY A 56 8.62 -8.00 1.15
C GLY A 56 8.71 -7.84 2.65
N GLU A 57 7.87 -6.97 3.21
CA GLU A 57 7.86 -6.73 4.64
C GLU A 57 6.47 -6.95 5.23
N ASP A 58 6.34 -7.94 6.10
CA ASP A 58 5.07 -8.27 6.72
C ASP A 58 4.55 -7.09 7.53
N LEU A 59 3.47 -6.46 7.04
CA LEU A 59 2.88 -5.33 7.72
C LEU A 59 1.90 -5.78 8.81
N SER A 60 1.80 -7.09 9.01
CA SER A 60 0.90 -7.64 10.02
C SER A 60 1.33 -7.21 11.42
N SER A 61 2.58 -6.75 11.54
CA SER A 61 3.11 -6.28 12.82
C SER A 61 3.85 -4.97 12.63
N ALA A 62 3.14 -3.98 12.09
CA ALA A 62 3.71 -2.67 11.85
C ALA A 62 2.63 -1.62 11.81
N THR A 63 2.43 -0.94 12.93
CA THR A 63 1.41 0.11 13.04
C THR A 63 1.35 0.96 11.77
N HIS A 64 0.24 1.69 11.61
CA HIS A 64 0.05 2.53 10.43
C HIS A 64 1.29 3.35 10.09
N ASP A 65 2.07 3.67 11.11
CA ASP A 65 3.27 4.47 10.92
C ASP A 65 4.35 3.67 10.22
N GLU A 66 4.29 2.35 10.37
CA GLU A 66 5.26 1.47 9.75
C GLU A 66 4.85 1.17 8.32
N ALA A 67 3.55 1.27 8.06
CA ALA A 67 3.03 1.04 6.73
C ALA A 67 3.18 2.29 5.89
N VAL A 68 3.01 3.42 6.54
CA VAL A 68 3.14 4.71 5.87
C VAL A 68 4.61 5.05 5.66
N GLN A 69 5.44 4.58 6.58
CA GLN A 69 6.87 4.79 6.48
C GLN A 69 7.48 3.78 5.52
N ALA A 70 6.84 2.64 5.43
CA ALA A 70 7.28 1.58 4.53
C ALA A 70 6.93 1.93 3.09
N LEU A 71 5.82 2.65 2.92
CA LEU A 71 5.39 3.05 1.58
C LEU A 71 6.06 4.34 1.16
N LYS A 72 6.44 5.15 2.14
CA LYS A 72 7.09 6.43 1.88
C LYS A 72 8.61 6.26 1.81
N LYS A 73 9.10 5.14 2.31
CA LYS A 73 10.53 4.86 2.31
C LYS A 73 10.86 3.71 1.36
N THR A 74 10.87 3.99 0.07
CA THR A 74 11.18 2.98 -0.93
C THR A 74 12.14 3.52 -1.99
N GLY A 75 12.46 2.68 -2.98
CA GLY A 75 13.37 3.09 -4.03
C GLY A 75 12.65 3.34 -5.34
N LYS A 76 12.68 2.35 -6.23
CA LYS A 76 12.03 2.47 -7.53
C LYS A 76 11.04 1.33 -7.77
N GLU A 77 10.88 0.45 -6.78
CA GLU A 77 9.97 -0.67 -6.90
C GLU A 77 9.25 -0.93 -5.57
N VAL A 78 7.99 -0.54 -5.50
CA VAL A 78 7.20 -0.72 -4.29
C VAL A 78 6.23 -1.89 -4.43
N VAL A 79 6.65 -3.05 -3.93
CA VAL A 79 5.82 -4.25 -3.99
C VAL A 79 4.73 -4.21 -2.93
N LEU A 80 3.56 -3.69 -3.30
CA LEU A 80 2.44 -3.58 -2.37
C LEU A 80 1.63 -4.87 -2.35
N GLU A 81 1.88 -5.71 -1.34
CA GLU A 81 1.15 -6.97 -1.20
C GLU A 81 -0.16 -6.75 -0.46
N VAL A 82 -1.27 -6.90 -1.17
CA VAL A 82 -2.59 -6.71 -0.58
C VAL A 82 -3.51 -7.88 -0.89
N LYS A 83 -4.61 -7.96 -0.14
CA LYS A 83 -5.60 -9.02 -0.33
C LYS A 83 -7.01 -8.45 -0.30
N TYR A 84 -7.74 -8.63 -1.40
CA TYR A 84 -9.10 -8.13 -1.50
C TYR A 84 -10.04 -8.92 -0.60
N MET A 85 -10.37 -8.33 0.56
CA MET A 85 -11.26 -8.97 1.52
C MET A 85 -12.07 -7.93 2.28
N LYS A 86 -12.33 -6.80 1.64
CA LYS A 86 -13.10 -5.73 2.26
C LYS A 86 -13.99 -5.03 1.25
N GLU A 87 -15.30 -5.05 1.49
CA GLU A 87 -16.25 -4.41 0.59
C GLU A 87 -16.21 -5.05 -0.79
N ARG A 1 -5.04 -12.14 -2.56
CA ARG A 1 -3.57 -12.17 -2.34
C ARG A 1 -2.81 -11.96 -3.64
N ARG A 2 -2.04 -10.88 -3.71
CA ARG A 2 -1.26 -10.57 -4.90
C ARG A 2 -0.29 -9.43 -4.64
N ARG A 3 0.76 -9.35 -5.44
CA ARG A 3 1.75 -8.30 -5.29
C ARG A 3 1.66 -7.28 -6.42
N VAL A 4 1.86 -6.01 -6.07
CA VAL A 4 1.79 -4.93 -7.05
C VAL A 4 3.14 -4.24 -7.20
N THR A 5 3.93 -4.68 -8.17
CA THR A 5 5.24 -4.09 -8.41
C THR A 5 5.12 -2.70 -9.00
N VAL A 6 5.17 -1.68 -8.14
CA VAL A 6 5.07 -0.30 -8.58
C VAL A 6 6.44 0.37 -8.64
N ARG A 7 6.77 0.93 -9.79
CA ARG A 7 8.06 1.60 -9.98
C ARG A 7 7.91 3.10 -9.89
N LYS A 8 8.48 3.70 -8.85
CA LYS A 8 8.40 5.14 -8.65
C LYS A 8 9.77 5.79 -8.88
N ALA A 9 10.19 5.84 -10.14
CA ALA A 9 11.48 6.44 -10.48
C ALA A 9 11.29 7.71 -11.30
N ASP A 10 10.26 7.72 -12.15
CA ASP A 10 9.97 8.88 -12.99
C ASP A 10 9.14 9.91 -12.23
N ALA A 11 8.72 10.95 -12.94
CA ALA A 11 7.91 12.01 -12.33
C ALA A 11 6.62 11.45 -11.75
N GLY A 12 6.61 11.25 -10.43
CA GLY A 12 5.43 10.73 -9.78
C GLY A 12 5.58 10.67 -8.27
N GLY A 13 4.69 9.94 -7.61
CA GLY A 13 4.76 9.82 -6.16
C GLY A 13 3.55 9.10 -5.58
N LEU A 14 3.12 8.04 -6.28
CA LEU A 14 1.98 7.26 -5.83
C LEU A 14 0.72 8.11 -5.74
N GLY A 15 -0.33 7.56 -5.15
CA GLY A 15 -1.57 8.29 -5.01
C GLY A 15 -2.68 7.45 -4.42
N ILE A 16 -2.62 7.23 -3.12
CA ILE A 16 -3.63 6.43 -2.43
C ILE A 16 -3.61 6.68 -0.92
N SER A 17 -4.77 6.61 -0.29
CA SER A 17 -4.88 6.83 1.14
C SER A 17 -5.13 5.50 1.86
N ILE A 18 -4.24 5.15 2.78
CA ILE A 18 -4.34 3.92 3.53
C ILE A 18 -4.65 4.19 5.00
N LYS A 19 -4.97 3.14 5.74
CA LYS A 19 -5.24 3.26 7.16
C LYS A 19 -5.17 1.89 7.84
N GLY A 20 -4.64 1.86 9.06
CA GLY A 20 -4.52 0.62 9.78
C GLY A 20 -4.13 0.83 11.23
N GLY A 21 -4.17 -0.24 12.02
CA GLY A 21 -3.83 -0.14 13.42
C GLY A 21 -3.71 -1.50 14.08
N ARG A 22 -2.50 -2.05 14.08
CA ARG A 22 -2.25 -3.36 14.69
C ARG A 22 -2.66 -3.35 16.15
N GLU A 23 -2.48 -2.21 16.81
CA GLU A 23 -2.85 -2.07 18.21
C GLU A 23 -4.32 -2.37 18.41
N ASN A 24 -5.13 -1.91 17.46
CA ASN A 24 -6.58 -2.14 17.51
C ASN A 24 -6.95 -3.43 16.78
N LYS A 25 -5.94 -4.23 16.46
CA LYS A 25 -6.16 -5.49 15.75
C LYS A 25 -6.71 -5.22 14.36
N MET A 26 -6.32 -4.09 13.79
CA MET A 26 -6.79 -3.71 12.46
C MET A 26 -5.62 -3.67 11.46
N PRO A 27 -5.63 -4.57 10.46
CA PRO A 27 -4.57 -4.62 9.45
C PRO A 27 -4.61 -3.41 8.51
N ILE A 28 -3.46 -3.06 7.95
CA ILE A 28 -3.37 -1.91 7.05
C ILE A 28 -4.25 -2.12 5.83
N LEU A 29 -4.96 -1.06 5.45
CA LEU A 29 -5.86 -1.12 4.29
C LEU A 29 -5.89 0.20 3.52
N ILE A 30 -6.54 0.15 2.36
CA ILE A 30 -6.69 1.32 1.51
C ILE A 30 -8.08 1.93 1.73
N SER A 31 -8.17 3.25 1.75
CA SER A 31 -9.46 3.89 1.98
C SER A 31 -9.70 5.13 1.11
N LYS A 32 -8.74 5.49 0.25
CA LYS A 32 -8.93 6.66 -0.60
C LYS A 32 -7.92 6.70 -1.75
N ILE A 33 -8.26 6.04 -2.85
CA ILE A 33 -7.41 6.03 -4.03
C ILE A 33 -7.43 7.38 -4.72
N PHE A 34 -6.37 7.67 -5.48
CA PHE A 34 -6.28 8.94 -6.20
C PHE A 34 -6.18 8.71 -7.70
N LYS A 35 -6.37 9.77 -8.47
CA LYS A 35 -6.31 9.68 -9.92
C LYS A 35 -5.26 10.62 -10.49
N GLY A 36 -4.64 10.22 -11.59
CA GLY A 36 -3.62 11.05 -12.21
C GLY A 36 -2.23 10.81 -11.63
N LEU A 37 -2.05 9.65 -11.02
CA LEU A 37 -0.77 9.30 -10.42
C LEU A 37 -0.42 7.83 -10.66
N ALA A 38 0.77 7.43 -10.24
CA ALA A 38 1.23 6.06 -10.41
C ALA A 38 0.25 5.06 -9.80
N ALA A 39 -0.44 5.49 -8.75
CA ALA A 39 -1.42 4.64 -8.07
C ALA A 39 -2.49 4.15 -9.05
N ASP A 40 -3.23 5.09 -9.63
CA ASP A 40 -4.28 4.75 -10.58
C ASP A 40 -3.71 4.38 -11.95
N GLN A 41 -2.41 4.60 -12.13
CA GLN A 41 -1.75 4.27 -13.39
C GLN A 41 -1.57 2.76 -13.53
N THR A 42 -1.17 2.11 -12.45
CA THR A 42 -0.96 0.67 -12.46
C THR A 42 -2.29 -0.08 -12.39
N GLU A 43 -3.34 0.62 -12.04
CA GLU A 43 -4.67 0.03 -11.93
C GLU A 43 -4.63 -1.27 -11.13
N ALA A 44 -3.68 -1.37 -10.21
CA ALA A 44 -3.55 -2.55 -9.37
C ALA A 44 -3.51 -2.18 -7.89
N LEU A 45 -4.45 -1.34 -7.48
CA LEU A 45 -4.52 -0.91 -6.08
C LEU A 45 -5.73 0.00 -5.86
N PHE A 46 -6.88 -0.60 -5.55
CA PHE A 46 -8.10 0.16 -5.33
C PHE A 46 -8.55 0.05 -3.88
N VAL A 47 -9.44 0.95 -3.47
CA VAL A 47 -9.96 0.96 -2.11
C VAL A 47 -10.70 -0.33 -1.79
N GLY A 48 -10.40 -0.91 -0.62
CA GLY A 48 -11.04 -2.14 -0.22
C GLY A 48 -10.06 -3.28 -0.02
N ASP A 49 -8.80 -3.06 -0.43
CA ASP A 49 -7.77 -4.09 -0.28
C ASP A 49 -7.03 -3.94 1.04
N ALA A 50 -6.59 -5.05 1.60
CA ALA A 50 -5.87 -5.04 2.87
C ALA A 50 -4.38 -5.30 2.65
N ILE A 51 -3.57 -4.29 2.96
CA ILE A 51 -2.12 -4.41 2.82
C ILE A 51 -1.53 -5.29 3.92
N LEU A 52 -1.03 -6.46 3.53
CA LEU A 52 -0.45 -7.39 4.50
C LEU A 52 1.07 -7.37 4.47
N SER A 53 1.63 -6.91 3.36
CA SER A 53 3.09 -6.85 3.21
C SER A 53 3.50 -5.89 2.12
N VAL A 54 4.70 -5.31 2.27
CA VAL A 54 5.23 -4.38 1.30
C VAL A 54 6.74 -4.50 1.20
N ASN A 55 7.26 -4.43 -0.02
CA ASN A 55 8.70 -4.55 -0.26
C ASN A 55 9.26 -5.81 0.39
N GLY A 56 8.40 -6.81 0.56
CA GLY A 56 8.83 -8.06 1.17
C GLY A 56 8.92 -7.98 2.68
N GLU A 57 7.99 -7.25 3.28
CA GLU A 57 7.97 -7.09 4.73
C GLU A 57 6.56 -7.25 5.28
N ASP A 58 6.40 -8.10 6.29
CA ASP A 58 5.10 -8.34 6.91
C ASP A 58 4.64 -7.12 7.70
N LEU A 59 3.59 -6.47 7.22
CA LEU A 59 3.04 -5.30 7.89
C LEU A 59 2.12 -5.70 9.05
N SER A 60 1.98 -7.00 9.27
CA SER A 60 1.14 -7.51 10.34
C SER A 60 1.61 -6.99 11.71
N SER A 61 2.86 -6.54 11.76
CA SER A 61 3.43 -6.01 12.98
C SER A 61 4.12 -4.68 12.70
N ALA A 62 3.36 -3.76 12.12
CA ALA A 62 3.88 -2.44 11.76
C ALA A 62 2.75 -1.42 11.73
N THR A 63 2.59 -0.71 12.84
CA THR A 63 1.55 0.31 12.95
C THR A 63 1.40 1.11 11.66
N HIS A 64 0.27 1.79 11.50
CA HIS A 64 0.02 2.57 10.29
C HIS A 64 1.19 3.45 9.92
N ASP A 65 1.97 3.85 10.91
CA ASP A 65 3.12 4.70 10.66
C ASP A 65 4.26 3.91 10.04
N GLU A 66 4.28 2.62 10.30
CA GLU A 66 5.30 1.74 9.75
C GLU A 66 4.93 1.35 8.33
N ALA A 67 3.63 1.37 8.04
CA ALA A 67 3.14 1.06 6.72
C ALA A 67 3.33 2.25 5.81
N VAL A 68 2.99 3.41 6.32
CA VAL A 68 3.15 4.64 5.58
C VAL A 68 4.63 4.96 5.41
N GLN A 69 5.42 4.54 6.40
CA GLN A 69 6.86 4.75 6.37
C GLN A 69 7.50 3.82 5.35
N ALA A 70 6.92 2.64 5.23
CA ALA A 70 7.41 1.63 4.30
C ALA A 70 7.09 2.05 2.86
N LEU A 71 5.99 2.77 2.69
CA LEU A 71 5.59 3.24 1.36
C LEU A 71 6.44 4.40 0.92
N LYS A 72 6.83 5.23 1.88
CA LYS A 72 7.66 6.39 1.61
C LYS A 72 9.15 6.05 1.69
N LYS A 73 9.46 4.88 2.20
CA LYS A 73 10.84 4.44 2.34
C LYS A 73 11.20 3.41 1.27
N THR A 74 10.73 3.64 0.05
CA THR A 74 11.00 2.73 -1.06
C THR A 74 11.75 3.44 -2.18
N GLY A 75 12.34 2.66 -3.08
CA GLY A 75 13.08 3.23 -4.18
C GLY A 75 12.96 2.39 -5.44
N LYS A 76 12.58 3.03 -6.54
CA LYS A 76 12.42 2.35 -7.82
C LYS A 76 11.28 1.33 -7.73
N GLU A 77 11.55 0.07 -8.08
CA GLU A 77 10.51 -0.97 -8.03
C GLU A 77 10.13 -1.30 -6.59
N VAL A 78 8.83 -1.37 -6.33
CA VAL A 78 8.33 -1.68 -5.00
C VAL A 78 7.25 -2.76 -5.06
N VAL A 79 7.43 -3.81 -4.27
CA VAL A 79 6.47 -4.91 -4.24
C VAL A 79 5.38 -4.68 -3.19
N LEU A 80 4.19 -4.32 -3.64
CA LEU A 80 3.07 -4.08 -2.74
C LEU A 80 2.13 -5.28 -2.70
N GLU A 81 2.29 -6.12 -1.68
CA GLU A 81 1.45 -7.31 -1.54
C GLU A 81 0.22 -7.00 -0.69
N VAL A 82 -0.94 -7.04 -1.31
CA VAL A 82 -2.20 -6.76 -0.62
C VAL A 82 -3.24 -7.85 -0.90
N LYS A 83 -4.08 -8.11 0.09
CA LYS A 83 -5.14 -9.12 -0.04
C LYS A 83 -6.50 -8.45 -0.21
N TYR A 84 -7.50 -9.25 -0.53
CA TYR A 84 -8.85 -8.75 -0.72
C TYR A 84 -9.76 -9.14 0.45
N MET A 85 -10.08 -8.18 1.30
CA MET A 85 -10.93 -8.43 2.46
C MET A 85 -12.30 -7.79 2.29
N LYS A 86 -12.48 -7.04 1.20
CA LYS A 86 -13.75 -6.38 0.93
C LYS A 86 -14.82 -7.39 0.55
N GLU A 87 -16.03 -7.21 1.09
CA GLU A 87 -17.13 -8.10 0.81
C GLU A 87 -18.42 -7.59 1.46
N ARG A 1 -4.53 -12.99 -2.49
CA ARG A 1 -3.21 -12.38 -2.21
C ARG A 1 -2.48 -12.02 -3.50
N ARG A 2 -2.07 -10.76 -3.60
CA ARG A 2 -1.37 -10.28 -4.79
C ARG A 2 -0.41 -9.16 -4.43
N ARG A 3 0.65 -9.01 -5.24
CA ARG A 3 1.64 -7.98 -5.02
C ARG A 3 1.63 -6.95 -6.14
N VAL A 4 1.58 -5.67 -5.77
CA VAL A 4 1.57 -4.60 -6.75
C VAL A 4 2.87 -3.81 -6.71
N THR A 5 3.82 -4.19 -7.56
CA THR A 5 5.11 -3.53 -7.63
C THR A 5 5.02 -2.25 -8.45
N VAL A 6 5.31 -1.11 -7.83
CA VAL A 6 5.25 0.17 -8.50
C VAL A 6 6.65 0.79 -8.61
N ARG A 7 6.92 1.40 -9.75
CA ARG A 7 8.22 2.04 -9.97
C ARG A 7 8.10 3.56 -9.89
N LYS A 8 9.03 4.19 -9.18
CA LYS A 8 9.03 5.64 -9.03
C LYS A 8 9.78 6.30 -10.17
N ALA A 9 9.69 7.63 -10.23
CA ALA A 9 10.36 8.39 -11.28
C ALA A 9 9.86 7.97 -12.66
N ASP A 10 8.61 7.55 -12.73
CA ASP A 10 8.01 7.12 -13.99
C ASP A 10 6.76 7.93 -14.30
N ALA A 11 5.93 8.15 -13.28
CA ALA A 11 4.70 8.92 -13.45
C ALA A 11 4.16 9.37 -12.10
N GLY A 12 5.06 9.61 -11.16
CA GLY A 12 4.64 10.04 -9.83
C GLY A 12 5.32 9.26 -8.73
N GLY A 13 4.81 9.40 -7.50
CA GLY A 13 5.39 8.70 -6.37
C GLY A 13 4.34 7.94 -5.57
N LEU A 14 3.56 7.11 -6.26
CA LEU A 14 2.52 6.33 -5.60
C LEU A 14 1.49 7.24 -4.94
N GLY A 15 0.28 7.27 -5.48
CA GLY A 15 -0.76 8.10 -4.94
C GLY A 15 -1.93 7.29 -4.38
N ILE A 16 -1.91 7.06 -3.08
CA ILE A 16 -2.98 6.29 -2.44
C ILE A 16 -3.05 6.58 -0.94
N SER A 17 -4.26 6.47 -0.39
CA SER A 17 -4.45 6.70 1.04
C SER A 17 -4.76 5.37 1.73
N ILE A 18 -3.92 5.03 2.71
CA ILE A 18 -4.07 3.79 3.45
C ILE A 18 -4.43 4.06 4.90
N LYS A 19 -4.79 3.00 5.64
CA LYS A 19 -5.11 3.13 7.05
C LYS A 19 -5.09 1.77 7.73
N GLY A 20 -4.51 1.72 8.93
CA GLY A 20 -4.41 0.47 9.67
C GLY A 20 -3.92 0.69 11.09
N GLY A 21 -3.99 -0.36 11.89
CA GLY A 21 -3.55 -0.26 13.27
C GLY A 21 -3.40 -1.62 13.93
N ARG A 22 -2.19 -2.16 13.89
CA ARG A 22 -1.92 -3.47 14.49
C ARG A 22 -2.35 -3.49 15.96
N GLU A 23 -2.30 -2.33 16.61
CA GLU A 23 -2.69 -2.22 18.01
C GLU A 23 -4.13 -2.67 18.18
N ASN A 24 -4.98 -2.31 17.23
CA ASN A 24 -6.40 -2.68 17.26
C ASN A 24 -6.61 -4.01 16.53
N LYS A 25 -5.52 -4.70 16.22
CA LYS A 25 -5.60 -5.97 15.50
C LYS A 25 -6.20 -5.77 14.13
N MET A 26 -5.95 -4.60 13.55
CA MET A 26 -6.47 -4.28 12.21
C MET A 26 -5.34 -4.16 11.19
N PRO A 27 -5.35 -5.01 10.15
CA PRO A 27 -4.31 -4.98 9.11
C PRO A 27 -4.43 -3.73 8.24
N ILE A 28 -3.30 -3.26 7.74
CA ILE A 28 -3.28 -2.06 6.91
C ILE A 28 -4.16 -2.23 5.68
N LEU A 29 -4.85 -1.17 5.30
CA LEU A 29 -5.75 -1.21 4.15
C LEU A 29 -5.75 0.10 3.37
N ILE A 30 -6.40 0.06 2.20
CA ILE A 30 -6.51 1.24 1.35
C ILE A 30 -7.82 1.96 1.64
N SER A 31 -7.80 3.29 1.62
CA SER A 31 -8.99 4.07 1.91
C SER A 31 -9.26 5.18 0.89
N LYS A 32 -8.30 5.45 0.01
CA LYS A 32 -8.49 6.50 -0.99
C LYS A 32 -7.33 6.56 -1.98
N ILE A 33 -7.47 5.84 -3.08
CA ILE A 33 -6.44 5.83 -4.12
C ILE A 33 -6.53 7.09 -4.97
N PHE A 34 -5.38 7.68 -5.27
CA PHE A 34 -5.34 8.90 -6.07
C PHE A 34 -5.41 8.58 -7.56
N LYS A 35 -6.13 9.41 -8.30
CA LYS A 35 -6.26 9.22 -9.74
C LYS A 35 -5.22 10.02 -10.50
N GLY A 36 -4.67 9.42 -11.56
CA GLY A 36 -3.66 10.09 -12.36
C GLY A 36 -2.26 9.78 -11.91
N LEU A 37 -2.11 9.32 -10.67
CA LEU A 37 -0.80 9.00 -10.11
C LEU A 37 -0.45 7.53 -10.37
N ALA A 38 0.68 7.10 -9.82
CA ALA A 38 1.13 5.72 -9.99
C ALA A 38 0.04 4.72 -9.65
N ALA A 39 -0.77 5.06 -8.65
CA ALA A 39 -1.87 4.18 -8.23
C ALA A 39 -2.79 3.86 -9.40
N ASP A 40 -3.31 4.91 -10.04
CA ASP A 40 -4.22 4.73 -11.17
C ASP A 40 -3.48 4.27 -12.41
N GLN A 41 -2.15 4.37 -12.37
CA GLN A 41 -1.32 3.95 -13.51
C GLN A 41 -1.32 2.43 -13.64
N THR A 42 -1.12 1.74 -12.52
CA THR A 42 -1.09 0.28 -12.53
C THR A 42 -2.49 -0.30 -12.36
N GLU A 43 -3.43 0.53 -11.92
CA GLU A 43 -4.81 0.11 -11.73
C GLU A 43 -4.89 -1.24 -11.01
N ALA A 44 -3.95 -1.48 -10.11
CA ALA A 44 -3.91 -2.73 -9.36
C ALA A 44 -4.00 -2.46 -7.85
N LEU A 45 -4.88 -1.55 -7.46
CA LEU A 45 -5.06 -1.22 -6.06
C LEU A 45 -6.30 -0.34 -5.86
N PHE A 46 -7.42 -0.97 -5.54
CA PHE A 46 -8.67 -0.25 -5.32
C PHE A 46 -9.06 -0.25 -3.84
N VAL A 47 -9.75 0.80 -3.41
CA VAL A 47 -10.18 0.93 -2.02
C VAL A 47 -10.82 -0.36 -1.53
N GLY A 48 -10.40 -0.80 -0.34
CA GLY A 48 -10.95 -2.02 0.23
C GLY A 48 -9.94 -3.14 0.29
N ASP A 49 -8.74 -2.91 -0.27
CA ASP A 49 -7.70 -3.91 -0.27
C ASP A 49 -6.93 -3.90 1.05
N ALA A 50 -6.65 -5.08 1.58
CA ALA A 50 -5.92 -5.21 2.84
C ALA A 50 -4.44 -5.48 2.61
N ILE A 51 -3.61 -4.47 2.87
CA ILE A 51 -2.18 -4.60 2.70
C ILE A 51 -1.58 -5.48 3.80
N LEU A 52 -1.23 -6.71 3.43
CA LEU A 52 -0.65 -7.66 4.38
C LEU A 52 0.88 -7.64 4.35
N SER A 53 1.43 -7.12 3.27
CA SER A 53 2.88 -7.04 3.12
C SER A 53 3.27 -5.98 2.10
N VAL A 54 4.41 -5.34 2.33
CA VAL A 54 4.90 -4.30 1.43
C VAL A 54 6.41 -4.41 1.24
N ASN A 55 6.86 -4.35 -0.01
CA ASN A 55 8.27 -4.44 -0.33
C ASN A 55 8.88 -5.73 0.22
N GLY A 56 8.05 -6.76 0.36
CA GLY A 56 8.51 -8.03 0.89
C GLY A 56 8.65 -8.02 2.40
N GLU A 57 7.79 -7.24 3.06
CA GLU A 57 7.82 -7.15 4.51
C GLU A 57 6.42 -7.23 5.10
N ASP A 58 6.25 -8.10 6.09
CA ASP A 58 4.95 -8.29 6.74
C ASP A 58 4.56 -7.05 7.54
N LEU A 59 3.57 -6.31 7.03
CA LEU A 59 3.11 -5.11 7.71
C LEU A 59 2.19 -5.45 8.88
N SER A 60 1.90 -6.74 9.07
CA SER A 60 1.05 -7.18 10.16
C SER A 60 1.59 -6.71 11.51
N SER A 61 2.89 -6.44 11.55
CA SER A 61 3.55 -5.97 12.76
C SER A 61 4.27 -4.67 12.48
N ALA A 62 3.55 -3.72 11.91
CA ALA A 62 4.10 -2.42 11.57
C ALA A 62 3.01 -1.35 11.58
N THR A 63 2.87 -0.68 12.72
CA THR A 63 1.86 0.38 12.88
C THR A 63 1.71 1.20 11.60
N HIS A 64 0.56 1.85 11.45
CA HIS A 64 0.29 2.65 10.25
C HIS A 64 1.47 3.54 9.88
N ASP A 65 2.25 3.92 10.88
CA ASP A 65 3.40 4.79 10.64
C ASP A 65 4.50 4.05 9.90
N GLU A 66 4.55 2.75 10.11
CA GLU A 66 5.54 1.91 9.45
C GLU A 66 5.08 1.57 8.05
N ALA A 67 3.77 1.56 7.87
CA ALA A 67 3.18 1.28 6.57
C ALA A 67 3.25 2.51 5.69
N VAL A 68 3.00 3.64 6.31
CA VAL A 68 3.04 4.92 5.61
C VAL A 68 4.48 5.30 5.32
N GLN A 69 5.37 4.87 6.20
CA GLN A 69 6.80 5.14 6.05
C GLN A 69 7.38 4.21 5.00
N ALA A 70 6.79 3.02 4.92
CA ALA A 70 7.23 2.02 3.95
C ALA A 70 6.81 2.44 2.54
N LEU A 71 5.67 3.12 2.44
CA LEU A 71 5.18 3.57 1.14
C LEU A 71 5.82 4.89 0.75
N LYS A 72 6.25 5.64 1.73
CA LYS A 72 6.89 6.93 1.50
C LYS A 72 8.40 6.78 1.36
N LYS A 73 8.92 5.62 1.75
CA LYS A 73 10.35 5.35 1.67
C LYS A 73 10.60 3.97 1.07
N THR A 74 10.87 3.95 -0.23
CA THR A 74 11.14 2.70 -0.95
C THR A 74 12.47 2.78 -1.68
N GLY A 75 12.73 1.79 -2.53
CA GLY A 75 13.97 1.75 -3.28
C GLY A 75 13.76 1.35 -4.73
N LYS A 76 13.28 2.28 -5.54
CA LYS A 76 13.02 2.02 -6.96
C LYS A 76 12.08 0.83 -7.14
N GLU A 77 11.26 0.58 -6.13
CA GLU A 77 10.30 -0.53 -6.17
C GLU A 77 9.32 -0.44 -5.01
N VAL A 78 8.04 -0.69 -5.29
CA VAL A 78 7.02 -0.64 -4.27
C VAL A 78 6.08 -1.84 -4.37
N VAL A 79 6.54 -2.99 -3.89
CA VAL A 79 5.74 -4.20 -3.92
C VAL A 79 4.64 -4.16 -2.87
N LEU A 80 3.46 -3.67 -3.25
CA LEU A 80 2.34 -3.56 -2.34
C LEU A 80 1.51 -4.84 -2.32
N GLU A 81 1.77 -5.70 -1.33
CA GLU A 81 1.04 -6.95 -1.20
C GLU A 81 -0.28 -6.71 -0.50
N VAL A 82 -1.38 -6.80 -1.25
CA VAL A 82 -2.70 -6.58 -0.70
C VAL A 82 -3.67 -7.72 -1.02
N LYS A 83 -4.56 -7.99 -0.08
CA LYS A 83 -5.56 -9.05 -0.25
C LYS A 83 -6.96 -8.47 -0.13
N TYR A 84 -7.81 -8.81 -1.10
CA TYR A 84 -9.19 -8.32 -1.10
C TYR A 84 -10.00 -8.96 0.03
N MET A 85 -10.16 -8.23 1.12
CA MET A 85 -10.91 -8.72 2.27
C MET A 85 -12.22 -7.95 2.44
N LYS A 86 -12.44 -6.95 1.61
CA LYS A 86 -13.66 -6.15 1.69
C LYS A 86 -14.66 -6.58 0.63
N GLU A 87 -14.16 -6.80 -0.59
CA GLU A 87 -15.02 -7.21 -1.70
C GLU A 87 -15.38 -8.70 -1.58
N ARG A 1 -5.17 -10.91 -2.85
CA ARG A 1 -4.01 -11.85 -2.89
C ARG A 1 -3.16 -11.61 -4.12
N ARG A 2 -2.37 -10.55 -4.11
CA ARG A 2 -1.50 -10.22 -5.24
C ARG A 2 -0.53 -9.09 -4.87
N ARG A 3 0.59 -9.04 -5.58
CA ARG A 3 1.60 -8.01 -5.33
C ARG A 3 1.51 -6.90 -6.38
N VAL A 4 1.38 -5.67 -5.91
CA VAL A 4 1.29 -4.53 -6.81
C VAL A 4 2.65 -3.86 -6.98
N THR A 5 3.44 -4.36 -7.93
CA THR A 5 4.76 -3.82 -8.19
C THR A 5 4.67 -2.54 -9.00
N VAL A 6 4.88 -1.41 -8.34
CA VAL A 6 4.83 -0.11 -8.99
C VAL A 6 6.23 0.44 -9.28
N ARG A 7 6.41 0.95 -10.49
CA ARG A 7 7.70 1.50 -10.89
C ARG A 7 7.63 3.02 -11.07
N LYS A 8 8.69 3.71 -10.69
CA LYS A 8 8.74 5.16 -10.81
C LYS A 8 8.86 5.57 -12.27
N ALA A 9 7.73 5.60 -12.97
CA ALA A 9 7.70 5.99 -14.37
C ALA A 9 8.00 7.48 -14.53
N ASP A 10 9.26 7.80 -14.81
CA ASP A 10 9.68 9.18 -14.99
C ASP A 10 9.51 9.98 -13.70
N ALA A 11 8.27 10.39 -13.42
CA ALA A 11 7.98 11.16 -12.23
C ALA A 11 6.69 10.67 -11.56
N GLY A 12 6.82 10.13 -10.36
CA GLY A 12 5.66 9.63 -9.63
C GLY A 12 6.04 8.62 -8.57
N GLY A 13 5.94 9.02 -7.31
CA GLY A 13 6.28 8.13 -6.22
C GLY A 13 5.11 7.26 -5.80
N LEU A 14 4.17 7.86 -5.07
CA LEU A 14 2.99 7.13 -4.61
C LEU A 14 1.74 7.99 -4.70
N GLY A 15 0.58 7.36 -4.68
CA GLY A 15 -0.67 8.09 -4.76
C GLY A 15 -1.85 7.28 -4.28
N ILE A 16 -1.94 7.07 -2.97
CA ILE A 16 -3.02 6.30 -2.38
C ILE A 16 -3.17 6.62 -0.90
N SER A 17 -4.40 6.48 -0.39
CA SER A 17 -4.67 6.75 1.02
C SER A 17 -4.94 5.43 1.75
N ILE A 18 -4.00 5.04 2.60
CA ILE A 18 -4.11 3.81 3.36
C ILE A 18 -4.56 4.07 4.79
N LYS A 19 -4.89 3.01 5.52
CA LYS A 19 -5.30 3.15 6.92
C LYS A 19 -5.23 1.80 7.63
N GLY A 20 -4.74 1.83 8.87
CA GLY A 20 -4.62 0.61 9.65
C GLY A 20 -4.27 0.89 11.10
N GLY A 21 -4.31 -0.14 11.92
CA GLY A 21 -4.00 0.02 13.33
C GLY A 21 -3.63 -1.28 14.00
N ARG A 22 -2.34 -1.63 13.93
CA ARG A 22 -1.86 -2.86 14.54
C ARG A 22 -2.20 -2.90 16.03
N GLU A 23 -2.13 -1.75 16.68
CA GLU A 23 -2.44 -1.66 18.09
C GLU A 23 -3.87 -2.13 18.35
N ASN A 24 -4.76 -1.81 17.42
CA ASN A 24 -6.16 -2.21 17.52
C ASN A 24 -6.39 -3.56 16.85
N LYS A 25 -5.30 -4.22 16.47
CA LYS A 25 -5.40 -5.51 15.80
C LYS A 25 -6.03 -5.36 14.43
N MET A 26 -5.82 -4.21 13.80
CA MET A 26 -6.37 -3.93 12.49
C MET A 26 -5.27 -3.85 11.43
N PRO A 27 -5.32 -4.72 10.40
CA PRO A 27 -4.32 -4.73 9.32
C PRO A 27 -4.47 -3.52 8.42
N ILE A 28 -3.35 -3.06 7.86
CA ILE A 28 -3.35 -1.90 6.98
C ILE A 28 -4.23 -2.14 5.76
N LEU A 29 -4.93 -1.10 5.32
CA LEU A 29 -5.82 -1.21 4.18
C LEU A 29 -5.85 0.07 3.34
N ILE A 30 -6.48 -0.02 2.18
CA ILE A 30 -6.62 1.12 1.28
C ILE A 30 -7.92 1.86 1.59
N SER A 31 -7.90 3.19 1.51
CA SER A 31 -9.09 3.97 1.82
C SER A 31 -9.39 5.05 0.79
N LYS A 32 -8.43 5.36 -0.08
CA LYS A 32 -8.64 6.38 -1.10
C LYS A 32 -7.45 6.49 -2.05
N ILE A 33 -7.52 5.74 -3.14
CA ILE A 33 -6.47 5.77 -4.15
C ILE A 33 -6.53 7.07 -4.96
N PHE A 34 -5.37 7.62 -5.29
CA PHE A 34 -5.31 8.86 -6.05
C PHE A 34 -5.35 8.59 -7.55
N LYS A 35 -5.74 9.61 -8.31
CA LYS A 35 -5.83 9.50 -9.76
C LYS A 35 -4.67 10.21 -10.44
N GLY A 36 -4.44 9.90 -11.71
CA GLY A 36 -3.34 10.52 -12.44
C GLY A 36 -2.00 10.29 -11.78
N LEU A 37 -1.90 9.23 -10.99
CA LEU A 37 -0.66 8.91 -10.30
C LEU A 37 -0.30 7.43 -10.50
N ALA A 38 0.77 6.99 -9.85
CA ALA A 38 1.22 5.61 -9.97
C ALA A 38 0.09 4.63 -9.66
N ALA A 39 -0.73 4.97 -8.66
CA ALA A 39 -1.84 4.12 -8.28
C ALA A 39 -2.78 3.88 -9.45
N ASP A 40 -3.21 4.97 -10.08
CA ASP A 40 -4.11 4.89 -11.23
C ASP A 40 -3.38 4.45 -12.49
N GLN A 41 -2.05 4.41 -12.41
CA GLN A 41 -1.24 4.01 -13.55
C GLN A 41 -1.27 2.49 -13.73
N THR A 42 -1.11 1.77 -12.63
CA THR A 42 -1.12 0.31 -12.67
C THR A 42 -2.55 -0.23 -12.67
N GLU A 43 -3.49 0.61 -12.29
CA GLU A 43 -4.89 0.23 -12.26
C GLU A 43 -5.09 -1.13 -11.58
N ALA A 44 -4.28 -1.40 -10.56
CA ALA A 44 -4.36 -2.66 -9.84
C ALA A 44 -4.33 -2.44 -8.33
N LEU A 45 -5.22 -1.58 -7.85
CA LEU A 45 -5.30 -1.28 -6.42
C LEU A 45 -6.50 -0.41 -6.11
N PHE A 46 -7.62 -1.04 -5.78
CA PHE A 46 -8.84 -0.31 -5.45
C PHE A 46 -9.11 -0.33 -3.95
N VAL A 47 -9.84 0.67 -3.48
CA VAL A 47 -10.16 0.78 -2.06
C VAL A 47 -10.82 -0.50 -1.54
N GLY A 48 -10.33 -0.98 -0.41
CA GLY A 48 -10.87 -2.20 0.18
C GLY A 48 -9.82 -3.28 0.37
N ASP A 49 -8.67 -3.11 -0.27
CA ASP A 49 -7.59 -4.07 -0.17
C ASP A 49 -6.89 -3.96 1.18
N ALA A 50 -6.35 -5.07 1.66
CA ALA A 50 -5.65 -5.10 2.95
C ALA A 50 -4.14 -5.27 2.76
N ILE A 51 -3.41 -4.18 2.98
CA ILE A 51 -1.95 -4.22 2.85
C ILE A 51 -1.33 -5.02 3.99
N LEU A 52 -1.04 -6.29 3.73
CA LEU A 52 -0.44 -7.15 4.74
C LEU A 52 1.08 -7.26 4.58
N SER A 53 1.57 -6.78 3.44
CA SER A 53 3.01 -6.83 3.18
C SER A 53 3.43 -5.73 2.20
N VAL A 54 4.61 -5.17 2.43
CA VAL A 54 5.13 -4.11 1.57
C VAL A 54 6.58 -4.38 1.19
N ASN A 55 6.91 -4.14 -0.09
CA ASN A 55 8.26 -4.36 -0.59
C ASN A 55 8.84 -5.68 -0.09
N GLY A 56 7.96 -6.67 0.11
CA GLY A 56 8.39 -7.96 0.59
C GLY A 56 8.69 -7.97 2.08
N GLU A 57 7.82 -7.35 2.85
CA GLU A 57 7.99 -7.29 4.30
C GLU A 57 6.66 -7.46 5.02
N ASP A 58 6.62 -8.39 5.97
CA ASP A 58 5.40 -8.66 6.74
C ASP A 58 4.95 -7.42 7.50
N LEU A 59 3.86 -6.82 7.05
CA LEU A 59 3.32 -5.63 7.69
C LEU A 59 2.33 -6.00 8.78
N SER A 60 2.27 -7.28 9.13
CA SER A 60 1.36 -7.77 10.16
C SER A 60 1.72 -7.19 11.54
N SER A 61 2.91 -6.61 11.64
CA SER A 61 3.39 -6.03 12.88
C SER A 61 4.02 -4.67 12.61
N ALA A 62 3.24 -3.79 12.01
CA ALA A 62 3.72 -2.45 11.67
C ALA A 62 2.56 -1.46 11.63
N THR A 63 2.33 -0.79 12.75
CA THR A 63 1.26 0.20 12.87
C THR A 63 1.18 1.07 11.62
N HIS A 64 0.09 1.81 11.47
CA HIS A 64 -0.10 2.67 10.30
C HIS A 64 1.11 3.53 10.03
N ASP A 65 1.86 3.84 11.06
CA ASP A 65 3.05 4.66 10.92
C ASP A 65 4.18 3.88 10.27
N GLU A 66 4.17 2.58 10.49
CA GLU A 66 5.18 1.71 9.91
C GLU A 66 4.80 1.36 8.48
N ALA A 67 3.50 1.43 8.21
CA ALA A 67 2.99 1.16 6.88
C ALA A 67 3.18 2.36 5.99
N VAL A 68 2.90 3.52 6.55
CA VAL A 68 3.07 4.77 5.82
C VAL A 68 4.54 5.11 5.69
N GLN A 69 5.32 4.64 6.66
CA GLN A 69 6.76 4.86 6.65
C GLN A 69 7.41 3.88 5.69
N ALA A 70 6.80 2.71 5.58
CA ALA A 70 7.30 1.67 4.69
C ALA A 70 7.05 2.06 3.23
N LEU A 71 5.95 2.77 3.00
CA LEU A 71 5.60 3.22 1.65
C LEU A 71 6.32 4.52 1.32
N LYS A 72 6.66 5.28 2.36
CA LYS A 72 7.35 6.54 2.20
C LYS A 72 8.86 6.36 2.20
N LYS A 73 9.31 5.18 2.62
CA LYS A 73 10.74 4.89 2.68
C LYS A 73 11.16 3.98 1.53
N THR A 74 10.20 3.51 0.75
CA THR A 74 10.48 2.63 -0.38
C THR A 74 11.24 3.37 -1.48
N GLY A 75 11.96 2.62 -2.30
CA GLY A 75 12.72 3.22 -3.39
C GLY A 75 12.68 2.37 -4.65
N LYS A 76 12.58 3.04 -5.80
CA LYS A 76 12.53 2.34 -7.07
C LYS A 76 11.29 1.43 -7.15
N GLU A 77 11.47 0.15 -7.50
CA GLU A 77 10.35 -0.77 -7.60
C GLU A 77 9.79 -1.09 -6.21
N VAL A 78 8.49 -0.87 -6.05
CA VAL A 78 7.82 -1.12 -4.78
C VAL A 78 6.79 -2.24 -4.91
N VAL A 79 7.00 -3.31 -4.17
CA VAL A 79 6.09 -4.46 -4.20
C VAL A 79 5.05 -4.36 -3.08
N LEU A 80 3.91 -3.76 -3.38
CA LEU A 80 2.85 -3.59 -2.40
C LEU A 80 1.96 -4.83 -2.36
N GLU A 81 2.26 -5.75 -1.45
CA GLU A 81 1.49 -6.97 -1.31
C GLU A 81 0.22 -6.72 -0.48
N VAL A 82 -0.93 -6.95 -1.11
CA VAL A 82 -2.21 -6.75 -0.44
C VAL A 82 -3.13 -7.96 -0.62
N LYS A 83 -4.24 -7.95 0.11
CA LYS A 83 -5.21 -9.04 0.03
C LYS A 83 -6.64 -8.50 0.11
N TYR A 84 -7.42 -8.75 -0.93
CA TYR A 84 -8.80 -8.28 -0.97
C TYR A 84 -9.67 -9.05 0.03
N MET A 85 -9.94 -8.42 1.17
CA MET A 85 -10.75 -9.04 2.20
C MET A 85 -12.10 -8.35 2.34
N LYS A 86 -12.26 -7.22 1.65
CA LYS A 86 -13.52 -6.48 1.70
C LYS A 86 -13.79 -5.96 3.11
N GLU A 87 -14.16 -4.69 3.21
CA GLU A 87 -14.44 -4.07 4.51
C GLU A 87 -13.23 -4.15 5.43
N ARG A 1 -2.83 -12.01 -1.65
CA ARG A 1 -3.64 -12.34 -2.84
C ARG A 1 -2.91 -11.95 -4.12
N ARG A 2 -2.35 -10.75 -4.13
CA ARG A 2 -1.62 -10.26 -5.30
C ARG A 2 -0.66 -9.13 -4.91
N ARG A 3 0.48 -9.08 -5.58
CA ARG A 3 1.48 -8.05 -5.31
C ARG A 3 1.44 -6.95 -6.37
N VAL A 4 1.32 -5.71 -5.92
CA VAL A 4 1.26 -4.57 -6.83
C VAL A 4 2.63 -3.89 -6.94
N THR A 5 3.45 -4.36 -7.87
CA THR A 5 4.78 -3.79 -8.06
C THR A 5 4.71 -2.51 -8.88
N VAL A 6 4.62 -1.37 -8.18
CA VAL A 6 4.53 -0.07 -8.85
C VAL A 6 5.89 0.62 -8.85
N ARG A 7 6.32 1.07 -10.02
CA ARG A 7 7.59 1.76 -10.17
C ARG A 7 7.43 3.26 -9.90
N LYS A 8 8.29 3.80 -9.05
CA LYS A 8 8.25 5.21 -8.71
C LYS A 8 9.56 5.90 -9.08
N ALA A 9 9.52 7.23 -9.15
CA ALA A 9 10.70 8.01 -9.49
C ALA A 9 10.45 9.51 -9.28
N ASP A 10 9.27 9.97 -9.68
CA ASP A 10 8.91 11.37 -9.53
C ASP A 10 7.77 11.53 -8.53
N ALA A 11 7.17 12.72 -8.51
CA ALA A 11 6.06 13.01 -7.60
C ALA A 11 6.52 12.89 -6.14
N GLY A 12 5.59 13.15 -5.22
CA GLY A 12 5.91 13.07 -3.81
C GLY A 12 6.14 11.65 -3.35
N GLY A 13 5.11 10.81 -3.49
CA GLY A 13 5.23 9.42 -3.09
C GLY A 13 4.62 8.46 -4.08
N LEU A 14 3.45 7.94 -3.76
CA LEU A 14 2.76 7.01 -4.65
C LEU A 14 1.44 7.60 -5.14
N GLY A 15 0.52 7.84 -4.22
CA GLY A 15 -0.77 8.39 -4.59
C GLY A 15 -1.93 7.53 -4.12
N ILE A 16 -2.01 7.31 -2.81
CA ILE A 16 -3.07 6.51 -2.23
C ILE A 16 -3.24 6.80 -0.74
N SER A 17 -4.46 6.67 -0.25
CA SER A 17 -4.74 6.92 1.16
C SER A 17 -5.02 5.60 1.88
N ILE A 18 -4.09 5.21 2.75
CA ILE A 18 -4.22 3.97 3.50
C ILE A 18 -4.62 4.24 4.94
N LYS A 19 -4.97 3.18 5.67
CA LYS A 19 -5.34 3.33 7.07
C LYS A 19 -5.33 1.98 7.78
N GLY A 20 -4.81 1.97 9.00
CA GLY A 20 -4.74 0.73 9.78
C GLY A 20 -4.33 0.99 11.21
N GLY A 21 -4.42 -0.04 12.04
CA GLY A 21 -4.06 0.11 13.43
C GLY A 21 -3.68 -1.20 14.08
N ARG A 22 -2.40 -1.56 13.97
CA ARG A 22 -1.91 -2.80 14.56
C ARG A 22 -2.25 -2.89 16.04
N GLU A 23 -2.25 -1.73 16.71
CA GLU A 23 -2.57 -1.66 18.12
C GLU A 23 -3.98 -2.17 18.37
N ASN A 24 -4.87 -1.88 17.42
CA ASN A 24 -6.26 -2.31 17.52
C ASN A 24 -6.45 -3.67 16.85
N LYS A 25 -5.34 -4.30 16.46
CA LYS A 25 -5.38 -5.60 15.80
C LYS A 25 -6.03 -5.46 14.42
N MET A 26 -5.84 -4.29 13.80
CA MET A 26 -6.42 -4.04 12.49
C MET A 26 -5.33 -3.97 11.42
N PRO A 27 -5.40 -4.83 10.37
CA PRO A 27 -4.42 -4.84 9.30
C PRO A 27 -4.52 -3.60 8.42
N ILE A 28 -3.38 -3.13 7.94
CA ILE A 28 -3.34 -1.94 7.09
C ILE A 28 -4.18 -2.13 5.84
N LEU A 29 -4.89 -1.08 5.44
CA LEU A 29 -5.76 -1.14 4.26
C LEU A 29 -5.76 0.16 3.47
N ILE A 30 -6.38 0.11 2.30
CA ILE A 30 -6.51 1.27 1.43
C ILE A 30 -7.85 1.95 1.70
N SER A 31 -7.89 3.28 1.59
CA SER A 31 -9.13 4.00 1.86
C SER A 31 -9.42 5.10 0.83
N LYS A 32 -8.45 5.42 -0.02
CA LYS A 32 -8.67 6.46 -1.03
C LYS A 32 -7.48 6.58 -1.99
N ILE A 33 -7.56 5.85 -3.08
CA ILE A 33 -6.51 5.89 -4.10
C ILE A 33 -6.61 7.18 -4.92
N PHE A 34 -5.47 7.65 -5.41
CA PHE A 34 -5.43 8.88 -6.20
C PHE A 34 -5.35 8.56 -7.69
N LYS A 35 -6.15 9.25 -8.48
CA LYS A 35 -6.17 9.05 -9.92
C LYS A 35 -5.01 9.78 -10.59
N GLY A 36 -4.55 9.26 -11.72
CA GLY A 36 -3.44 9.88 -12.42
C GLY A 36 -2.09 9.42 -11.90
N LEU A 37 -1.88 9.52 -10.59
CA LEU A 37 -0.63 9.11 -9.97
C LEU A 37 -0.32 7.65 -10.27
N ALA A 38 0.79 7.16 -9.73
CA ALA A 38 1.20 5.78 -9.93
C ALA A 38 0.11 4.80 -9.50
N ALA A 39 -0.64 5.17 -8.47
CA ALA A 39 -1.72 4.33 -7.97
C ALA A 39 -2.66 3.91 -9.09
N ASP A 40 -3.17 4.89 -9.83
CA ASP A 40 -4.08 4.63 -10.94
C ASP A 40 -3.31 4.32 -12.22
N GLN A 41 -2.00 4.53 -12.19
CA GLN A 41 -1.15 4.26 -13.35
C GLN A 41 -0.96 2.77 -13.55
N THR A 42 -0.96 2.02 -12.45
CA THR A 42 -0.78 0.57 -12.51
C THR A 42 -2.13 -0.14 -12.57
N GLU A 43 -3.20 0.59 -12.32
CA GLU A 43 -4.56 0.04 -12.35
C GLU A 43 -4.62 -1.32 -11.66
N ALA A 44 -3.90 -1.45 -10.55
CA ALA A 44 -3.88 -2.70 -9.80
C ALA A 44 -3.82 -2.43 -8.30
N LEU A 45 -4.76 -1.63 -7.80
CA LEU A 45 -4.81 -1.30 -6.39
C LEU A 45 -6.02 -0.42 -6.08
N PHE A 46 -7.15 -1.05 -5.80
CA PHE A 46 -8.37 -0.32 -5.49
C PHE A 46 -8.69 -0.38 -3.99
N VAL A 47 -9.49 0.57 -3.53
CA VAL A 47 -9.86 0.64 -2.12
C VAL A 47 -10.42 -0.69 -1.63
N GLY A 48 -10.03 -1.08 -0.43
CA GLY A 48 -10.49 -2.33 0.13
C GLY A 48 -9.41 -3.38 0.21
N ASP A 49 -8.26 -3.12 -0.42
CA ASP A 49 -7.15 -4.05 -0.41
C ASP A 49 -6.32 -3.90 0.87
N ALA A 50 -6.34 -4.94 1.70
CA ALA A 50 -5.60 -4.92 2.96
C ALA A 50 -4.11 -5.13 2.73
N ILE A 51 -3.33 -4.09 2.99
CA ILE A 51 -1.89 -4.15 2.83
C ILE A 51 -1.25 -4.95 3.96
N LEU A 52 -0.95 -6.22 3.69
CA LEU A 52 -0.34 -7.08 4.70
C LEU A 52 1.15 -7.28 4.44
N SER A 53 1.62 -6.86 3.28
CA SER A 53 3.03 -7.01 2.93
C SER A 53 3.45 -5.94 1.92
N VAL A 54 4.69 -5.46 2.08
CA VAL A 54 5.23 -4.44 1.19
C VAL A 54 6.72 -4.67 0.94
N ASN A 55 7.11 -4.66 -0.33
CA ASN A 55 8.50 -4.88 -0.70
C ASN A 55 9.06 -6.16 -0.06
N GLY A 56 8.16 -7.10 0.21
CA GLY A 56 8.58 -8.36 0.82
C GLY A 56 8.77 -8.23 2.32
N GLU A 57 7.91 -7.45 2.97
CA GLU A 57 8.00 -7.24 4.40
C GLU A 57 6.64 -7.44 5.07
N ASP A 58 6.58 -8.35 6.03
CA ASP A 58 5.34 -8.64 6.73
C ASP A 58 4.85 -7.42 7.51
N LEU A 59 3.80 -6.79 7.01
CA LEU A 59 3.23 -5.62 7.65
C LEU A 59 2.13 -6.00 8.64
N SER A 60 2.04 -7.29 8.95
CA SER A 60 1.04 -7.79 9.89
C SER A 60 1.31 -7.29 11.32
N SER A 61 2.50 -6.75 11.53
CA SER A 61 2.89 -6.22 12.83
C SER A 61 3.65 -4.91 12.66
N ALA A 62 2.97 -3.95 12.04
CA ALA A 62 3.56 -2.64 11.79
C ALA A 62 2.46 -1.58 11.71
N THR A 63 2.22 -0.92 12.84
CA THR A 63 1.21 0.14 12.93
C THR A 63 1.17 1.00 11.68
N HIS A 64 0.08 1.75 11.52
CA HIS A 64 -0.09 2.61 10.35
C HIS A 64 1.15 3.42 10.04
N ASP A 65 1.93 3.72 11.06
CA ASP A 65 3.14 4.51 10.88
C ASP A 65 4.22 3.71 10.17
N GLU A 66 4.15 2.40 10.28
CA GLU A 66 5.10 1.53 9.63
C GLU A 66 4.72 1.31 8.18
N ALA A 67 3.43 1.37 7.92
CA ALA A 67 2.91 1.21 6.57
C ALA A 67 3.09 2.50 5.80
N VAL A 68 2.86 3.60 6.50
CA VAL A 68 3.02 4.92 5.89
C VAL A 68 4.49 5.24 5.73
N GLN A 69 5.31 4.69 6.62
CA GLN A 69 6.74 4.90 6.56
C GLN A 69 7.35 4.02 5.49
N ALA A 70 6.71 2.88 5.26
CA ALA A 70 7.16 1.94 4.24
C ALA A 70 6.85 2.48 2.85
N LEU A 71 5.74 3.22 2.74
CA LEU A 71 5.34 3.80 1.47
C LEU A 71 6.09 5.10 1.21
N LYS A 72 6.50 5.75 2.28
CA LYS A 72 7.24 7.00 2.19
C LYS A 72 8.74 6.75 2.13
N LYS A 73 9.15 5.53 2.46
CA LYS A 73 10.56 5.16 2.44
C LYS A 73 10.80 3.96 1.54
N THR A 74 10.87 4.20 0.24
CA THR A 74 11.10 3.13 -0.72
C THR A 74 11.81 3.66 -1.97
N GLY A 75 12.34 2.75 -2.77
CA GLY A 75 13.04 3.15 -3.98
C GLY A 75 12.81 2.18 -5.12
N LYS A 76 12.81 2.71 -6.34
CA LYS A 76 12.60 1.88 -7.53
C LYS A 76 11.23 1.18 -7.46
N GLU A 77 11.18 -0.09 -7.84
CA GLU A 77 9.93 -0.84 -7.81
C GLU A 77 9.49 -1.12 -6.38
N VAL A 78 8.18 -1.07 -6.14
CA VAL A 78 7.64 -1.31 -4.81
C VAL A 78 6.57 -2.40 -4.85
N VAL A 79 6.89 -3.56 -4.33
CA VAL A 79 5.96 -4.69 -4.29
C VAL A 79 4.94 -4.53 -3.18
N LEU A 80 3.80 -3.92 -3.50
CA LEU A 80 2.75 -3.70 -2.53
C LEU A 80 1.80 -4.90 -2.45
N GLU A 81 2.16 -5.88 -1.63
CA GLU A 81 1.34 -7.08 -1.48
C GLU A 81 0.13 -6.78 -0.59
N VAL A 82 -1.06 -7.05 -1.11
CA VAL A 82 -2.28 -6.81 -0.36
C VAL A 82 -3.25 -7.98 -0.47
N LYS A 83 -4.30 -7.94 0.34
CA LYS A 83 -5.32 -8.99 0.34
C LYS A 83 -6.72 -8.38 0.34
N TYR A 84 -7.56 -8.84 -0.56
CA TYR A 84 -8.93 -8.33 -0.66
C TYR A 84 -9.75 -8.77 0.54
N MET A 85 -9.84 -7.90 1.55
CA MET A 85 -10.61 -8.19 2.75
C MET A 85 -11.65 -7.12 3.03
N LYS A 86 -12.05 -6.40 1.97
CA LYS A 86 -13.05 -5.34 2.11
C LYS A 86 -14.15 -5.49 1.07
N GLU A 87 -15.35 -5.84 1.53
CA GLU A 87 -16.50 -6.01 0.64
C GLU A 87 -17.81 -5.77 1.38
N ARG A 1 -4.49 -13.00 -1.74
CA ARG A 1 -3.15 -12.36 -1.63
C ARG A 1 -2.56 -12.06 -3.01
N ARG A 2 -2.06 -10.84 -3.18
CA ARG A 2 -1.47 -10.42 -4.44
C ARG A 2 -0.45 -9.31 -4.22
N ARG A 3 0.56 -9.26 -5.08
CA ARG A 3 1.59 -8.23 -4.99
C ARG A 3 1.44 -7.20 -6.09
N VAL A 4 1.34 -5.93 -5.70
CA VAL A 4 1.20 -4.84 -6.66
C VAL A 4 2.52 -4.11 -6.86
N THR A 5 3.29 -4.53 -7.85
CA THR A 5 4.57 -3.91 -8.15
C THR A 5 4.38 -2.59 -8.87
N VAL A 6 4.85 -1.51 -8.24
CA VAL A 6 4.73 -0.18 -8.81
C VAL A 6 6.09 0.49 -8.92
N ARG A 7 6.43 0.93 -10.13
CA ARG A 7 7.71 1.59 -10.37
C ARG A 7 7.50 3.04 -10.78
N LYS A 8 8.34 3.93 -10.25
CA LYS A 8 8.25 5.35 -10.56
C LYS A 8 8.71 5.62 -11.98
N ALA A 9 8.68 6.90 -12.38
CA ALA A 9 9.10 7.29 -13.72
C ALA A 9 9.64 8.72 -13.73
N ASP A 10 8.75 9.69 -13.53
CA ASP A 10 9.14 11.09 -13.52
C ASP A 10 8.26 11.89 -12.55
N ALA A 11 6.98 12.00 -12.88
CA ALA A 11 6.03 12.74 -12.04
C ALA A 11 5.32 11.80 -11.08
N GLY A 12 4.73 10.74 -11.62
CA GLY A 12 4.02 9.79 -10.78
C GLY A 12 4.92 9.09 -9.80
N GLY A 13 4.35 8.63 -8.69
CA GLY A 13 5.13 7.94 -7.67
C GLY A 13 4.33 7.64 -6.43
N LEU A 14 3.57 6.55 -6.46
CA LEU A 14 2.75 6.15 -5.32
C LEU A 14 1.75 7.25 -4.97
N GLY A 15 0.47 6.98 -5.23
CA GLY A 15 -0.57 7.95 -4.93
C GLY A 15 -1.83 7.30 -4.40
N ILE A 16 -1.84 7.01 -3.10
CA ILE A 16 -3.00 6.38 -2.47
C ILE A 16 -2.98 6.60 -0.96
N SER A 17 -4.16 6.62 -0.36
CA SER A 17 -4.27 6.81 1.09
C SER A 17 -4.63 5.49 1.77
N ILE A 18 -3.78 5.08 2.71
CA ILE A 18 -3.97 3.83 3.43
C ILE A 18 -4.36 4.09 4.88
N LYS A 19 -4.76 3.04 5.59
CA LYS A 19 -5.11 3.15 7.01
C LYS A 19 -5.08 1.78 7.67
N GLY A 20 -4.57 1.74 8.89
CA GLY A 20 -4.48 0.49 9.62
C GLY A 20 -4.10 0.69 11.07
N GLY A 21 -4.18 -0.37 11.85
CA GLY A 21 -3.84 -0.29 13.26
C GLY A 21 -3.62 -1.66 13.89
N ARG A 22 -2.42 -2.20 13.75
CA ARG A 22 -2.09 -3.50 14.31
C ARG A 22 -2.37 -3.54 15.81
N GLU A 23 -2.30 -2.37 16.43
CA GLU A 23 -2.54 -2.26 17.87
C GLU A 23 -3.93 -2.79 18.22
N ASN A 24 -4.93 -2.31 17.49
CA ASN A 24 -6.31 -2.73 17.72
C ASN A 24 -6.67 -3.95 16.86
N LYS A 25 -5.64 -4.60 16.31
CA LYS A 25 -5.84 -5.77 15.46
C LYS A 25 -6.44 -5.39 14.11
N MET A 26 -6.09 -4.18 13.64
CA MET A 26 -6.60 -3.70 12.35
C MET A 26 -5.49 -3.73 11.30
N PRO A 27 -5.61 -4.62 10.29
CA PRO A 27 -4.61 -4.72 9.22
C PRO A 27 -4.63 -3.51 8.30
N ILE A 28 -3.47 -3.15 7.77
CA ILE A 28 -3.35 -2.01 6.89
C ILE A 28 -4.22 -2.17 5.64
N LEU A 29 -4.89 -1.09 5.26
CA LEU A 29 -5.78 -1.13 4.10
C LEU A 29 -5.75 0.18 3.32
N ILE A 30 -6.38 0.15 2.14
CA ILE A 30 -6.46 1.34 1.28
C ILE A 30 -7.78 2.07 1.56
N SER A 31 -7.75 3.40 1.55
CA SER A 31 -8.96 4.17 1.82
C SER A 31 -9.12 5.39 0.91
N LYS A 32 -8.16 5.65 0.05
CA LYS A 32 -8.26 6.80 -0.86
C LYS A 32 -7.32 6.69 -2.04
N ILE A 33 -7.79 6.02 -3.08
CA ILE A 33 -7.01 5.84 -4.30
C ILE A 33 -7.01 7.11 -5.14
N PHE A 34 -5.83 7.64 -5.42
CA PHE A 34 -5.70 8.86 -6.21
C PHE A 34 -5.54 8.54 -7.70
N LYS A 35 -6.06 9.41 -8.55
CA LYS A 35 -5.98 9.22 -10.00
C LYS A 35 -4.91 10.12 -10.61
N GLY A 36 -4.35 9.68 -11.73
CA GLY A 36 -3.32 10.47 -12.39
C GLY A 36 -1.92 10.03 -12.02
N LEU A 37 -1.78 9.46 -10.82
CA LEU A 37 -0.48 9.00 -10.35
C LEU A 37 -0.29 7.52 -10.62
N ALA A 38 0.89 7.00 -10.28
CA ALA A 38 1.20 5.59 -10.49
C ALA A 38 0.13 4.70 -9.89
N ALA A 39 -0.55 5.19 -8.86
CA ALA A 39 -1.61 4.43 -8.21
C ALA A 39 -2.66 3.95 -9.21
N ASP A 40 -3.38 4.90 -9.79
CA ASP A 40 -4.41 4.57 -10.77
C ASP A 40 -3.79 4.21 -12.12
N GLN A 41 -2.49 4.43 -12.25
CA GLN A 41 -1.78 4.12 -13.49
C GLN A 41 -1.61 2.61 -13.64
N THR A 42 -1.43 1.92 -12.52
CA THR A 42 -1.25 0.47 -12.55
C THR A 42 -2.59 -0.25 -12.63
N GLU A 43 -3.66 0.47 -12.34
CA GLU A 43 -5.00 -0.10 -12.38
C GLU A 43 -5.06 -1.45 -11.68
N ALA A 44 -4.20 -1.63 -10.68
CA ALA A 44 -4.15 -2.89 -9.93
C ALA A 44 -4.10 -2.63 -8.43
N LEU A 45 -4.76 -1.56 -8.00
CA LEU A 45 -4.79 -1.21 -6.59
C LEU A 45 -5.92 -0.21 -6.30
N PHE A 46 -6.99 -0.70 -5.69
CA PHE A 46 -8.14 0.14 -5.36
C PHE A 46 -8.52 0.02 -3.89
N VAL A 47 -9.43 0.87 -3.45
CA VAL A 47 -9.88 0.86 -2.06
C VAL A 47 -10.45 -0.51 -1.68
N GLY A 48 -10.27 -0.88 -0.41
CA GLY A 48 -10.76 -2.16 0.06
C GLY A 48 -9.69 -3.22 0.10
N ASP A 49 -8.47 -2.85 -0.32
CA ASP A 49 -7.36 -3.80 -0.33
C ASP A 49 -6.69 -3.86 1.04
N ALA A 50 -6.35 -5.07 1.49
CA ALA A 50 -5.71 -5.25 2.77
C ALA A 50 -4.21 -5.46 2.63
N ILE A 51 -3.44 -4.41 2.89
CA ILE A 51 -1.99 -4.47 2.79
C ILE A 51 -1.41 -5.26 3.97
N LEU A 52 -0.85 -6.43 3.68
CA LEU A 52 -0.27 -7.27 4.72
C LEU A 52 1.25 -7.34 4.60
N SER A 53 1.78 -6.92 3.46
CA SER A 53 3.22 -6.95 3.24
C SER A 53 3.62 -5.96 2.15
N VAL A 54 4.84 -5.42 2.27
CA VAL A 54 5.35 -4.47 1.31
C VAL A 54 6.85 -4.65 1.09
N ASN A 55 7.25 -4.77 -0.17
CA ASN A 55 8.65 -4.96 -0.53
C ASN A 55 9.33 -6.00 0.37
N GLY A 56 8.55 -6.96 0.86
CA GLY A 56 9.08 -7.99 1.71
C GLY A 56 9.12 -7.58 3.17
N GLU A 57 8.08 -6.88 3.61
CA GLU A 57 8.00 -6.43 5.00
C GLU A 57 6.61 -6.71 5.58
N ASP A 58 6.57 -7.63 6.54
CA ASP A 58 5.31 -7.99 7.17
C ASP A 58 4.68 -6.79 7.88
N LEU A 59 3.66 -6.22 7.26
CA LEU A 59 2.97 -5.06 7.83
C LEU A 59 2.03 -5.48 8.96
N SER A 60 1.79 -6.78 9.09
CA SER A 60 0.92 -7.30 10.14
C SER A 60 1.44 -6.89 11.53
N SER A 61 2.72 -6.56 11.60
CA SER A 61 3.34 -6.14 12.84
C SER A 61 4.06 -4.81 12.63
N ALA A 62 3.33 -3.84 12.11
CA ALA A 62 3.87 -2.52 11.84
C ALA A 62 2.76 -1.47 11.80
N THR A 63 2.57 -0.79 12.93
CA THR A 63 1.55 0.24 13.05
C THR A 63 1.44 1.06 11.77
N HIS A 64 0.32 1.75 11.59
CA HIS A 64 0.11 2.55 10.39
C HIS A 64 1.30 3.44 10.07
N ASP A 65 2.06 3.80 11.08
CA ASP A 65 3.22 4.65 10.89
C ASP A 65 4.36 3.87 10.27
N GLU A 66 4.38 2.58 10.53
CA GLU A 66 5.40 1.70 9.97
C GLU A 66 5.03 1.31 8.56
N ALA A 67 3.73 1.34 8.28
CA ALA A 67 3.22 1.02 6.95
C ALA A 67 3.41 2.21 6.04
N VAL A 68 3.08 3.38 6.56
CA VAL A 68 3.23 4.61 5.81
C VAL A 68 4.71 4.95 5.65
N GLN A 69 5.50 4.53 6.64
CA GLN A 69 6.93 4.76 6.60
C GLN A 69 7.59 3.78 5.65
N ALA A 70 6.97 2.60 5.54
CA ALA A 70 7.47 1.56 4.66
C ALA A 70 7.24 1.95 3.21
N LEU A 71 6.14 2.67 2.97
CA LEU A 71 5.80 3.11 1.62
C LEU A 71 6.49 4.43 1.29
N LYS A 72 6.87 5.16 2.32
CA LYS A 72 7.55 6.44 2.14
C LYS A 72 9.06 6.25 2.02
N LYS A 73 9.54 5.10 2.48
CA LYS A 73 10.95 4.79 2.43
C LYS A 73 11.22 3.68 1.41
N THR A 74 10.41 3.65 0.36
CA THR A 74 10.54 2.64 -0.68
C THR A 74 10.38 3.26 -2.06
N GLY A 75 11.51 3.62 -2.68
CA GLY A 75 11.48 4.22 -4.00
C GLY A 75 11.64 3.21 -5.10
N LYS A 76 11.50 3.65 -6.35
CA LYS A 76 11.64 2.76 -7.51
C LYS A 76 10.59 1.66 -7.45
N GLU A 77 11.01 0.40 -7.59
CA GLU A 77 10.08 -0.72 -7.56
C GLU A 77 9.53 -0.93 -6.15
N VAL A 78 8.21 -1.06 -6.05
CA VAL A 78 7.57 -1.25 -4.76
C VAL A 78 6.54 -2.38 -4.82
N VAL A 79 6.85 -3.49 -4.18
CA VAL A 79 5.94 -4.64 -4.15
C VAL A 79 4.93 -4.52 -3.02
N LEU A 80 3.75 -3.99 -3.34
CA LEU A 80 2.71 -3.81 -2.34
C LEU A 80 1.82 -5.05 -2.24
N GLU A 81 2.09 -5.88 -1.22
CA GLU A 81 1.31 -7.09 -1.01
C GLU A 81 0.01 -6.77 -0.30
N VAL A 82 -1.10 -6.85 -1.03
CA VAL A 82 -2.41 -6.56 -0.46
C VAL A 82 -3.39 -7.71 -0.69
N LYS A 83 -4.49 -7.70 0.04
CA LYS A 83 -5.51 -8.73 -0.07
C LYS A 83 -6.87 -8.11 -0.33
N TYR A 84 -7.28 -8.11 -1.60
CA TYR A 84 -8.57 -7.53 -1.98
C TYR A 84 -9.72 -8.37 -1.46
N MET A 85 -10.44 -7.85 -0.48
CA MET A 85 -11.58 -8.55 0.12
C MET A 85 -12.90 -7.84 -0.21
N LYS A 86 -12.82 -6.76 -0.99
CA LYS A 86 -14.01 -6.01 -1.37
C LYS A 86 -14.68 -5.39 -0.15
N GLU A 87 -15.00 -4.10 -0.24
CA GLU A 87 -15.64 -3.40 0.86
C GLU A 87 -17.10 -3.82 1.01
N ARG A 1 -2.88 -11.92 -1.30
CA ARG A 1 -3.44 -12.60 -2.50
C ARG A 1 -2.68 -12.20 -3.76
N ARG A 2 -2.30 -10.92 -3.83
CA ARG A 2 -1.57 -10.41 -4.99
C ARG A 2 -0.65 -9.27 -4.58
N ARG A 3 0.48 -9.16 -5.26
CA ARG A 3 1.45 -8.10 -4.97
C ARG A 3 1.37 -6.99 -6.01
N VAL A 4 1.53 -5.75 -5.56
CA VAL A 4 1.48 -4.59 -6.45
C VAL A 4 2.82 -3.85 -6.45
N THR A 5 3.72 -4.24 -7.35
CA THR A 5 5.02 -3.61 -7.45
C THR A 5 4.94 -2.31 -8.24
N VAL A 6 5.11 -1.19 -7.55
CA VAL A 6 5.05 0.12 -8.20
C VAL A 6 6.44 0.75 -8.24
N ARG A 7 6.72 1.47 -9.33
CA ARG A 7 8.01 2.12 -9.51
C ARG A 7 7.86 3.63 -9.58
N LYS A 8 8.81 4.36 -9.00
CA LYS A 8 8.77 5.81 -9.00
C LYS A 8 10.17 6.39 -9.15
N ALA A 9 10.24 7.68 -9.43
CA ALA A 9 11.52 8.36 -9.60
C ALA A 9 11.77 9.35 -8.47
N ASP A 10 12.87 10.11 -8.58
CA ASP A 10 13.23 11.10 -7.57
C ASP A 10 12.10 12.11 -7.37
N ALA A 11 11.35 12.37 -8.44
CA ALA A 11 10.26 13.32 -8.39
C ALA A 11 8.93 12.64 -8.66
N GLY A 12 7.95 12.89 -7.80
CA GLY A 12 6.64 12.28 -7.96
C GLY A 12 6.58 10.87 -7.40
N GLY A 13 5.66 10.07 -7.93
CA GLY A 13 5.51 8.71 -7.46
C GLY A 13 4.53 8.58 -6.31
N LEU A 14 3.98 7.39 -6.13
CA LEU A 14 3.02 7.14 -5.06
C LEU A 14 1.78 7.99 -5.24
N GLY A 15 0.64 7.49 -4.76
CA GLY A 15 -0.60 8.23 -4.88
C GLY A 15 -1.79 7.45 -4.36
N ILE A 16 -1.84 7.25 -3.04
CA ILE A 16 -2.93 6.51 -2.43
C ILE A 16 -3.03 6.80 -0.93
N SER A 17 -4.24 6.67 -0.38
CA SER A 17 -4.46 6.91 1.04
C SER A 17 -4.78 5.59 1.73
N ILE A 18 -3.91 5.19 2.66
CA ILE A 18 -4.08 3.94 3.39
C ILE A 18 -4.47 4.21 4.83
N LYS A 19 -4.84 3.14 5.55
CA LYS A 19 -5.20 3.27 6.96
C LYS A 19 -5.18 1.90 7.64
N GLY A 20 -4.65 1.87 8.87
CA GLY A 20 -4.56 0.62 9.60
C GLY A 20 -4.15 0.85 11.04
N GLY A 21 -4.23 -0.21 11.85
CA GLY A 21 -3.86 -0.09 13.24
C GLY A 21 -3.47 -1.42 13.86
N ARG A 22 -2.18 -1.75 13.78
CA ARG A 22 -1.68 -3.00 14.33
C ARG A 22 -2.01 -3.10 15.82
N GLU A 23 -1.92 -1.98 16.52
CA GLU A 23 -2.23 -1.94 17.94
C GLU A 23 -3.63 -2.47 18.19
N ASN A 24 -4.55 -2.13 17.29
CA ASN A 24 -5.93 -2.57 17.39
C ASN A 24 -6.13 -3.89 16.65
N LYS A 25 -5.03 -4.52 16.25
CA LYS A 25 -5.09 -5.78 15.51
C LYS A 25 -5.80 -5.56 14.18
N MET A 26 -5.64 -4.38 13.61
CA MET A 26 -6.26 -4.05 12.34
C MET A 26 -5.24 -3.99 11.22
N PRO A 27 -5.40 -4.84 10.17
CA PRO A 27 -4.48 -4.87 9.03
C PRO A 27 -4.60 -3.61 8.18
N ILE A 28 -3.46 -3.12 7.68
CA ILE A 28 -3.44 -1.92 6.85
C ILE A 28 -4.32 -2.08 5.62
N LEU A 29 -4.99 -1.00 5.24
CA LEU A 29 -5.89 -1.04 4.10
C LEU A 29 -5.88 0.27 3.30
N ILE A 30 -6.52 0.23 2.13
CA ILE A 30 -6.62 1.41 1.27
C ILE A 30 -7.89 2.18 1.61
N SER A 31 -7.83 3.51 1.55
CA SER A 31 -8.99 4.32 1.88
C SER A 31 -9.23 5.46 0.88
N LYS A 32 -8.30 5.70 -0.03
CA LYS A 32 -8.49 6.77 -1.01
C LYS A 32 -7.35 6.79 -2.03
N ILE A 33 -7.55 6.08 -3.13
CA ILE A 33 -6.56 6.04 -4.21
C ILE A 33 -6.59 7.33 -5.02
N PHE A 34 -5.48 7.66 -5.66
CA PHE A 34 -5.40 8.87 -6.46
C PHE A 34 -5.34 8.54 -7.95
N LYS A 35 -6.16 9.24 -8.74
CA LYS A 35 -6.21 9.03 -10.18
C LYS A 35 -5.14 9.85 -10.89
N GLY A 36 -4.61 9.29 -11.97
CA GLY A 36 -3.57 9.98 -12.73
C GLY A 36 -2.18 9.75 -12.16
N LEU A 37 -2.09 9.07 -11.02
CA LEU A 37 -0.82 8.78 -10.39
C LEU A 37 -0.43 7.32 -10.56
N ALA A 38 0.68 6.93 -9.94
CA ALA A 38 1.16 5.55 -10.02
C ALA A 38 0.06 4.56 -9.63
N ALA A 39 -0.74 4.93 -8.65
CA ALA A 39 -1.84 4.08 -8.18
C ALA A 39 -2.75 3.69 -9.33
N ASP A 40 -3.30 4.68 -10.02
CA ASP A 40 -4.19 4.43 -11.14
C ASP A 40 -3.42 4.00 -12.39
N GLN A 41 -2.10 4.12 -12.33
CA GLN A 41 -1.25 3.74 -13.45
C GLN A 41 -1.15 2.22 -13.57
N THR A 42 -1.05 1.55 -12.43
CA THR A 42 -0.96 0.09 -12.41
C THR A 42 -2.34 -0.54 -12.49
N GLU A 43 -3.37 0.25 -12.23
CA GLU A 43 -4.74 -0.23 -12.28
C GLU A 43 -4.90 -1.57 -11.55
N ALA A 44 -4.33 -1.65 -10.35
CA ALA A 44 -4.40 -2.87 -9.56
C ALA A 44 -4.31 -2.57 -8.07
N LEU A 45 -5.22 -1.75 -7.57
CA LEU A 45 -5.25 -1.38 -6.16
C LEU A 45 -6.42 -0.46 -5.84
N PHE A 46 -7.61 -1.04 -5.75
CA PHE A 46 -8.82 -0.28 -5.46
C PHE A 46 -9.10 -0.22 -3.96
N VAL A 47 -9.77 0.83 -3.52
CA VAL A 47 -10.10 1.01 -2.11
C VAL A 47 -10.70 -0.25 -1.52
N GLY A 48 -10.24 -0.63 -0.34
CA GLY A 48 -10.74 -1.83 0.31
C GLY A 48 -9.72 -2.94 0.34
N ASP A 49 -8.64 -2.79 -0.43
CA ASP A 49 -7.59 -3.80 -0.48
C ASP A 49 -6.78 -3.80 0.81
N ALA A 50 -6.86 -4.91 1.54
CA ALA A 50 -6.13 -5.03 2.80
C ALA A 50 -4.66 -5.33 2.57
N ILE A 51 -3.81 -4.34 2.83
CA ILE A 51 -2.37 -4.50 2.67
C ILE A 51 -1.81 -5.43 3.73
N LEU A 52 -1.09 -6.46 3.28
CA LEU A 52 -0.51 -7.45 4.20
C LEU A 52 1.00 -7.36 4.23
N SER A 53 1.59 -6.72 3.23
CA SER A 53 3.04 -6.60 3.15
C SER A 53 3.47 -5.45 2.24
N VAL A 54 4.72 -5.03 2.37
CA VAL A 54 5.25 -3.95 1.56
C VAL A 54 6.76 -4.11 1.36
N ASN A 55 7.19 -4.06 0.10
CA ASN A 55 8.61 -4.21 -0.23
C ASN A 55 9.15 -5.54 0.28
N GLY A 56 8.28 -6.54 0.38
CA GLY A 56 8.70 -7.84 0.85
C GLY A 56 8.82 -7.90 2.36
N GLU A 57 8.05 -7.07 3.05
CA GLU A 57 8.08 -7.03 4.51
C GLU A 57 6.70 -7.27 5.10
N ASP A 58 6.61 -8.18 6.06
CA ASP A 58 5.35 -8.50 6.70
C ASP A 58 4.79 -7.30 7.46
N LEU A 59 3.72 -6.72 6.92
CA LEU A 59 3.09 -5.57 7.54
C LEU A 59 2.13 -5.98 8.66
N SER A 60 2.04 -7.29 8.90
CA SER A 60 1.16 -7.80 9.95
C SER A 60 1.57 -7.27 11.33
N SER A 61 2.81 -6.79 11.42
CA SER A 61 3.33 -6.25 12.66
C SER A 61 4.02 -4.92 12.40
N ALA A 62 3.26 -4.00 11.81
CA ALA A 62 3.78 -2.68 11.49
C ALA A 62 2.66 -1.65 11.48
N THR A 63 2.47 -0.99 12.62
CA THR A 63 1.44 0.04 12.76
C THR A 63 1.36 0.91 11.52
N HIS A 64 0.26 1.65 11.37
CA HIS A 64 0.06 2.51 10.21
C HIS A 64 1.29 3.35 9.89
N ASP A 65 2.06 3.65 10.91
CA ASP A 65 3.26 4.46 10.74
C ASP A 65 4.36 3.65 10.08
N GLU A 66 4.35 2.36 10.32
CA GLU A 66 5.34 1.47 9.74
C GLU A 66 4.94 1.12 8.32
N ALA A 67 3.64 1.20 8.06
CA ALA A 67 3.11 0.91 6.73
C ALA A 67 3.32 2.11 5.83
N VAL A 68 3.04 3.28 6.39
CA VAL A 68 3.22 4.52 5.67
C VAL A 68 4.70 4.82 5.50
N GLN A 69 5.49 4.34 6.44
CA GLN A 69 6.94 4.52 6.40
C GLN A 69 7.53 3.54 5.40
N ALA A 70 6.88 2.39 5.28
CA ALA A 70 7.32 1.35 4.36
C ALA A 70 7.08 1.80 2.92
N LEU A 71 6.02 2.56 2.72
CA LEU A 71 5.68 3.05 1.39
C LEU A 71 6.41 4.35 1.09
N LYS A 72 6.81 5.05 2.14
CA LYS A 72 7.52 6.32 1.99
C LYS A 72 9.04 6.11 1.93
N LYS A 73 9.48 4.92 2.31
CA LYS A 73 10.90 4.59 2.31
C LYS A 73 11.34 4.00 0.96
N THR A 74 10.38 3.76 0.08
CA THR A 74 10.68 3.19 -1.22
C THR A 74 11.14 4.27 -2.20
N GLY A 75 11.49 3.86 -3.41
CA GLY A 75 11.95 4.81 -4.40
C GLY A 75 12.15 4.18 -5.77
N LYS A 76 12.70 2.97 -5.78
CA LYS A 76 12.94 2.26 -7.03
C LYS A 76 12.02 1.04 -7.17
N GLU A 77 11.42 0.64 -6.07
CA GLU A 77 10.52 -0.51 -6.06
C GLU A 77 9.52 -0.42 -4.92
N VAL A 78 8.27 -0.77 -5.20
CA VAL A 78 7.22 -0.74 -4.19
C VAL A 78 6.30 -1.94 -4.30
N VAL A 79 6.77 -3.09 -3.82
CA VAL A 79 5.98 -4.32 -3.86
C VAL A 79 5.07 -4.41 -2.64
N LEU A 80 3.85 -3.91 -2.78
CA LEU A 80 2.89 -3.94 -1.69
C LEU A 80 1.87 -5.07 -1.88
N GLU A 81 1.90 -6.03 -0.95
CA GLU A 81 0.99 -7.17 -1.01
C GLU A 81 -0.34 -6.80 -0.34
N VAL A 82 -1.44 -7.05 -1.03
CA VAL A 82 -2.76 -6.73 -0.51
C VAL A 82 -3.74 -7.87 -0.75
N LYS A 83 -4.85 -7.84 0.00
CA LYS A 83 -5.88 -8.86 -0.12
C LYS A 83 -7.26 -8.20 -0.13
N TYR A 84 -8.09 -8.57 -1.10
CA TYR A 84 -9.43 -8.00 -1.22
C TYR A 84 -10.33 -8.49 -0.08
N MET A 85 -10.78 -7.55 0.73
CA MET A 85 -11.66 -7.88 1.86
C MET A 85 -13.02 -7.21 1.71
N LYS A 86 -13.18 -6.40 0.68
CA LYS A 86 -14.44 -5.70 0.43
C LYS A 86 -14.78 -4.77 1.59
N GLU A 87 -15.59 -3.75 1.31
CA GLU A 87 -15.98 -2.79 2.33
C GLU A 87 -16.85 -3.45 3.39
N ARG A 1 -5.29 -12.32 -1.93
CA ARG A 1 -3.83 -12.27 -1.66
C ARG A 1 -3.04 -12.15 -2.96
N ARG A 2 -2.40 -11.00 -3.15
CA ARG A 2 -1.61 -10.76 -4.35
C ARG A 2 -0.59 -9.65 -4.11
N ARG A 3 0.38 -9.54 -5.00
CA ARG A 3 1.42 -8.52 -4.89
C ARG A 3 1.45 -7.63 -6.11
N VAL A 4 1.21 -6.34 -5.91
CA VAL A 4 1.22 -5.37 -7.00
C VAL A 4 2.58 -4.72 -7.13
N THR A 5 2.89 -4.22 -8.32
CA THR A 5 4.17 -3.57 -8.58
C THR A 5 3.97 -2.13 -9.04
N VAL A 6 4.86 -1.25 -8.59
CA VAL A 6 4.79 0.16 -8.95
C VAL A 6 6.14 0.66 -9.44
N ARG A 7 6.14 1.33 -10.59
CA ARG A 7 7.37 1.88 -11.17
C ARG A 7 7.44 3.39 -10.97
N LYS A 8 8.65 3.94 -11.12
CA LYS A 8 8.85 5.37 -10.96
C LYS A 8 8.38 6.12 -12.20
N ALA A 9 7.11 6.50 -12.22
CA ALA A 9 6.55 7.22 -13.35
C ALA A 9 7.19 8.59 -13.50
N ASP A 10 6.88 9.27 -14.60
CA ASP A 10 7.42 10.60 -14.87
C ASP A 10 6.93 11.61 -13.85
N ALA A 11 5.71 11.41 -13.36
CA ALA A 11 5.12 12.30 -12.37
C ALA A 11 5.28 11.74 -10.96
N GLY A 12 6.37 11.03 -10.73
CA GLY A 12 6.60 10.44 -9.42
C GLY A 12 5.81 9.17 -9.20
N GLY A 13 5.98 8.56 -8.03
CA GLY A 13 5.27 7.34 -7.72
C GLY A 13 4.32 7.50 -6.55
N LEU A 14 3.80 6.38 -6.06
CA LEU A 14 2.87 6.41 -4.94
C LEU A 14 1.64 7.24 -5.26
N GLY A 15 0.72 7.35 -4.29
CA GLY A 15 -0.48 8.12 -4.50
C GLY A 15 -1.73 7.37 -4.05
N ILE A 16 -1.84 7.16 -2.75
CA ILE A 16 -2.99 6.45 -2.19
C ILE A 16 -3.19 6.76 -0.71
N SER A 17 -4.42 6.63 -0.25
CA SER A 17 -4.75 6.89 1.15
C SER A 17 -5.01 5.58 1.88
N ILE A 18 -4.03 5.13 2.66
CA ILE A 18 -4.14 3.89 3.41
C ILE A 18 -4.56 4.14 4.85
N LYS A 19 -4.89 3.07 5.57
CA LYS A 19 -5.26 3.19 6.97
C LYS A 19 -5.21 1.83 7.66
N GLY A 20 -4.70 1.82 8.89
CA GLY A 20 -4.58 0.59 9.64
C GLY A 20 -4.20 0.82 11.10
N GLY A 21 -4.26 -0.24 11.89
CA GLY A 21 -3.93 -0.13 13.29
C GLY A 21 -3.80 -1.47 13.97
N ARG A 22 -2.59 -2.05 13.93
CA ARG A 22 -2.35 -3.35 14.54
C ARG A 22 -2.75 -3.33 16.01
N GLU A 23 -2.61 -2.18 16.65
CA GLU A 23 -2.95 -2.03 18.06
C GLU A 23 -4.44 -2.32 18.26
N ASN A 24 -5.25 -1.90 17.30
CA ASN A 24 -6.69 -2.11 17.36
C ASN A 24 -7.07 -3.44 16.69
N LYS A 25 -6.05 -4.23 16.33
CA LYS A 25 -6.28 -5.51 15.68
C LYS A 25 -6.82 -5.30 14.27
N MET A 26 -6.42 -4.18 13.64
CA MET A 26 -6.86 -3.86 12.30
C MET A 26 -5.66 -3.77 11.34
N PRO A 27 -5.59 -4.68 10.35
CA PRO A 27 -4.50 -4.68 9.37
C PRO A 27 -4.57 -3.48 8.44
N ILE A 28 -3.43 -3.05 7.92
CA ILE A 28 -3.36 -1.92 7.01
C ILE A 28 -4.24 -2.14 5.79
N LEU A 29 -4.95 -1.09 5.37
CA LEU A 29 -5.85 -1.18 4.23
C LEU A 29 -5.87 0.10 3.41
N ILE A 30 -6.52 0.02 2.25
CA ILE A 30 -6.66 1.17 1.35
C ILE A 30 -7.92 1.95 1.71
N SER A 31 -7.87 3.28 1.60
CA SER A 31 -9.02 4.10 1.94
C SER A 31 -9.35 5.12 0.86
N LYS A 32 -8.41 5.40 -0.02
CA LYS A 32 -8.65 6.38 -1.09
C LYS A 32 -7.45 6.49 -2.03
N ILE A 33 -7.47 5.71 -3.10
CA ILE A 33 -6.40 5.74 -4.09
C ILE A 33 -6.55 6.96 -5.01
N PHE A 34 -5.53 7.80 -5.03
CA PHE A 34 -5.56 9.01 -5.85
C PHE A 34 -5.38 8.68 -7.33
N LYS A 35 -5.77 9.62 -8.19
CA LYS A 35 -5.66 9.43 -9.63
C LYS A 35 -4.52 10.27 -10.20
N GLY A 36 -4.15 10.00 -11.44
CA GLY A 36 -3.07 10.73 -12.07
C GLY A 36 -1.73 10.49 -11.41
N LEU A 37 -1.60 9.34 -10.76
CA LEU A 37 -0.36 8.99 -10.09
C LEU A 37 0.00 7.52 -10.33
N ALA A 38 1.03 7.04 -9.64
CA ALA A 38 1.47 5.66 -9.80
C ALA A 38 0.34 4.69 -9.49
N ALA A 39 -0.47 5.01 -8.47
CA ALA A 39 -1.58 4.16 -8.09
C ALA A 39 -2.52 3.90 -9.27
N ASP A 40 -2.99 4.99 -9.89
CA ASP A 40 -3.90 4.87 -11.02
C ASP A 40 -3.15 4.50 -12.30
N GLN A 41 -1.82 4.53 -12.24
CA GLN A 41 -1.00 4.20 -13.39
C GLN A 41 -0.88 2.68 -13.54
N THR A 42 -0.91 1.98 -12.42
CA THR A 42 -0.80 0.52 -12.43
C THR A 42 -2.18 -0.13 -12.49
N GLU A 43 -3.21 0.65 -12.18
CA GLU A 43 -4.58 0.16 -12.21
C GLU A 43 -4.71 -1.18 -11.47
N ALA A 44 -3.96 -1.33 -10.38
CA ALA A 44 -3.98 -2.55 -9.59
C ALA A 44 -4.06 -2.25 -8.10
N LEU A 45 -5.04 -1.45 -7.71
CA LEU A 45 -5.22 -1.09 -6.30
C LEU A 45 -6.53 -0.33 -6.10
N PHE A 46 -7.49 -0.99 -5.46
CA PHE A 46 -8.79 -0.39 -5.19
C PHE A 46 -9.12 -0.41 -3.71
N VAL A 47 -9.91 0.56 -3.27
CA VAL A 47 -10.30 0.65 -1.86
C VAL A 47 -10.87 -0.67 -1.36
N GLY A 48 -10.31 -1.17 -0.26
CA GLY A 48 -10.78 -2.42 0.31
C GLY A 48 -9.68 -3.47 0.39
N ASP A 49 -8.51 -3.16 -0.16
CA ASP A 49 -7.39 -4.08 -0.13
C ASP A 49 -6.69 -4.05 1.23
N ALA A 50 -6.32 -5.23 1.73
CA ALA A 50 -5.64 -5.32 3.01
C ALA A 50 -4.13 -5.45 2.84
N ILE A 51 -3.42 -4.35 3.06
CA ILE A 51 -1.97 -4.33 2.94
C ILE A 51 -1.33 -5.09 4.09
N LEU A 52 -0.94 -6.34 3.83
CA LEU A 52 -0.31 -7.17 4.85
C LEU A 52 1.20 -7.27 4.63
N SER A 53 1.68 -6.76 3.51
CA SER A 53 3.11 -6.80 3.21
C SER A 53 3.47 -5.80 2.12
N VAL A 54 4.73 -5.36 2.12
CA VAL A 54 5.21 -4.42 1.13
C VAL A 54 6.71 -4.60 0.89
N ASN A 55 7.07 -4.82 -0.37
CA ASN A 55 8.47 -5.01 -0.74
C ASN A 55 9.06 -6.22 -0.01
N GLY A 56 8.22 -7.20 0.28
CA GLY A 56 8.67 -8.39 0.97
C GLY A 56 8.85 -8.16 2.46
N GLU A 57 8.12 -7.19 3.00
CA GLU A 57 8.20 -6.87 4.41
C GLU A 57 6.88 -7.16 5.12
N ASP A 58 6.94 -7.99 6.15
CA ASP A 58 5.75 -8.36 6.91
C ASP A 58 5.24 -7.17 7.72
N LEU A 59 4.14 -6.58 7.27
CA LEU A 59 3.55 -5.44 7.96
C LEU A 59 2.52 -5.89 8.99
N SER A 60 2.51 -7.19 9.29
CA SER A 60 1.56 -7.74 10.27
C SER A 60 1.80 -7.13 11.66
N SER A 61 2.98 -6.52 11.84
CA SER A 61 3.33 -5.90 13.10
C SER A 61 4.01 -4.56 12.84
N ALA A 62 3.29 -3.68 12.16
CA ALA A 62 3.79 -2.36 11.82
C ALA A 62 2.65 -1.36 11.76
N THR A 63 2.43 -0.66 12.86
CA THR A 63 1.37 0.35 12.96
C THR A 63 1.28 1.16 11.67
N HIS A 64 0.16 1.87 11.50
CA HIS A 64 -0.05 2.68 10.30
C HIS A 64 1.15 3.54 9.97
N ASP A 65 1.91 3.89 10.97
CA ASP A 65 3.09 4.73 10.78
C ASP A 65 4.21 3.95 10.13
N GLU A 66 4.18 2.65 10.30
CA GLU A 66 5.19 1.77 9.71
C GLU A 66 4.83 1.44 8.28
N ALA A 67 3.54 1.49 7.99
CA ALA A 67 3.05 1.22 6.65
C ALA A 67 3.22 2.45 5.80
N VAL A 68 2.95 3.60 6.40
CA VAL A 68 3.08 4.87 5.70
C VAL A 68 4.54 5.22 5.54
N GLN A 69 5.36 4.84 6.51
CA GLN A 69 6.79 5.09 6.45
C GLN A 69 7.45 4.07 5.54
N ALA A 70 6.83 2.90 5.45
CA ALA A 70 7.32 1.84 4.61
C ALA A 70 7.05 2.16 3.15
N LEU A 71 5.97 2.89 2.90
CA LEU A 71 5.60 3.28 1.54
C LEU A 71 6.30 4.57 1.14
N LYS A 72 6.66 5.37 2.12
CA LYS A 72 7.34 6.63 1.88
C LYS A 72 8.86 6.46 1.87
N LYS A 73 9.32 5.32 2.39
CA LYS A 73 10.75 5.04 2.43
C LYS A 73 11.12 3.95 1.44
N THR A 74 10.43 3.93 0.30
CA THR A 74 10.68 2.95 -0.73
C THR A 74 10.65 3.59 -2.12
N GLY A 75 11.67 3.28 -2.93
CA GLY A 75 11.74 3.85 -4.27
C GLY A 75 12.00 2.79 -5.32
N LYS A 76 12.07 3.22 -6.57
CA LYS A 76 12.32 2.31 -7.68
C LYS A 76 11.21 1.25 -7.75
N GLU A 77 11.60 0.00 -8.00
CA GLU A 77 10.62 -1.09 -8.09
C GLU A 77 10.04 -1.41 -6.72
N VAL A 78 8.74 -1.16 -6.56
CA VAL A 78 8.06 -1.43 -5.31
C VAL A 78 7.05 -2.56 -5.45
N VAL A 79 6.84 -3.30 -4.37
CA VAL A 79 5.90 -4.42 -4.37
C VAL A 79 4.86 -4.26 -3.26
N LEU A 80 3.63 -3.93 -3.65
CA LEU A 80 2.56 -3.75 -2.69
C LEU A 80 1.77 -5.05 -2.48
N GLU A 81 2.15 -5.81 -1.48
CA GLU A 81 1.49 -7.07 -1.18
C GLU A 81 0.22 -6.84 -0.36
N VAL A 82 -0.93 -7.11 -0.96
CA VAL A 82 -2.21 -6.91 -0.29
C VAL A 82 -3.16 -8.07 -0.56
N LYS A 83 -4.27 -8.10 0.17
CA LYS A 83 -5.27 -9.15 0.00
C LYS A 83 -6.66 -8.55 -0.12
N TYR A 84 -7.21 -8.58 -1.34
CA TYR A 84 -8.54 -8.03 -1.59
C TYR A 84 -9.61 -8.88 -0.93
N MET A 85 -10.23 -8.34 0.12
CA MET A 85 -11.29 -9.05 0.83
C MET A 85 -12.36 -8.08 1.32
N LYS A 86 -12.53 -6.97 0.60
CA LYS A 86 -13.52 -5.96 0.96
C LYS A 86 -14.21 -5.42 -0.28
N GLU A 87 -15.39 -4.84 -0.09
CA GLU A 87 -16.15 -4.27 -1.20
C GLU A 87 -17.42 -3.59 -0.70
N ARG A 1 -4.71 -12.65 -2.47
CA ARG A 1 -3.24 -12.40 -2.38
C ARG A 1 -2.70 -11.90 -3.71
N ARG A 2 -2.06 -10.73 -3.67
CA ARG A 2 -1.49 -10.13 -4.87
C ARG A 2 -0.50 -9.03 -4.52
N ARG A 3 0.59 -8.94 -5.27
CA ARG A 3 1.61 -7.93 -5.03
C ARG A 3 1.60 -6.87 -6.12
N VAL A 4 1.54 -5.60 -5.72
CA VAL A 4 1.54 -4.50 -6.67
C VAL A 4 2.89 -3.80 -6.72
N THR A 5 3.78 -4.30 -7.56
CA THR A 5 5.11 -3.74 -7.70
C THR A 5 5.08 -2.49 -8.59
N VAL A 6 5.29 -1.33 -7.98
CA VAL A 6 5.30 -0.08 -8.72
C VAL A 6 6.72 0.44 -8.92
N ARG A 7 6.98 1.00 -10.09
CA ARG A 7 8.30 1.54 -10.40
C ARG A 7 8.25 3.04 -10.58
N LYS A 8 8.92 3.77 -9.68
CA LYS A 8 8.96 5.22 -9.73
C LYS A 8 10.17 5.70 -10.55
N ALA A 9 10.10 5.53 -11.86
CA ALA A 9 11.18 5.94 -12.74
C ALA A 9 11.25 7.46 -12.85
N ASP A 10 10.26 8.03 -13.53
CA ASP A 10 10.21 9.49 -13.71
C ASP A 10 8.77 9.99 -13.64
N ALA A 11 7.92 9.44 -14.50
CA ALA A 11 6.51 9.83 -14.54
C ALA A 11 5.65 8.85 -13.78
N GLY A 12 5.03 9.32 -12.69
CA GLY A 12 4.18 8.46 -11.89
C GLY A 12 4.86 8.01 -10.61
N GLY A 13 4.34 8.49 -9.47
CA GLY A 13 4.91 8.12 -8.19
C GLY A 13 3.86 7.88 -7.13
N LEU A 14 3.35 6.65 -7.08
CA LEU A 14 2.32 6.28 -6.10
C LEU A 14 1.21 7.32 -6.04
N GLY A 15 0.36 7.21 -5.02
CA GLY A 15 -0.73 8.16 -4.87
C GLY A 15 -2.00 7.50 -4.36
N ILE A 16 -2.04 7.22 -3.06
CA ILE A 16 -3.20 6.59 -2.45
C ILE A 16 -3.19 6.77 -0.93
N SER A 17 -4.37 6.73 -0.32
CA SER A 17 -4.48 6.88 1.13
C SER A 17 -4.78 5.53 1.77
N ILE A 18 -4.03 5.20 2.81
CA ILE A 18 -4.19 3.94 3.53
C ILE A 18 -4.51 4.18 5.00
N LYS A 19 -4.88 3.12 5.71
CA LYS A 19 -5.18 3.22 7.13
C LYS A 19 -5.17 1.85 7.80
N GLY A 20 -4.56 1.77 8.98
CA GLY A 20 -4.49 0.52 9.71
C GLY A 20 -3.98 0.72 11.12
N GLY A 21 -4.05 -0.34 11.92
CA GLY A 21 -3.59 -0.27 13.29
C GLY A 21 -3.52 -1.62 13.96
N ARG A 22 -2.35 -2.24 13.94
CA ARG A 22 -2.17 -3.56 14.54
C ARG A 22 -2.60 -3.54 16.00
N GLU A 23 -2.48 -2.38 16.64
CA GLU A 23 -2.87 -2.24 18.04
C GLU A 23 -4.36 -2.54 18.20
N ASN A 24 -5.15 -2.15 17.20
CA ASN A 24 -6.59 -2.40 17.22
C ASN A 24 -6.91 -3.73 16.57
N LYS A 25 -5.87 -4.51 16.27
CA LYS A 25 -6.05 -5.82 15.63
C LYS A 25 -6.60 -5.65 14.22
N MET A 26 -6.25 -4.54 13.58
CA MET A 26 -6.72 -4.26 12.23
C MET A 26 -5.54 -4.13 11.26
N PRO A 27 -5.49 -4.97 10.22
CA PRO A 27 -4.41 -4.91 9.23
C PRO A 27 -4.50 -3.67 8.36
N ILE A 28 -3.37 -3.23 7.81
CA ILE A 28 -3.34 -2.04 6.98
C ILE A 28 -4.25 -2.21 5.76
N LEU A 29 -4.94 -1.13 5.41
CA LEU A 29 -5.87 -1.18 4.28
C LEU A 29 -5.87 0.14 3.50
N ILE A 30 -6.54 0.11 2.35
CA ILE A 30 -6.66 1.28 1.49
C ILE A 30 -7.80 2.17 1.99
N SER A 31 -7.71 3.46 1.72
CA SER A 31 -8.75 4.39 2.17
C SER A 31 -9.01 5.53 1.19
N LYS A 32 -8.20 5.65 0.13
CA LYS A 32 -8.40 6.72 -0.84
C LYS A 32 -7.52 6.56 -2.06
N ILE A 33 -8.03 5.88 -3.07
CA ILE A 33 -7.30 5.66 -4.31
C ILE A 33 -7.35 6.91 -5.19
N PHE A 34 -6.24 7.65 -5.21
CA PHE A 34 -6.15 8.87 -6.01
C PHE A 34 -5.99 8.54 -7.49
N LYS A 35 -6.78 9.21 -8.33
CA LYS A 35 -6.73 9.00 -9.77
C LYS A 35 -5.82 10.00 -10.45
N GLY A 36 -5.27 9.62 -11.59
CA GLY A 36 -4.38 10.50 -12.32
C GLY A 36 -2.92 10.24 -12.03
N LEU A 37 -2.65 9.71 -10.84
CA LEU A 37 -1.28 9.41 -10.43
C LEU A 37 -0.91 7.96 -10.77
N ALA A 38 0.36 7.62 -10.56
CA ALA A 38 0.84 6.28 -10.84
C ALA A 38 0.00 5.23 -10.13
N ALA A 39 -0.56 5.60 -8.98
CA ALA A 39 -1.41 4.69 -8.21
C ALA A 39 -2.53 4.11 -9.07
N ASP A 40 -3.41 4.98 -9.55
CA ASP A 40 -4.52 4.56 -10.39
C ASP A 40 -4.05 4.25 -11.81
N GLN A 41 -2.81 4.61 -12.11
CA GLN A 41 -2.24 4.37 -13.43
C GLN A 41 -1.96 2.89 -13.64
N THR A 42 -1.55 2.21 -12.57
CA THR A 42 -1.25 0.79 -12.64
C THR A 42 -2.53 -0.05 -12.58
N GLU A 43 -3.65 0.60 -12.28
CA GLU A 43 -4.94 -0.07 -12.19
C GLU A 43 -4.83 -1.40 -11.44
N ALA A 44 -3.92 -1.46 -10.48
CA ALA A 44 -3.72 -2.67 -9.69
C ALA A 44 -3.68 -2.37 -8.20
N LEU A 45 -4.59 -1.51 -7.76
CA LEU A 45 -4.67 -1.14 -6.35
C LEU A 45 -5.87 -0.24 -6.09
N PHE A 46 -6.98 -0.86 -5.67
CA PHE A 46 -8.21 -0.12 -5.40
C PHE A 46 -8.58 -0.20 -3.92
N VAL A 47 -9.54 0.62 -3.51
CA VAL A 47 -9.98 0.65 -2.12
C VAL A 47 -10.51 -0.71 -1.70
N GLY A 48 -10.52 -0.96 -0.39
CA GLY A 48 -11.01 -2.24 0.12
C GLY A 48 -9.92 -3.28 0.20
N ASP A 49 -8.76 -3.01 -0.40
CA ASP A 49 -7.65 -3.94 -0.38
C ASP A 49 -6.94 -3.90 0.98
N ALA A 50 -6.53 -5.07 1.45
CA ALA A 50 -5.83 -5.17 2.73
C ALA A 50 -4.34 -5.39 2.54
N ILE A 51 -3.55 -4.38 2.85
CA ILE A 51 -2.11 -4.47 2.72
C ILE A 51 -1.52 -5.37 3.81
N LEU A 52 -0.94 -6.49 3.38
CA LEU A 52 -0.36 -7.44 4.33
C LEU A 52 1.17 -7.39 4.33
N SER A 53 1.74 -6.80 3.29
CA SER A 53 3.18 -6.68 3.20
C SER A 53 3.60 -5.66 2.13
N VAL A 54 4.82 -5.15 2.27
CA VAL A 54 5.34 -4.16 1.34
C VAL A 54 6.83 -4.37 1.11
N ASN A 55 7.21 -4.56 -0.16
CA ASN A 55 8.61 -4.76 -0.51
C ASN A 55 9.18 -5.98 0.21
N GLY A 56 8.33 -6.97 0.44
CA GLY A 56 8.76 -8.18 1.11
C GLY A 56 8.83 -8.02 2.62
N GLU A 57 8.10 -7.05 3.15
CA GLU A 57 8.09 -6.79 4.58
C GLU A 57 6.73 -7.14 5.18
N ASP A 58 6.75 -7.72 6.37
CA ASP A 58 5.51 -8.10 7.06
C ASP A 58 4.93 -6.91 7.82
N LEU A 59 3.83 -6.37 7.30
CA LEU A 59 3.17 -5.23 7.94
C LEU A 59 2.22 -5.69 9.05
N SER A 60 2.17 -7.00 9.28
CA SER A 60 1.30 -7.55 10.33
C SER A 60 1.68 -7.02 11.70
N SER A 61 2.90 -6.50 11.81
CA SER A 61 3.40 -5.95 13.05
C SER A 61 4.13 -4.63 12.78
N ALA A 62 3.41 -3.70 12.18
CA ALA A 62 3.95 -2.40 11.84
C ALA A 62 2.85 -1.35 11.78
N THR A 63 2.68 -0.63 12.89
CA THR A 63 1.66 0.42 13.01
C THR A 63 1.55 1.21 11.70
N HIS A 64 0.43 1.92 11.54
CA HIS A 64 0.20 2.69 10.32
C HIS A 64 1.40 3.54 9.93
N ASP A 65 2.21 3.89 10.90
CA ASP A 65 3.40 4.70 10.65
C ASP A 65 4.46 3.90 9.93
N GLU A 66 4.44 2.60 10.14
CA GLU A 66 5.39 1.70 9.49
C GLU A 66 4.93 1.39 8.09
N ALA A 67 3.62 1.45 7.88
CA ALA A 67 3.04 1.20 6.58
C ALA A 67 3.19 2.43 5.71
N VAL A 68 2.96 3.58 6.32
CA VAL A 68 3.09 4.84 5.62
C VAL A 68 4.56 5.15 5.38
N GLN A 69 5.40 4.64 6.27
CA GLN A 69 6.84 4.83 6.16
C GLN A 69 7.39 3.90 5.09
N ALA A 70 6.75 2.75 4.95
CA ALA A 70 7.15 1.77 3.95
C ALA A 70 6.81 2.28 2.56
N LEU A 71 5.69 2.98 2.44
CA LEU A 71 5.27 3.55 1.16
C LEU A 71 6.01 4.83 0.87
N LYS A 72 6.48 5.48 1.92
CA LYS A 72 7.23 6.73 1.79
C LYS A 72 8.71 6.46 1.60
N LYS A 73 9.14 5.23 1.88
CA LYS A 73 10.53 4.84 1.75
C LYS A 73 10.77 4.13 0.42
N THR A 74 10.89 2.81 0.46
CA THR A 74 11.11 2.01 -0.75
C THR A 74 12.34 2.50 -1.50
N GLY A 75 12.66 1.81 -2.59
CA GLY A 75 13.82 2.19 -3.39
C GLY A 75 13.53 2.19 -4.88
N LYS A 76 14.00 1.17 -5.57
CA LYS A 76 13.79 1.06 -7.01
C LYS A 76 12.55 0.23 -7.34
N GLU A 77 11.91 -0.31 -6.31
CA GLU A 77 10.71 -1.12 -6.48
C GLU A 77 9.77 -1.00 -5.29
N VAL A 78 8.47 -1.03 -5.55
CA VAL A 78 7.48 -0.92 -4.50
C VAL A 78 6.46 -2.05 -4.57
N VAL A 79 6.85 -3.21 -4.02
CA VAL A 79 5.97 -4.38 -4.02
C VAL A 79 4.91 -4.27 -2.93
N LEU A 80 3.74 -3.74 -3.28
CA LEU A 80 2.66 -3.59 -2.32
C LEU A 80 1.79 -4.83 -2.26
N GLU A 81 2.04 -5.67 -1.26
CA GLU A 81 1.27 -6.90 -1.09
C GLU A 81 -0.06 -6.62 -0.39
N VAL A 82 -1.16 -6.84 -1.10
CA VAL A 82 -2.48 -6.61 -0.55
C VAL A 82 -3.40 -7.81 -0.75
N LYS A 83 -4.53 -7.79 -0.07
CA LYS A 83 -5.51 -8.87 -0.17
C LYS A 83 -6.92 -8.32 -0.17
N TYR A 84 -7.63 -8.54 -1.28
CA TYR A 84 -9.00 -8.05 -1.42
C TYR A 84 -9.94 -8.82 -0.50
N MET A 85 -10.28 -8.20 0.63
CA MET A 85 -11.18 -8.82 1.60
C MET A 85 -12.52 -8.08 1.68
N LYS A 86 -12.61 -6.95 0.98
CA LYS A 86 -13.82 -6.15 0.97
C LYS A 86 -14.23 -5.76 2.39
N GLU A 87 -15.22 -4.87 2.50
CA GLU A 87 -15.69 -4.41 3.80
C GLU A 87 -16.79 -5.31 4.32
N ARG A 1 -5.43 -11.48 -3.68
CA ARG A 1 -3.99 -11.61 -3.33
C ARG A 1 -3.10 -11.33 -4.54
N ARG A 2 -2.34 -10.24 -4.47
CA ARG A 2 -1.44 -9.88 -5.55
C ARG A 2 -0.39 -8.88 -5.07
N ARG A 3 0.66 -8.72 -5.86
CA ARG A 3 1.74 -7.80 -5.51
C ARG A 3 1.83 -6.66 -6.52
N VAL A 4 1.48 -5.46 -6.08
CA VAL A 4 1.52 -4.29 -6.95
C VAL A 4 2.93 -3.71 -7.03
N THR A 5 3.68 -4.16 -8.03
CA THR A 5 5.05 -3.67 -8.22
C THR A 5 5.06 -2.30 -8.87
N VAL A 6 5.20 -1.26 -8.06
CA VAL A 6 5.23 0.11 -8.55
C VAL A 6 6.65 0.59 -8.77
N ARG A 7 6.87 1.33 -9.85
CA ARG A 7 8.19 1.85 -10.18
C ARG A 7 8.25 3.36 -9.94
N LYS A 8 9.16 3.78 -9.07
CA LYS A 8 9.32 5.19 -8.75
C LYS A 8 10.10 5.91 -9.84
N ALA A 9 9.42 6.22 -10.94
CA ALA A 9 10.05 6.92 -12.06
C ALA A 9 9.05 7.77 -12.82
N ASP A 10 8.14 8.39 -12.08
CA ASP A 10 7.12 9.25 -12.68
C ASP A 10 7.09 10.62 -12.01
N ALA A 11 8.21 11.01 -11.40
CA ALA A 11 8.30 12.30 -10.74
C ALA A 11 7.18 12.48 -9.71
N GLY A 12 6.72 11.37 -9.16
CA GLY A 12 5.65 11.43 -8.17
C GLY A 12 5.81 10.38 -7.08
N GLY A 13 5.42 9.14 -7.40
CA GLY A 13 5.52 8.07 -6.43
C GLY A 13 4.21 7.32 -6.25
N LEU A 14 3.69 7.31 -5.02
CA LEU A 14 2.44 6.63 -4.73
C LEU A 14 1.31 7.62 -4.51
N GLY A 15 0.10 7.23 -4.90
CA GLY A 15 -1.04 8.10 -4.75
C GLY A 15 -2.27 7.36 -4.27
N ILE A 16 -2.38 7.18 -2.95
CA ILE A 16 -3.52 6.48 -2.36
C ILE A 16 -3.58 6.72 -0.85
N SER A 17 -4.77 6.59 -0.28
CA SER A 17 -4.96 6.79 1.15
C SER A 17 -5.19 5.45 1.83
N ILE A 18 -4.32 5.13 2.79
CA ILE A 18 -4.40 3.88 3.53
C ILE A 18 -4.78 4.12 4.99
N LYS A 19 -5.08 3.05 5.71
CA LYS A 19 -5.43 3.15 7.13
C LYS A 19 -5.32 1.79 7.80
N GLY A 20 -4.75 1.77 9.00
CA GLY A 20 -4.59 0.53 9.73
C GLY A 20 -4.15 0.75 11.16
N GLY A 21 -4.16 -0.32 11.94
CA GLY A 21 -3.75 -0.23 13.34
C GLY A 21 -3.52 -1.59 13.97
N ARG A 22 -2.32 -2.14 13.75
CA ARG A 22 -1.98 -3.44 14.31
C ARG A 22 -2.19 -3.48 15.82
N GLU A 23 -2.10 -2.30 16.44
CA GLU A 23 -2.29 -2.20 17.89
C GLU A 23 -3.68 -2.69 18.28
N ASN A 24 -4.69 -2.22 17.57
CA ASN A 24 -6.07 -2.62 17.83
C ASN A 24 -6.45 -3.85 17.03
N LYS A 25 -5.45 -4.52 16.44
CA LYS A 25 -5.69 -5.72 15.64
C LYS A 25 -6.32 -5.35 14.30
N MET A 26 -6.00 -4.17 13.80
CA MET A 26 -6.54 -3.70 12.54
C MET A 26 -5.45 -3.66 11.46
N PRO A 27 -5.53 -4.55 10.45
CA PRO A 27 -4.55 -4.60 9.37
C PRO A 27 -4.64 -3.39 8.45
N ILE A 28 -3.51 -2.99 7.87
CA ILE A 28 -3.48 -1.85 6.97
C ILE A 28 -4.39 -2.05 5.77
N LEU A 29 -5.12 -1.01 5.40
CA LEU A 29 -6.04 -1.09 4.28
C LEU A 29 -6.15 0.23 3.52
N ILE A 30 -6.42 0.13 2.21
CA ILE A 30 -6.59 1.31 1.39
C ILE A 30 -8.01 1.85 1.57
N SER A 31 -8.14 3.18 1.65
CA SER A 31 -9.45 3.78 1.86
C SER A 31 -9.72 4.99 0.94
N LYS A 32 -8.75 5.36 0.11
CA LYS A 32 -8.95 6.49 -0.79
C LYS A 32 -7.95 6.49 -1.94
N ILE A 33 -8.29 5.79 -3.00
CA ILE A 33 -7.44 5.71 -4.18
C ILE A 33 -7.45 7.05 -4.94
N PHE A 34 -6.28 7.54 -5.30
CA PHE A 34 -6.17 8.80 -6.03
C PHE A 34 -6.08 8.55 -7.52
N LYS A 35 -6.35 9.60 -8.30
CA LYS A 35 -6.30 9.50 -9.76
C LYS A 35 -5.20 10.39 -10.33
N GLY A 36 -4.72 10.04 -11.52
CA GLY A 36 -3.68 10.82 -12.15
C GLY A 36 -2.33 10.61 -11.51
N LEU A 37 -2.13 9.44 -10.91
CA LEU A 37 -0.87 9.13 -10.25
C LEU A 37 -0.46 7.67 -10.52
N ALA A 38 0.74 7.31 -10.08
CA ALA A 38 1.24 5.95 -10.27
C ALA A 38 0.27 4.92 -9.70
N ALA A 39 -0.43 5.30 -8.64
CA ALA A 39 -1.39 4.41 -8.00
C ALA A 39 -2.45 3.96 -9.00
N ASP A 40 -3.18 4.92 -9.56
CA ASP A 40 -4.22 4.62 -10.52
C ASP A 40 -3.63 4.23 -11.88
N GLN A 41 -2.33 4.42 -12.03
CA GLN A 41 -1.64 4.08 -13.27
C GLN A 41 -1.43 2.58 -13.38
N THR A 42 -1.15 1.93 -12.26
CA THR A 42 -0.92 0.49 -12.24
C THR A 42 -2.24 -0.27 -12.26
N GLU A 43 -3.33 0.43 -11.94
CA GLU A 43 -4.66 -0.17 -11.93
C GLU A 43 -4.65 -1.54 -11.25
N ALA A 44 -3.90 -1.65 -10.16
CA ALA A 44 -3.80 -2.91 -9.42
C ALA A 44 -3.88 -2.67 -7.92
N LEU A 45 -4.65 -1.67 -7.51
CA LEU A 45 -4.80 -1.34 -6.10
C LEU A 45 -5.98 -0.41 -5.87
N PHE A 46 -7.08 -0.96 -5.38
CA PHE A 46 -8.28 -0.18 -5.13
C PHE A 46 -8.66 -0.20 -3.65
N VAL A 47 -9.56 0.72 -3.26
CA VAL A 47 -9.99 0.81 -1.88
C VAL A 47 -10.53 -0.54 -1.38
N GLY A 48 -10.19 -0.86 -0.14
CA GLY A 48 -10.63 -2.12 0.44
C GLY A 48 -9.55 -3.19 0.44
N ASP A 49 -8.41 -2.88 -0.19
CA ASP A 49 -7.31 -3.83 -0.25
C ASP A 49 -6.57 -3.90 1.08
N ALA A 50 -6.26 -5.10 1.52
CA ALA A 50 -5.55 -5.30 2.79
C ALA A 50 -4.06 -5.52 2.57
N ILE A 51 -3.27 -4.48 2.83
CA ILE A 51 -1.82 -4.55 2.67
C ILE A 51 -1.22 -5.46 3.72
N LEU A 52 -1.08 -6.74 3.40
CA LEU A 52 -0.53 -7.72 4.32
C LEU A 52 0.98 -7.86 4.16
N SER A 53 1.52 -7.28 3.09
CA SER A 53 2.95 -7.35 2.83
C SER A 53 3.40 -6.22 1.90
N VAL A 54 4.59 -5.70 2.15
CA VAL A 54 5.14 -4.62 1.34
C VAL A 54 6.65 -4.75 1.22
N ASN A 55 7.16 -4.63 0.00
CA ASN A 55 8.59 -4.74 -0.25
C ASN A 55 9.15 -6.06 0.29
N GLY A 56 8.28 -7.06 0.40
CA GLY A 56 8.69 -8.36 0.90
C GLY A 56 8.80 -8.39 2.41
N GLU A 57 7.93 -7.65 3.08
CA GLU A 57 7.92 -7.60 4.54
C GLU A 57 6.50 -7.61 5.08
N ASP A 58 6.32 -8.25 6.24
CA ASP A 58 5.00 -8.33 6.87
C ASP A 58 4.68 -7.07 7.64
N LEU A 59 3.69 -6.33 7.17
CA LEU A 59 3.28 -5.09 7.82
C LEU A 59 2.36 -5.38 9.01
N SER A 60 2.08 -6.66 9.25
CA SER A 60 1.21 -7.05 10.36
C SER A 60 1.72 -6.49 11.69
N SER A 61 3.02 -6.18 11.73
CA SER A 61 3.64 -5.63 12.93
C SER A 61 4.27 -4.28 12.60
N ALA A 62 3.49 -3.41 11.98
CA ALA A 62 3.96 -2.09 11.60
C ALA A 62 2.82 -1.09 11.61
N THR A 63 2.65 -0.41 12.74
CA THR A 63 1.58 0.59 12.91
C THR A 63 1.39 1.41 11.64
N HIS A 64 0.24 2.05 11.51
CA HIS A 64 -0.06 2.85 10.32
C HIS A 64 1.08 3.78 9.96
N ASP A 65 1.83 4.19 10.96
CA ASP A 65 2.94 5.10 10.74
C ASP A 65 4.12 4.36 10.12
N GLU A 66 4.23 3.09 10.44
CA GLU A 66 5.29 2.26 9.89
C GLU A 66 4.90 1.78 8.50
N ALA A 67 3.59 1.75 8.26
CA ALA A 67 3.07 1.35 6.96
C ALA A 67 3.19 2.49 5.98
N VAL A 68 2.82 3.66 6.45
CA VAL A 68 2.90 4.86 5.62
C VAL A 68 4.35 5.25 5.41
N GLN A 69 5.19 4.92 6.39
CA GLN A 69 6.61 5.21 6.30
C GLN A 69 7.29 4.20 5.40
N ALA A 70 6.74 3.00 5.38
CA ALA A 70 7.26 1.93 4.55
C ALA A 70 6.95 2.20 3.08
N LEU A 71 5.81 2.86 2.84
CA LEU A 71 5.40 3.19 1.48
C LEU A 71 6.05 4.48 1.02
N LYS A 72 6.40 5.33 1.97
CA LYS A 72 7.03 6.60 1.67
C LYS A 72 8.55 6.47 1.62
N LYS A 73 9.06 5.36 2.14
CA LYS A 73 10.49 5.11 2.15
C LYS A 73 10.83 3.83 1.39
N THR A 74 10.64 3.86 0.08
CA THR A 74 10.92 2.71 -0.77
C THR A 74 11.94 3.04 -1.84
N GLY A 75 12.32 2.03 -2.62
CA GLY A 75 13.30 2.23 -3.68
C GLY A 75 13.14 1.25 -4.82
N LYS A 76 13.23 1.74 -6.04
CA LYS A 76 13.09 0.89 -7.21
C LYS A 76 11.69 0.23 -7.24
N GLU A 77 11.64 -1.06 -7.56
CA GLU A 77 10.36 -1.77 -7.61
C GLU A 77 9.77 -1.94 -6.22
N VAL A 78 8.56 -1.44 -6.03
CA VAL A 78 7.87 -1.54 -4.74
C VAL A 78 6.80 -2.63 -4.78
N VAL A 79 7.08 -3.75 -4.14
CA VAL A 79 6.14 -4.86 -4.11
C VAL A 79 5.07 -4.65 -3.05
N LEU A 80 3.98 -3.99 -3.43
CA LEU A 80 2.89 -3.72 -2.51
C LEU A 80 1.90 -4.88 -2.48
N GLU A 81 2.22 -5.91 -1.71
CA GLU A 81 1.36 -7.08 -1.61
C GLU A 81 0.10 -6.76 -0.81
N VAL A 82 -1.03 -6.74 -1.50
CA VAL A 82 -2.30 -6.44 -0.87
C VAL A 82 -3.34 -7.51 -1.19
N LYS A 83 -4.28 -7.71 -0.28
CA LYS A 83 -5.34 -8.70 -0.47
C LYS A 83 -6.71 -8.04 -0.50
N TYR A 84 -7.31 -8.01 -1.69
CA TYR A 84 -8.62 -7.41 -1.88
C TYR A 84 -9.71 -8.26 -1.20
N MET A 85 -10.25 -7.75 -0.10
CA MET A 85 -11.29 -8.46 0.64
C MET A 85 -12.51 -7.56 0.84
N LYS A 86 -12.71 -6.62 -0.08
CA LYS A 86 -13.85 -5.70 -0.01
C LYS A 86 -13.69 -4.75 1.17
N GLU A 87 -13.81 -5.28 2.38
CA GLU A 87 -13.69 -4.46 3.59
C GLU A 87 -12.22 -4.11 3.86
#